data_4NNS
# 
_entry.id   4NNS 
# 
_audit_conform.dict_name       mmcif_pdbx.dic 
_audit_conform.dict_version    5.388 
_audit_conform.dict_location   http://mmcif.pdb.org/dictionaries/ascii/mmcif_pdbx.dic 
# 
loop_
_database_2.database_id 
_database_2.database_code 
_database_2.pdbx_database_accession 
_database_2.pdbx_DOI 
PDB   4NNS         pdb_00004nns 10.2210/pdb4nns/pdb 
RCSB  RCSB083433   ?            ?                   
WWPDB D_1000083433 ?            ?                   
# 
loop_
_pdbx_audit_revision_history.ordinal 
_pdbx_audit_revision_history.data_content_type 
_pdbx_audit_revision_history.major_revision 
_pdbx_audit_revision_history.minor_revision 
_pdbx_audit_revision_history.revision_date 
1 'Structure model' 1 0 2014-11-19 
2 'Structure model' 1 1 2024-03-20 
# 
_pdbx_audit_revision_details.ordinal             1 
_pdbx_audit_revision_details.revision_ordinal    1 
_pdbx_audit_revision_details.data_content_type   'Structure model' 
_pdbx_audit_revision_details.provider            repository 
_pdbx_audit_revision_details.type                'Initial release' 
_pdbx_audit_revision_details.description         ? 
_pdbx_audit_revision_details.details             ? 
# 
loop_
_pdbx_audit_revision_group.ordinal 
_pdbx_audit_revision_group.revision_ordinal 
_pdbx_audit_revision_group.data_content_type 
_pdbx_audit_revision_group.group 
1 2 'Structure model' 'Data collection'      
2 2 'Structure model' 'Database references'  
3 2 'Structure model' 'Derived calculations' 
# 
loop_
_pdbx_audit_revision_category.ordinal 
_pdbx_audit_revision_category.revision_ordinal 
_pdbx_audit_revision_category.data_content_type 
_pdbx_audit_revision_category.category 
1 2 'Structure model' chem_comp_atom     
2 2 'Structure model' chem_comp_bond     
3 2 'Structure model' database_2         
4 2 'Structure model' struct_ref_seq_dif 
5 2 'Structure model' struct_site        
# 
loop_
_pdbx_audit_revision_item.ordinal 
_pdbx_audit_revision_item.revision_ordinal 
_pdbx_audit_revision_item.data_content_type 
_pdbx_audit_revision_item.item 
1 2 'Structure model' '_database_2.pdbx_DOI'                
2 2 'Structure model' '_database_2.pdbx_database_accession' 
3 2 'Structure model' '_struct_ref_seq_dif.details'         
4 2 'Structure model' '_struct_site.pdbx_auth_asym_id'      
5 2 'Structure model' '_struct_site.pdbx_auth_comp_id'      
6 2 'Structure model' '_struct_site.pdbx_auth_seq_id'       
# 
_pdbx_database_status.entry_id                        4NNS 
_pdbx_database_status.status_code                     REL 
_pdbx_database_status.methods_development_category    ? 
_pdbx_database_status.deposit_site                    RCSB 
_pdbx_database_status.process_site                    PDBJ 
_pdbx_database_status.recvd_initial_deposition_date   2013-11-19 
_pdbx_database_status.status_code_sf                  REL 
_pdbx_database_status.status_code_mr                  ? 
_pdbx_database_status.SG_entry                        ? 
_pdbx_database_status.status_code_cs                  ? 
_pdbx_database_status.pdb_format_compatible           Y 
_pdbx_database_status.status_code_nmr_data            ? 
# 
_pdbx_database_related.db_name        PDB 
_pdbx_database_related.db_id          4NNT 
_pdbx_database_related.details        . 
_pdbx_database_related.content_type   unspecified 
# 
loop_
_audit_author.name 
_audit_author.pdbx_ordinal 
'Liu, Q.F.'  1 
'Chen, T.T.' 2 
'Xu, Y.C.'   3 
# 
_citation.id                        primary 
_citation.title                     'The complex structure of FABP4 with novel inhibitors' 
_citation.journal_abbrev            'To be Published' 
_citation.journal_volume            ? 
_citation.page_first                ? 
_citation.page_last                 ? 
_citation.year                      ? 
_citation.journal_id_ASTM           ? 
_citation.country                   ? 
_citation.journal_id_ISSN           ? 
_citation.journal_id_CSD            0353 
_citation.book_publisher            ? 
_citation.pdbx_database_id_PubMed   ? 
_citation.pdbx_database_id_DOI      ? 
# 
loop_
_citation_author.citation_id 
_citation_author.name 
_citation_author.ordinal 
_citation_author.identifier_ORCID 
primary 'Liu, Q.F.'  1 ? 
primary 'Chen, T.T.' 2 ? 
primary 'Xu, Y.C.'   3 ? 
# 
loop_
_entity.id 
_entity.type 
_entity.src_method 
_entity.pdbx_description 
_entity.formula_weight 
_entity.pdbx_number_of_molecules 
_entity.pdbx_ec 
_entity.pdbx_mutation 
_entity.pdbx_fragment 
_entity.details 
1 polymer     man 'Fatty acid-binding protein, adipocyte'      16911.268 1   ? ? ? ? 
2 non-polymer syn '2,4,6-tri(propan-2-yl)benzenesulfonic acid' 284.414   1   ? ? ? ? 
3 water       nat water                                        18.015    119 ? ? ? ? 
# 
_entity_name_com.entity_id   1 
_entity_name_com.name        
;Hepatocyte growth factor receptor, Adipocyte lipid-binding protein, ALBP, Adipocyte-type fatty acid-binding protein, A-FABP, AFABP, Fatty acid-binding protein 4
;
# 
_entity_poly.entity_id                      1 
_entity_poly.type                           'polypeptide(L)' 
_entity_poly.nstd_linkage                   no 
_entity_poly.nstd_monomer                   no 
_entity_poly.pdbx_seq_one_letter_code       
;MGSSHHHHHHSSGLVPRGSHMCDAFVGTWKLVSSENFDDYMKEVGVGFATRKVAGMAKPNMIISVNGDVITIKSESTFKN
TEISFILGQEFDEVTADDRKVKSTITLDGGVLVHVQKWDGKSTTIKRKREDDKLVVECVMKGVTSTRVYERA
;
_entity_poly.pdbx_seq_one_letter_code_can   
;MGSSHHHHHHSSGLVPRGSHMCDAFVGTWKLVSSENFDDYMKEVGVGFATRKVAGMAKPNMIISVNGDVITIKSESTFKN
TEISFILGQEFDEVTADDRKVKSTITLDGGVLVHVQKWDGKSTTIKRKREDDKLVVECVMKGVTSTRVYERA
;
_entity_poly.pdbx_strand_id                 A 
_entity_poly.pdbx_target_identifier         ? 
# 
loop_
_pdbx_entity_nonpoly.entity_id 
_pdbx_entity_nonpoly.name 
_pdbx_entity_nonpoly.comp_id 
2 '2,4,6-tri(propan-2-yl)benzenesulfonic acid' 75D 
3 water                                        HOH 
# 
loop_
_entity_poly_seq.entity_id 
_entity_poly_seq.num 
_entity_poly_seq.mon_id 
_entity_poly_seq.hetero 
1 1   MET n 
1 2   GLY n 
1 3   SER n 
1 4   SER n 
1 5   HIS n 
1 6   HIS n 
1 7   HIS n 
1 8   HIS n 
1 9   HIS n 
1 10  HIS n 
1 11  SER n 
1 12  SER n 
1 13  GLY n 
1 14  LEU n 
1 15  VAL n 
1 16  PRO n 
1 17  ARG n 
1 18  GLY n 
1 19  SER n 
1 20  HIS n 
1 21  MET n 
1 22  CYS n 
1 23  ASP n 
1 24  ALA n 
1 25  PHE n 
1 26  VAL n 
1 27  GLY n 
1 28  THR n 
1 29  TRP n 
1 30  LYS n 
1 31  LEU n 
1 32  VAL n 
1 33  SER n 
1 34  SER n 
1 35  GLU n 
1 36  ASN n 
1 37  PHE n 
1 38  ASP n 
1 39  ASP n 
1 40  TYR n 
1 41  MET n 
1 42  LYS n 
1 43  GLU n 
1 44  VAL n 
1 45  GLY n 
1 46  VAL n 
1 47  GLY n 
1 48  PHE n 
1 49  ALA n 
1 50  THR n 
1 51  ARG n 
1 52  LYS n 
1 53  VAL n 
1 54  ALA n 
1 55  GLY n 
1 56  MET n 
1 57  ALA n 
1 58  LYS n 
1 59  PRO n 
1 60  ASN n 
1 61  MET n 
1 62  ILE n 
1 63  ILE n 
1 64  SER n 
1 65  VAL n 
1 66  ASN n 
1 67  GLY n 
1 68  ASP n 
1 69  VAL n 
1 70  ILE n 
1 71  THR n 
1 72  ILE n 
1 73  LYS n 
1 74  SER n 
1 75  GLU n 
1 76  SER n 
1 77  THR n 
1 78  PHE n 
1 79  LYS n 
1 80  ASN n 
1 81  THR n 
1 82  GLU n 
1 83  ILE n 
1 84  SER n 
1 85  PHE n 
1 86  ILE n 
1 87  LEU n 
1 88  GLY n 
1 89  GLN n 
1 90  GLU n 
1 91  PHE n 
1 92  ASP n 
1 93  GLU n 
1 94  VAL n 
1 95  THR n 
1 96  ALA n 
1 97  ASP n 
1 98  ASP n 
1 99  ARG n 
1 100 LYS n 
1 101 VAL n 
1 102 LYS n 
1 103 SER n 
1 104 THR n 
1 105 ILE n 
1 106 THR n 
1 107 LEU n 
1 108 ASP n 
1 109 GLY n 
1 110 GLY n 
1 111 VAL n 
1 112 LEU n 
1 113 VAL n 
1 114 HIS n 
1 115 VAL n 
1 116 GLN n 
1 117 LYS n 
1 118 TRP n 
1 119 ASP n 
1 120 GLY n 
1 121 LYS n 
1 122 SER n 
1 123 THR n 
1 124 THR n 
1 125 ILE n 
1 126 LYS n 
1 127 ARG n 
1 128 LYS n 
1 129 ARG n 
1 130 GLU n 
1 131 ASP n 
1 132 ASP n 
1 133 LYS n 
1 134 LEU n 
1 135 VAL n 
1 136 VAL n 
1 137 GLU n 
1 138 CYS n 
1 139 VAL n 
1 140 MET n 
1 141 LYS n 
1 142 GLY n 
1 143 VAL n 
1 144 THR n 
1 145 SER n 
1 146 THR n 
1 147 ARG n 
1 148 VAL n 
1 149 TYR n 
1 150 GLU n 
1 151 ARG n 
1 152 ALA n 
# 
_entity_src_gen.entity_id                          1 
_entity_src_gen.pdbx_src_id                        1 
_entity_src_gen.pdbx_alt_source_flag               sample 
_entity_src_gen.pdbx_seq_type                      ? 
_entity_src_gen.pdbx_beg_seq_num                   ? 
_entity_src_gen.pdbx_end_seq_num                   ? 
_entity_src_gen.gene_src_common_name               human 
_entity_src_gen.gene_src_genus                     ? 
_entity_src_gen.pdbx_gene_src_gene                 FABP4 
_entity_src_gen.gene_src_species                   ? 
_entity_src_gen.gene_src_strain                    ? 
_entity_src_gen.gene_src_tissue                    ? 
_entity_src_gen.gene_src_tissue_fraction           ? 
_entity_src_gen.gene_src_details                   ? 
_entity_src_gen.pdbx_gene_src_fragment             ? 
_entity_src_gen.pdbx_gene_src_scientific_name      'Homo sapiens' 
_entity_src_gen.pdbx_gene_src_ncbi_taxonomy_id     9606 
_entity_src_gen.pdbx_gene_src_variant              ? 
_entity_src_gen.pdbx_gene_src_cell_line            ? 
_entity_src_gen.pdbx_gene_src_atcc                 ? 
_entity_src_gen.pdbx_gene_src_organ                ? 
_entity_src_gen.pdbx_gene_src_organelle            ? 
_entity_src_gen.pdbx_gene_src_cell                 ? 
_entity_src_gen.pdbx_gene_src_cellular_location    ? 
_entity_src_gen.host_org_common_name               ? 
_entity_src_gen.pdbx_host_org_scientific_name      'Escherichia coli' 
_entity_src_gen.pdbx_host_org_ncbi_taxonomy_id     562 
_entity_src_gen.host_org_genus                     ? 
_entity_src_gen.pdbx_host_org_gene                 ? 
_entity_src_gen.pdbx_host_org_organ                ? 
_entity_src_gen.host_org_species                   ? 
_entity_src_gen.pdbx_host_org_tissue               ? 
_entity_src_gen.pdbx_host_org_tissue_fraction      ? 
_entity_src_gen.pdbx_host_org_strain               'BL21(DE3)' 
_entity_src_gen.pdbx_host_org_variant              ? 
_entity_src_gen.pdbx_host_org_cell_line            ? 
_entity_src_gen.pdbx_host_org_atcc                 ? 
_entity_src_gen.pdbx_host_org_culture_collection   ? 
_entity_src_gen.pdbx_host_org_cell                 ? 
_entity_src_gen.pdbx_host_org_organelle            ? 
_entity_src_gen.pdbx_host_org_cellular_location    ? 
_entity_src_gen.pdbx_host_org_vector_type          plasmid 
_entity_src_gen.pdbx_host_org_vector               ? 
_entity_src_gen.host_org_details                   ? 
_entity_src_gen.expression_system_id               ? 
_entity_src_gen.plasmid_name                       pET28a 
_entity_src_gen.plasmid_details                    ? 
_entity_src_gen.pdbx_description                   ? 
# 
loop_
_chem_comp.id 
_chem_comp.type 
_chem_comp.mon_nstd_flag 
_chem_comp.name 
_chem_comp.pdbx_synonyms 
_chem_comp.formula 
_chem_comp.formula_weight 
75D non-polymer         . '2,4,6-tri(propan-2-yl)benzenesulfonic acid' '2,4,6-triisopropylbenzenesulfonic acid' 'C15 H24 O3 S'   
284.414 
ALA 'L-peptide linking' y ALANINE                                      ?                                        'C3 H7 N O2'     
89.093  
ARG 'L-peptide linking' y ARGININE                                     ?                                        'C6 H15 N4 O2 1' 
175.209 
ASN 'L-peptide linking' y ASPARAGINE                                   ?                                        'C4 H8 N2 O3'    
132.118 
ASP 'L-peptide linking' y 'ASPARTIC ACID'                              ?                                        'C4 H7 N O4'     
133.103 
CYS 'L-peptide linking' y CYSTEINE                                     ?                                        'C3 H7 N O2 S'   
121.158 
GLN 'L-peptide linking' y GLUTAMINE                                    ?                                        'C5 H10 N2 O3'   
146.144 
GLU 'L-peptide linking' y 'GLUTAMIC ACID'                              ?                                        'C5 H9 N O4'     
147.129 
GLY 'peptide linking'   y GLYCINE                                      ?                                        'C2 H5 N O2'     
75.067  
HIS 'L-peptide linking' y HISTIDINE                                    ?                                        'C6 H10 N3 O2 1' 
156.162 
HOH non-polymer         . WATER                                        ?                                        'H2 O'           
18.015  
ILE 'L-peptide linking' y ISOLEUCINE                                   ?                                        'C6 H13 N O2'    
131.173 
LEU 'L-peptide linking' y LEUCINE                                      ?                                        'C6 H13 N O2'    
131.173 
LYS 'L-peptide linking' y LYSINE                                       ?                                        'C6 H15 N2 O2 1' 
147.195 
MET 'L-peptide linking' y METHIONINE                                   ?                                        'C5 H11 N O2 S'  
149.211 
PHE 'L-peptide linking' y PHENYLALANINE                                ?                                        'C9 H11 N O2'    
165.189 
PRO 'L-peptide linking' y PROLINE                                      ?                                        'C5 H9 N O2'     
115.130 
SER 'L-peptide linking' y SERINE                                       ?                                        'C3 H7 N O3'     
105.093 
THR 'L-peptide linking' y THREONINE                                    ?                                        'C4 H9 N O3'     
119.119 
TRP 'L-peptide linking' y TRYPTOPHAN                                   ?                                        'C11 H12 N2 O2'  
204.225 
TYR 'L-peptide linking' y TYROSINE                                     ?                                        'C9 H11 N O3'    
181.189 
VAL 'L-peptide linking' y VALINE                                       ?                                        'C5 H11 N O2'    
117.146 
# 
loop_
_pdbx_poly_seq_scheme.asym_id 
_pdbx_poly_seq_scheme.entity_id 
_pdbx_poly_seq_scheme.seq_id 
_pdbx_poly_seq_scheme.mon_id 
_pdbx_poly_seq_scheme.ndb_seq_num 
_pdbx_poly_seq_scheme.pdb_seq_num 
_pdbx_poly_seq_scheme.auth_seq_num 
_pdbx_poly_seq_scheme.pdb_mon_id 
_pdbx_poly_seq_scheme.auth_mon_id 
_pdbx_poly_seq_scheme.pdb_strand_id 
_pdbx_poly_seq_scheme.pdb_ins_code 
_pdbx_poly_seq_scheme.hetero 
A 1 1   MET 1   -20 ?   ?   ?   A . n 
A 1 2   GLY 2   -19 ?   ?   ?   A . n 
A 1 3   SER 3   -18 ?   ?   ?   A . n 
A 1 4   SER 4   -17 ?   ?   ?   A . n 
A 1 5   HIS 5   -16 ?   ?   ?   A . n 
A 1 6   HIS 6   -15 ?   ?   ?   A . n 
A 1 7   HIS 7   -14 ?   ?   ?   A . n 
A 1 8   HIS 8   -13 ?   ?   ?   A . n 
A 1 9   HIS 9   -12 ?   ?   ?   A . n 
A 1 10  HIS 10  -11 ?   ?   ?   A . n 
A 1 11  SER 11  -10 ?   ?   ?   A . n 
A 1 12  SER 12  -9  ?   ?   ?   A . n 
A 1 13  GLY 13  -8  ?   ?   ?   A . n 
A 1 14  LEU 14  -7  ?   ?   ?   A . n 
A 1 15  VAL 15  -6  ?   ?   ?   A . n 
A 1 16  PRO 16  -5  ?   ?   ?   A . n 
A 1 17  ARG 17  -4  ?   ?   ?   A . n 
A 1 18  GLY 18  -3  ?   ?   ?   A . n 
A 1 19  SER 19  -2  -2  SER SER A . n 
A 1 20  HIS 20  -1  -1  HIS HIS A . n 
A 1 21  MET 21  0   0   MET MET A . n 
A 1 22  CYS 22  1   1   CYS CYS A . n 
A 1 23  ASP 23  2   2   ASP ASP A . n 
A 1 24  ALA 24  3   3   ALA ALA A . n 
A 1 25  PHE 25  4   4   PHE PHE A . n 
A 1 26  VAL 26  5   5   VAL VAL A . n 
A 1 27  GLY 27  6   6   GLY GLY A . n 
A 1 28  THR 28  7   7   THR THR A . n 
A 1 29  TRP 29  8   8   TRP TRP A . n 
A 1 30  LYS 30  9   9   LYS LYS A . n 
A 1 31  LEU 31  10  10  LEU LEU A . n 
A 1 32  VAL 32  11  11  VAL VAL A . n 
A 1 33  SER 33  12  12  SER SER A . n 
A 1 34  SER 34  13  13  SER SER A . n 
A 1 35  GLU 35  14  14  GLU GLU A . n 
A 1 36  ASN 36  15  15  ASN ASN A . n 
A 1 37  PHE 37  16  16  PHE PHE A . n 
A 1 38  ASP 38  17  17  ASP ASP A . n 
A 1 39  ASP 39  18  18  ASP ASP A . n 
A 1 40  TYR 40  19  19  TYR TYR A . n 
A 1 41  MET 41  20  20  MET MET A . n 
A 1 42  LYS 42  21  21  LYS LYS A . n 
A 1 43  GLU 43  22  22  GLU GLU A . n 
A 1 44  VAL 44  23  23  VAL VAL A . n 
A 1 45  GLY 45  24  24  GLY GLY A . n 
A 1 46  VAL 46  25  25  VAL VAL A . n 
A 1 47  GLY 47  26  26  GLY GLY A . n 
A 1 48  PHE 48  27  27  PHE PHE A . n 
A 1 49  ALA 49  28  28  ALA ALA A . n 
A 1 50  THR 50  29  29  THR THR A . n 
A 1 51  ARG 51  30  30  ARG ARG A . n 
A 1 52  LYS 52  31  31  LYS LYS A . n 
A 1 53  VAL 53  32  32  VAL VAL A . n 
A 1 54  ALA 54  33  33  ALA ALA A . n 
A 1 55  GLY 55  34  34  GLY GLY A . n 
A 1 56  MET 56  35  35  MET MET A . n 
A 1 57  ALA 57  36  36  ALA ALA A . n 
A 1 58  LYS 58  37  37  LYS LYS A . n 
A 1 59  PRO 59  38  38  PRO PRO A . n 
A 1 60  ASN 60  39  39  ASN ASN A . n 
A 1 61  MET 61  40  40  MET MET A . n 
A 1 62  ILE 62  41  41  ILE ILE A . n 
A 1 63  ILE 63  42  42  ILE ILE A . n 
A 1 64  SER 64  43  43  SER SER A . n 
A 1 65  VAL 65  44  44  VAL VAL A . n 
A 1 66  ASN 66  45  45  ASN ASN A . n 
A 1 67  GLY 67  46  46  GLY GLY A . n 
A 1 68  ASP 68  47  47  ASP ASP A . n 
A 1 69  VAL 69  48  48  VAL VAL A . n 
A 1 70  ILE 70  49  49  ILE ILE A . n 
A 1 71  THR 71  50  50  THR THR A . n 
A 1 72  ILE 72  51  51  ILE ILE A . n 
A 1 73  LYS 73  52  52  LYS LYS A . n 
A 1 74  SER 74  53  53  SER SER A . n 
A 1 75  GLU 75  54  54  GLU GLU A . n 
A 1 76  SER 76  55  55  SER SER A . n 
A 1 77  THR 77  56  56  THR THR A . n 
A 1 78  PHE 78  57  57  PHE PHE A . n 
A 1 79  LYS 79  58  58  LYS LYS A . n 
A 1 80  ASN 80  59  59  ASN ASN A . n 
A 1 81  THR 81  60  60  THR THR A . n 
A 1 82  GLU 82  61  61  GLU GLU A . n 
A 1 83  ILE 83  62  62  ILE ILE A . n 
A 1 84  SER 84  63  63  SER SER A . n 
A 1 85  PHE 85  64  64  PHE PHE A . n 
A 1 86  ILE 86  65  65  ILE ILE A . n 
A 1 87  LEU 87  66  66  LEU LEU A . n 
A 1 88  GLY 88  67  67  GLY GLY A . n 
A 1 89  GLN 89  68  68  GLN GLN A . n 
A 1 90  GLU 90  69  69  GLU GLU A . n 
A 1 91  PHE 91  70  70  PHE PHE A . n 
A 1 92  ASP 92  71  71  ASP ASP A . n 
A 1 93  GLU 93  72  72  GLU GLU A . n 
A 1 94  VAL 94  73  73  VAL VAL A . n 
A 1 95  THR 95  74  74  THR THR A . n 
A 1 96  ALA 96  75  75  ALA ALA A . n 
A 1 97  ASP 97  76  76  ASP ASP A . n 
A 1 98  ASP 98  77  77  ASP ASP A . n 
A 1 99  ARG 99  78  78  ARG ARG A . n 
A 1 100 LYS 100 79  79  LYS LYS A . n 
A 1 101 VAL 101 80  80  VAL VAL A . n 
A 1 102 LYS 102 81  81  LYS LYS A . n 
A 1 103 SER 103 82  82  SER SER A . n 
A 1 104 THR 104 83  83  THR THR A . n 
A 1 105 ILE 105 84  84  ILE ILE A . n 
A 1 106 THR 106 85  85  THR THR A . n 
A 1 107 LEU 107 86  86  LEU LEU A . n 
A 1 108 ASP 108 87  87  ASP ASP A . n 
A 1 109 GLY 109 88  88  GLY GLY A . n 
A 1 110 GLY 110 89  89  GLY GLY A . n 
A 1 111 VAL 111 90  90  VAL VAL A . n 
A 1 112 LEU 112 91  91  LEU LEU A . n 
A 1 113 VAL 113 92  92  VAL VAL A . n 
A 1 114 HIS 114 93  93  HIS HIS A . n 
A 1 115 VAL 115 94  94  VAL VAL A . n 
A 1 116 GLN 116 95  95  GLN GLN A . n 
A 1 117 LYS 117 96  96  LYS LYS A . n 
A 1 118 TRP 118 97  97  TRP TRP A . n 
A 1 119 ASP 119 98  98  ASP ASP A . n 
A 1 120 GLY 120 99  99  GLY GLY A . n 
A 1 121 LYS 121 100 100 LYS LYS A . n 
A 1 122 SER 122 101 101 SER SER A . n 
A 1 123 THR 123 102 102 THR THR A . n 
A 1 124 THR 124 103 103 THR THR A . n 
A 1 125 ILE 125 104 104 ILE ILE A . n 
A 1 126 LYS 126 105 105 LYS LYS A . n 
A 1 127 ARG 127 106 106 ARG ARG A . n 
A 1 128 LYS 128 107 107 LYS LYS A . n 
A 1 129 ARG 129 108 108 ARG ARG A . n 
A 1 130 GLU 130 109 109 GLU GLU A . n 
A 1 131 ASP 131 110 110 ASP ASP A . n 
A 1 132 ASP 132 111 111 ASP ASP A . n 
A 1 133 LYS 133 112 112 LYS LYS A . n 
A 1 134 LEU 134 113 113 LEU LEU A . n 
A 1 135 VAL 135 114 114 VAL VAL A . n 
A 1 136 VAL 136 115 115 VAL VAL A . n 
A 1 137 GLU 137 116 116 GLU GLU A . n 
A 1 138 CYS 138 117 117 CYS CYS A . n 
A 1 139 VAL 139 118 118 VAL VAL A . n 
A 1 140 MET 140 119 119 MET MET A . n 
A 1 141 LYS 141 120 120 LYS LYS A . n 
A 1 142 GLY 142 121 121 GLY GLY A . n 
A 1 143 VAL 143 122 122 VAL VAL A . n 
A 1 144 THR 144 123 123 THR THR A . n 
A 1 145 SER 145 124 124 SER SER A . n 
A 1 146 THR 146 125 125 THR THR A . n 
A 1 147 ARG 147 126 126 ARG ARG A . n 
A 1 148 VAL 148 127 127 VAL VAL A . n 
A 1 149 TYR 149 128 128 TYR TYR A . n 
A 1 150 GLU 150 129 129 GLU GLU A . n 
A 1 151 ARG 151 130 130 ARG ARG A . n 
A 1 152 ALA 152 131 131 ALA ALA A . n 
# 
loop_
_pdbx_nonpoly_scheme.asym_id 
_pdbx_nonpoly_scheme.entity_id 
_pdbx_nonpoly_scheme.mon_id 
_pdbx_nonpoly_scheme.ndb_seq_num 
_pdbx_nonpoly_scheme.pdb_seq_num 
_pdbx_nonpoly_scheme.auth_seq_num 
_pdbx_nonpoly_scheme.pdb_mon_id 
_pdbx_nonpoly_scheme.auth_mon_id 
_pdbx_nonpoly_scheme.pdb_strand_id 
_pdbx_nonpoly_scheme.pdb_ins_code 
B 2 75D 1   201 1   75D DRG A . 
C 3 HOH 1   301 1   HOH HOH A . 
C 3 HOH 2   302 2   HOH HOH A . 
C 3 HOH 3   303 3   HOH HOH A . 
C 3 HOH 4   304 4   HOH HOH A . 
C 3 HOH 5   305 5   HOH HOH A . 
C 3 HOH 6   306 6   HOH HOH A . 
C 3 HOH 7   307 7   HOH HOH A . 
C 3 HOH 8   308 8   HOH HOH A . 
C 3 HOH 9   309 9   HOH HOH A . 
C 3 HOH 10  310 10  HOH HOH A . 
C 3 HOH 11  311 11  HOH HOH A . 
C 3 HOH 12  312 12  HOH HOH A . 
C 3 HOH 13  313 13  HOH HOH A . 
C 3 HOH 14  314 14  HOH HOH A . 
C 3 HOH 15  315 15  HOH HOH A . 
C 3 HOH 16  316 16  HOH HOH A . 
C 3 HOH 17  317 17  HOH HOH A . 
C 3 HOH 18  318 18  HOH HOH A . 
C 3 HOH 19  319 19  HOH HOH A . 
C 3 HOH 20  320 20  HOH HOH A . 
C 3 HOH 21  321 21  HOH HOH A . 
C 3 HOH 22  322 22  HOH HOH A . 
C 3 HOH 23  323 23  HOH HOH A . 
C 3 HOH 24  324 24  HOH HOH A . 
C 3 HOH 25  325 25  HOH HOH A . 
C 3 HOH 26  326 26  HOH HOH A . 
C 3 HOH 27  327 27  HOH HOH A . 
C 3 HOH 28  328 28  HOH HOH A . 
C 3 HOH 29  329 29  HOH HOH A . 
C 3 HOH 30  330 30  HOH HOH A . 
C 3 HOH 31  331 31  HOH HOH A . 
C 3 HOH 32  332 32  HOH HOH A . 
C 3 HOH 33  333 33  HOH HOH A . 
C 3 HOH 34  334 34  HOH HOH A . 
C 3 HOH 35  335 35  HOH HOH A . 
C 3 HOH 36  336 36  HOH HOH A . 
C 3 HOH 37  337 37  HOH HOH A . 
C 3 HOH 38  338 38  HOH HOH A . 
C 3 HOH 39  339 39  HOH HOH A . 
C 3 HOH 40  340 40  HOH HOH A . 
C 3 HOH 41  341 41  HOH HOH A . 
C 3 HOH 42  342 42  HOH HOH A . 
C 3 HOH 43  343 43  HOH HOH A . 
C 3 HOH 44  344 44  HOH HOH A . 
C 3 HOH 45  345 45  HOH HOH A . 
C 3 HOH 46  346 46  HOH HOH A . 
C 3 HOH 47  347 47  HOH HOH A . 
C 3 HOH 48  348 48  HOH HOH A . 
C 3 HOH 49  349 49  HOH HOH A . 
C 3 HOH 50  350 50  HOH HOH A . 
C 3 HOH 51  351 51  HOH HOH A . 
C 3 HOH 52  352 52  HOH HOH A . 
C 3 HOH 53  353 53  HOH HOH A . 
C 3 HOH 54  354 54  HOH HOH A . 
C 3 HOH 55  355 55  HOH HOH A . 
C 3 HOH 56  356 56  HOH HOH A . 
C 3 HOH 57  357 57  HOH HOH A . 
C 3 HOH 58  358 58  HOH HOH A . 
C 3 HOH 59  359 59  HOH HOH A . 
C 3 HOH 60  360 60  HOH HOH A . 
C 3 HOH 61  361 61  HOH HOH A . 
C 3 HOH 62  362 62  HOH HOH A . 
C 3 HOH 63  363 63  HOH HOH A . 
C 3 HOH 64  364 64  HOH HOH A . 
C 3 HOH 65  365 65  HOH HOH A . 
C 3 HOH 66  366 66  HOH HOH A . 
C 3 HOH 67  367 67  HOH HOH A . 
C 3 HOH 68  368 68  HOH HOH A . 
C 3 HOH 69  369 69  HOH HOH A . 
C 3 HOH 70  370 70  HOH HOH A . 
C 3 HOH 71  371 71  HOH HOH A . 
C 3 HOH 72  372 72  HOH HOH A . 
C 3 HOH 73  373 73  HOH HOH A . 
C 3 HOH 74  374 74  HOH HOH A . 
C 3 HOH 75  375 75  HOH HOH A . 
C 3 HOH 76  376 76  HOH HOH A . 
C 3 HOH 77  377 77  HOH HOH A . 
C 3 HOH 78  378 78  HOH HOH A . 
C 3 HOH 79  379 79  HOH HOH A . 
C 3 HOH 80  380 80  HOH HOH A . 
C 3 HOH 81  381 81  HOH HOH A . 
C 3 HOH 82  382 82  HOH HOH A . 
C 3 HOH 83  383 83  HOH HOH A . 
C 3 HOH 84  384 84  HOH HOH A . 
C 3 HOH 85  385 85  HOH HOH A . 
C 3 HOH 86  386 86  HOH HOH A . 
C 3 HOH 87  387 87  HOH HOH A . 
C 3 HOH 88  388 88  HOH HOH A . 
C 3 HOH 89  389 89  HOH HOH A . 
C 3 HOH 90  390 90  HOH HOH A . 
C 3 HOH 91  391 91  HOH HOH A . 
C 3 HOH 92  392 92  HOH HOH A . 
C 3 HOH 93  393 93  HOH HOH A . 
C 3 HOH 94  394 94  HOH HOH A . 
C 3 HOH 95  395 95  HOH HOH A . 
C 3 HOH 96  396 97  HOH HOH A . 
C 3 HOH 97  397 98  HOH HOH A . 
C 3 HOH 98  398 99  HOH HOH A . 
C 3 HOH 99  399 100 HOH HOH A . 
C 3 HOH 100 400 101 HOH HOH A . 
C 3 HOH 101 401 102 HOH HOH A . 
C 3 HOH 102 402 103 HOH HOH A . 
C 3 HOH 103 403 104 HOH HOH A . 
C 3 HOH 104 404 105 HOH HOH A . 
C 3 HOH 105 405 106 HOH HOH A . 
C 3 HOH 106 406 107 HOH HOH A . 
C 3 HOH 107 407 108 HOH HOH A . 
C 3 HOH 108 408 109 HOH HOH A . 
C 3 HOH 109 409 110 HOH HOH A . 
C 3 HOH 110 410 111 HOH HOH A . 
C 3 HOH 111 411 112 HOH HOH A . 
C 3 HOH 112 412 113 HOH HOH A . 
C 3 HOH 113 413 114 HOH HOH A . 
C 3 HOH 114 414 115 HOH HOH A . 
C 3 HOH 115 415 116 HOH HOH A . 
C 3 HOH 116 416 117 HOH HOH A . 
C 3 HOH 117 417 118 HOH HOH A . 
C 3 HOH 118 418 119 HOH HOH A . 
C 3 HOH 119 419 120 HOH HOH A . 
# 
loop_
_software.pdbx_ordinal 
_software.name 
_software.version 
_software.date 
_software.type 
_software.contact_author 
_software.contact_author_email 
_software.classification 
_software.location 
_software.language 
_software.citation_id 
1 XSCALE      .          ?                          package 'Wolfgang Kabsch' ?                           'data scaling'    
http://www.mpimf-heidelberg.mpg.de/~kabsch/xds/html_doc/xscale_program.html ?   ? 
2 PHASER      2.1.4      'Wed Jun 24 14:00:05 2009' program 'Randy J. Read'   cimr-phaser@lists.cam.ac.uk phasing           
http://www-structmed.cimr.cam.ac.uk/phaser/                                 ?   ? 
3 PHENIX      1.8.2_1309 ?                          package 'Paul D. Adams'   PDAdams@lbl.gov             refinement        
http://www.phenix-online.org/                                               C++ ? 
4 PDB_EXTRACT 3.11       'April 22, 2011'           package PDB               deposit@deposit.rcsb.org    'data extraction' 
http://sw-tools.pdb.org/apps/PDB_EXTRACT/                                   C++ ? 
5 Blu-Ice     .          ?                          ?       ?                 ?                           'data collection' ? ?   
? 
6 XDS         .          ?                          ?       ?                 ?                           'data reduction'  ? ?   
? 
# 
_cell.length_a           32.490 
_cell.length_b           53.860 
_cell.length_c           75.320 
_cell.angle_alpha        90.000 
_cell.angle_beta         90.000 
_cell.angle_gamma        90.000 
_cell.entry_id           4NNS 
_cell.pdbx_unique_axis   ? 
_cell.Z_PDB              4 
_cell.length_a_esd       ? 
_cell.length_b_esd       ? 
_cell.length_c_esd       ? 
_cell.angle_alpha_esd    ? 
_cell.angle_beta_esd     ? 
_cell.angle_gamma_esd    ? 
# 
_symmetry.space_group_name_H-M             'P 21 21 21' 
_symmetry.entry_id                         4NNS 
_symmetry.Int_Tables_number                19 
_symmetry.pdbx_full_space_group_name_H-M   ? 
_symmetry.cell_setting                     ? 
_symmetry.space_group_name_Hall            ? 
# 
_exptl.crystals_number   1 
_exptl.entry_id          4NNS 
_exptl.method            'X-RAY DIFFRACTION' 
# 
_exptl_crystal.id                    1 
_exptl_crystal.pdbx_mosaicity        ? 
_exptl_crystal.pdbx_mosaicity_esd    ? 
_exptl_crystal.density_Matthews      1.95 
_exptl_crystal.density_diffrn        ? 
_exptl_crystal.density_meas          ? 
_exptl_crystal.density_meas_temp     ? 
_exptl_crystal.density_percent_sol   36.87 
_exptl_crystal.size_max              ? 
_exptl_crystal.size_mid              ? 
_exptl_crystal.size_min              ? 
_exptl_crystal.size_rad              ? 
_exptl_crystal.description           ? 
_exptl_crystal.F_000                 ? 
_exptl_crystal.preparation           ? 
# 
_exptl_crystal_grow.crystal_id      1 
_exptl_crystal_grow.method          'VAPOR DIFFUSION, HANGING DROP' 
_exptl_crystal_grow.pH              6.5 
_exptl_crystal_grow.temp            293 
_exptl_crystal_grow.pdbx_details    '1.6M Na-citrate, pH 6.5, VAPOR DIFFUSION, HANGING DROP, temperature 293K' 
_exptl_crystal_grow.temp_details    ? 
_exptl_crystal_grow.pdbx_pH_range   . 
# 
_diffrn.id                     1 
_diffrn.ambient_temp           100 
_diffrn.ambient_temp_details   ? 
_diffrn.crystal_id             1 
# 
_diffrn_detector.diffrn_id              1 
_diffrn_detector.detector               CCD 
_diffrn_detector.type                   'ADSC QUANTUM 315r' 
_diffrn_detector.pdbx_collection_date   2012-06-30 
_diffrn_detector.details                ? 
# 
_diffrn_radiation.diffrn_id                        1 
_diffrn_radiation.pdbx_diffrn_protocol             'SINGLE WAVELENGTH' 
_diffrn_radiation.monochromator                    ? 
_diffrn_radiation.wavelength_id                    1 
_diffrn_radiation.pdbx_monochromatic_or_laue_m_l   M 
_diffrn_radiation.pdbx_scattering_type             x-ray 
# 
_diffrn_radiation_wavelength.id           1 
_diffrn_radiation_wavelength.wavelength   0.9791 
_diffrn_radiation_wavelength.wt           1.0 
# 
_diffrn_source.diffrn_id                   1 
_diffrn_source.source                      SYNCHROTRON 
_diffrn_source.type                        'SSRF BEAMLINE BL17U' 
_diffrn_source.pdbx_wavelength_list        0.9791 
_diffrn_source.pdbx_wavelength             ? 
_diffrn_source.pdbx_synchrotron_site       SSRF 
_diffrn_source.pdbx_synchrotron_beamline   BL17U 
# 
_reflns.entry_id                     4NNS 
_reflns.d_resolution_high            1.440 
_reflns.number_obs                   23356 
_reflns.pdbx_Rmerge_I_obs            0.041 
_reflns.pdbx_netI_over_sigmaI        24.790 
_reflns.percent_possible_obs         95.200 
_reflns.B_iso_Wilson_estimate        12.380 
_reflns.observed_criterion_sigma_I   -3.000 
_reflns.observed_criterion_sigma_F   ? 
_reflns.d_resolution_low             43.811 
_reflns.number_all                   ? 
_reflns.pdbx_Rsym_value              ? 
_reflns.pdbx_redundancy              ? 
_reflns.R_free_details               ? 
_reflns.limit_h_max                  ? 
_reflns.limit_h_min                  ? 
_reflns.limit_k_max                  ? 
_reflns.limit_k_min                  ? 
_reflns.limit_l_max                  ? 
_reflns.limit_l_min                  ? 
_reflns.observed_criterion_F_max     ? 
_reflns.observed_criterion_F_min     ? 
_reflns.pdbx_chi_squared             ? 
_reflns.pdbx_scaling_rejects         ? 
_reflns.pdbx_ordinal                 1 
_reflns.pdbx_diffrn_id               1 
# 
loop_
_reflns_shell.d_res_high 
_reflns_shell.d_res_low 
_reflns_shell.number_measured_obs 
_reflns_shell.number_measured_all 
_reflns_shell.number_unique_obs 
_reflns_shell.pdbx_rejects 
_reflns_shell.Rmerge_I_obs 
_reflns_shell.meanI_over_sigI_obs 
_reflns_shell.pdbx_Rsym_value 
_reflns_shell.pdbx_chi_squared 
_reflns_shell.pdbx_redundancy 
_reflns_shell.percent_possible_obs 
_reflns_shell.pdbx_netI_over_sigmaI_obs 
_reflns_shell.number_possible 
_reflns_shell.number_unique_all 
_reflns_shell.Rmerge_F_all 
_reflns_shell.Rmerge_F_obs 
_reflns_shell.Rmerge_I_all 
_reflns_shell.meanI_over_sigI_all 
_reflns_shell.percent_possible_all 
_reflns_shell.pdbx_Rrim_I_all 
_reflns_shell.pdbx_Rpim_I_all 
_reflns_shell.pdbx_ordinal 
_reflns_shell.pdbx_diffrn_id 
1.440 1.530 15303 ? 3344 ? 0.255 6.580  ? ? ? ? ? 3900 ? ? 0.937 ? ? 85.700 0.289 ? 1 1 
1.530 1.640 19102 ? 3571 ? 0.163 11.060 ? ? ? ? ? 3685 ? ? 0.979 ? ? 96.900 0.182 ? 2 1 
1.640 1.770 17673 ? 3314 ? 0.110 15.050 ? ? ? ? ? 3385 ? ? 0.989 ? ? 97.900 0.123 ? 3 1 
1.770 1.930 16494 ? 3110 ? 0.067 21.500 ? ? ? ? ? 3184 ? ? 0.996 ? ? 97.700 0.075 ? 4 1 
1.930 2.160 14992 ? 2849 ? 0.042 30.830 ? ? ? ? ? 2899 ? ? 0.998 ? ? 98.300 0.047 ? 5 1 
2.160 2.500 12975 ? 2517 ? 0.034 37.050 ? ? ? ? ? 2549 ? ? 0.999 ? ? 98.700 0.038 ? 6 1 
2.500 3.050 10675 ? 2149 ? 0.030 44.730 ? ? ? ? ? 2178 ? ? 0.999 ? ? 98.700 0.034 ? 7 1 
3.050 4.310 7382  ? 1646 ? 0.024 49.870 ? ? ? ? ? 1732 ? ? 0.999 ? ? 95.000 0.027 ? 8 1 
4.310 ?     3491  ? 856  ? 0.022 48.470 ? ? ? ? ? 1030 ? ? 0.999 ? ? 83.100 0.025 ? 9 1 
# 
_refine.entry_id                                 4NNS 
_refine.ls_d_res_high                            1.5300 
_refine.ls_d_res_low                             43.8110 
_refine.pdbx_ls_sigma_F                          2.000 
_refine.pdbx_data_cutoff_high_absF               ? 
_refine.pdbx_data_cutoff_low_absF                ? 
_refine.ls_percent_reflns_obs                    96.9400 
_refine.ls_number_reflns_obs                     19991 
_refine.ls_number_reflns_all                     ? 
_refine.pdbx_ls_cross_valid_method               ? 
_refine.pdbx_R_Free_selection_details            3 
_refine.details                                  ? 
_refine.ls_R_factor_all                          ? 
_refine.ls_R_factor_obs                          0.1882 
_refine.ls_R_factor_R_work                       0.1877 
_refine.ls_wR_factor_R_work                      ? 
_refine.ls_R_factor_R_free                       0.2065 
_refine.ls_wR_factor_R_free                      ? 
_refine.ls_percent_reflns_R_free                 3.0000 
_refine.ls_number_reflns_R_free                  600 
_refine.ls_R_factor_R_free_error                 ? 
_refine.B_iso_mean                               15.6098 
_refine.solvent_model_param_bsol                 ? 
_refine.solvent_model_param_ksol                 ? 
_refine.pdbx_isotropic_thermal_model             ? 
_refine.aniso_B[1][1]                            ? 
_refine.aniso_B[2][2]                            ? 
_refine.aniso_B[3][3]                            ? 
_refine.aniso_B[1][2]                            ? 
_refine.aniso_B[1][3]                            ? 
_refine.aniso_B[2][3]                            ? 
_refine.correlation_coeff_Fo_to_Fc               ? 
_refine.correlation_coeff_Fo_to_Fc_free          ? 
_refine.overall_SU_R_Cruickshank_DPI             ? 
_refine.overall_SU_R_free                        ? 
_refine.pdbx_overall_ESU_R                       ? 
_refine.pdbx_overall_ESU_R_Free                  ? 
_refine.overall_SU_ML                            0.1400 
_refine.overall_SU_B                             ? 
_refine.solvent_model_details                    'FLAT BULK SOLVENT MODEL' 
_refine.pdbx_solvent_vdw_probe_radii             1.1100 
_refine.pdbx_solvent_ion_probe_radii             ? 
_refine.pdbx_solvent_shrinkage_radii             0.9000 
_refine.ls_number_parameters                     ? 
_refine.ls_number_restraints                     ? 
_refine.pdbx_starting_model                      ? 
_refine.pdbx_method_to_determine_struct          'MOLECULAR REPLACEMENT' 
_refine.pdbx_stereochemistry_target_values       ML 
_refine.pdbx_stereochem_target_val_spec_case     ? 
_refine.overall_FOM_work_R_set                   0.8431 
_refine.B_iso_max                                52.660 
_refine.B_iso_min                                5.980 
_refine.pdbx_overall_phase_error                 22.1300 
_refine.occupancy_max                            1.000 
_refine.occupancy_min                            0.500 
_refine.pdbx_diffrn_id                           1 
_refine.pdbx_refine_id                           'X-RAY DIFFRACTION' 
_refine.pdbx_ls_sigma_I                          ? 
_refine.ls_redundancy_reflns_obs                 ? 
_refine.ls_R_factor_R_free_error_details         ? 
_refine.pdbx_data_cutoff_high_rms_absF           ? 
_refine.overall_FOM_free_R_set                   ? 
_refine.pdbx_TLS_residual_ADP_flag               ? 
_refine.pdbx_overall_SU_R_free_Cruickshank_DPI   ? 
_refine.pdbx_overall_SU_R_Blow_DPI               ? 
_refine.pdbx_overall_SU_R_free_Blow_DPI          ? 
# 
_refine_hist.pdbx_refine_id                   'X-RAY DIFFRACTION' 
_refine_hist.cycle_id                         LAST 
_refine_hist.pdbx_number_atoms_protein        1045 
_refine_hist.pdbx_number_atoms_nucleic_acid   0 
_refine_hist.pdbx_number_atoms_ligand         19 
_refine_hist.number_atoms_solvent             119 
_refine_hist.number_atoms_total               1183 
_refine_hist.d_res_high                       1.5300 
_refine_hist.d_res_low                        43.8110 
# 
loop_
_refine_ls_restr.pdbx_refine_id 
_refine_ls_restr.type 
_refine_ls_restr.number 
_refine_ls_restr.dev_ideal 
_refine_ls_restr.dev_ideal_target 
_refine_ls_restr.weight 
_refine_ls_restr.pdbx_restraint_function 
'X-RAY DIFFRACTION' f_bond_d           1097 0.005  ? ? ? 
'X-RAY DIFFRACTION' f_angle_d          1481 1.080  ? ? ? 
'X-RAY DIFFRACTION' f_chiral_restr     166  0.069  ? ? ? 
'X-RAY DIFFRACTION' f_plane_restr      180  0.004  ? ? ? 
'X-RAY DIFFRACTION' f_dihedral_angle_d 429  19.646 ? ? ? 
# 
loop_
_refine_ls_shell.d_res_high 
_refine_ls_shell.d_res_low 
_refine_ls_shell.pdbx_total_number_of_bins_used 
_refine_ls_shell.percent_reflns_obs 
_refine_ls_shell.number_reflns_R_work 
_refine_ls_shell.R_factor_all 
_refine_ls_shell.R_factor_R_work 
_refine_ls_shell.R_factor_R_free 
_refine_ls_shell.percent_reflns_R_free 
_refine_ls_shell.number_reflns_R_free 
_refine_ls_shell.R_factor_R_free_error 
_refine_ls_shell.number_reflns_all 
_refine_ls_shell.number_reflns_obs 
_refine_ls_shell.pdbx_refine_id 
_refine_ls_shell.redundancy_reflns_obs 
1.5301 1.6841  4 97.0000 4768 . 0.1857 0.2310 . 147 . 4915 . 'X-RAY DIFFRACTION' . 
1.6841 1.9278  4 98.0000 4823 . 0.1765 0.2088 . 149 . 4972 . 'X-RAY DIFFRACTION' . 
1.9278 2.4288  4 99.0000 4899 . 0.1867 0.1958 . 152 . 5051 . 'X-RAY DIFFRACTION' . 
2.4288 43.8291 4 94.0000 4901 . 0.1922 0.2071 . 152 . 5053 . 'X-RAY DIFFRACTION' . 
# 
_struct.entry_id                  4NNS 
_struct.title                     'Crystal structure of FABP4 in complex with novel inhibitor' 
_struct.pdbx_model_details        ? 
_struct.pdbx_CASP_flag            ? 
_struct.pdbx_model_type_details   ? 
# 
_struct_keywords.entry_id        4NNS 
_struct_keywords.text            'FABP4 inhibitor, LIPID BINDING PROTEIN-INHIBITOR complex' 
_struct_keywords.pdbx_keywords   'LIPID BINDING PROTEIN/INHIBITOR' 
# 
loop_
_struct_asym.id 
_struct_asym.pdbx_blank_PDB_chainid_flag 
_struct_asym.pdbx_modified 
_struct_asym.entity_id 
_struct_asym.details 
A N N 1 ? 
B N N 2 ? 
C N N 3 ? 
# 
_struct_ref.id                         1 
_struct_ref.db_name                    UNP 
_struct_ref.db_code                    FABP4_HUMAN 
_struct_ref.pdbx_db_accession          P15090 
_struct_ref.entity_id                  1 
_struct_ref.pdbx_seq_one_letter_code   
;MCDAFVGTWKLVSSENFDDYMKEVGVGFATRKVAGMAKPNMIISVNGDVITIKSESTFKNTEISFILGQEFDEVTADDRK
VKSTITLDGGVLVHVQKWDGKSTTIKRKREDDKLVVECVMKGVTSTRVYERA
;
_struct_ref.pdbx_align_begin           1 
_struct_ref.pdbx_db_isoform            ? 
# 
_struct_ref_seq.align_id                      1 
_struct_ref_seq.ref_id                        1 
_struct_ref_seq.pdbx_PDB_id_code              4NNS 
_struct_ref_seq.pdbx_strand_id                A 
_struct_ref_seq.seq_align_beg                 21 
_struct_ref_seq.pdbx_seq_align_beg_ins_code   ? 
_struct_ref_seq.seq_align_end                 152 
_struct_ref_seq.pdbx_seq_align_end_ins_code   ? 
_struct_ref_seq.pdbx_db_accession             P15090 
_struct_ref_seq.db_align_beg                  1 
_struct_ref_seq.pdbx_db_align_beg_ins_code    ? 
_struct_ref_seq.db_align_end                  132 
_struct_ref_seq.pdbx_db_align_end_ins_code    ? 
_struct_ref_seq.pdbx_auth_seq_align_beg       0 
_struct_ref_seq.pdbx_auth_seq_align_end       131 
# 
loop_
_struct_ref_seq_dif.align_id 
_struct_ref_seq_dif.pdbx_pdb_id_code 
_struct_ref_seq_dif.mon_id 
_struct_ref_seq_dif.pdbx_pdb_strand_id 
_struct_ref_seq_dif.seq_num 
_struct_ref_seq_dif.pdbx_pdb_ins_code 
_struct_ref_seq_dif.pdbx_seq_db_name 
_struct_ref_seq_dif.pdbx_seq_db_accession_code 
_struct_ref_seq_dif.db_mon_id 
_struct_ref_seq_dif.pdbx_seq_db_seq_num 
_struct_ref_seq_dif.details 
_struct_ref_seq_dif.pdbx_auth_seq_num 
_struct_ref_seq_dif.pdbx_ordinal 
1 4NNS MET A 1  ? UNP P15090 ? ? 'expression tag' -20 1  
1 4NNS GLY A 2  ? UNP P15090 ? ? 'expression tag' -19 2  
1 4NNS SER A 3  ? UNP P15090 ? ? 'expression tag' -18 3  
1 4NNS SER A 4  ? UNP P15090 ? ? 'expression tag' -17 4  
1 4NNS HIS A 5  ? UNP P15090 ? ? 'expression tag' -16 5  
1 4NNS HIS A 6  ? UNP P15090 ? ? 'expression tag' -15 6  
1 4NNS HIS A 7  ? UNP P15090 ? ? 'expression tag' -14 7  
1 4NNS HIS A 8  ? UNP P15090 ? ? 'expression tag' -13 8  
1 4NNS HIS A 9  ? UNP P15090 ? ? 'expression tag' -12 9  
1 4NNS HIS A 10 ? UNP P15090 ? ? 'expression tag' -11 10 
1 4NNS SER A 11 ? UNP P15090 ? ? 'expression tag' -10 11 
1 4NNS SER A 12 ? UNP P15090 ? ? 'expression tag' -9  12 
1 4NNS GLY A 13 ? UNP P15090 ? ? 'expression tag' -8  13 
1 4NNS LEU A 14 ? UNP P15090 ? ? 'expression tag' -7  14 
1 4NNS VAL A 15 ? UNP P15090 ? ? 'expression tag' -6  15 
1 4NNS PRO A 16 ? UNP P15090 ? ? 'expression tag' -5  16 
1 4NNS ARG A 17 ? UNP P15090 ? ? 'expression tag' -4  17 
1 4NNS GLY A 18 ? UNP P15090 ? ? 'expression tag' -3  18 
1 4NNS SER A 19 ? UNP P15090 ? ? 'expression tag' -2  19 
1 4NNS HIS A 20 ? UNP P15090 ? ? 'expression tag' -1  20 
# 
_pdbx_struct_assembly.id                   1 
_pdbx_struct_assembly.details              author_and_software_defined_assembly 
_pdbx_struct_assembly.method_details       PISA 
_pdbx_struct_assembly.oligomeric_details   monomeric 
_pdbx_struct_assembly.oligomeric_count     1 
# 
_pdbx_struct_assembly_gen.assembly_id       1 
_pdbx_struct_assembly_gen.oper_expression   1 
_pdbx_struct_assembly_gen.asym_id_list      A,B,C 
# 
_pdbx_struct_oper_list.id                   1 
_pdbx_struct_oper_list.type                 'identity operation' 
_pdbx_struct_oper_list.name                 1_555 
_pdbx_struct_oper_list.symmetry_operation   x,y,z 
_pdbx_struct_oper_list.matrix[1][1]         1.0000000000 
_pdbx_struct_oper_list.matrix[1][2]         0.0000000000 
_pdbx_struct_oper_list.matrix[1][3]         0.0000000000 
_pdbx_struct_oper_list.vector[1]            0.0000000000 
_pdbx_struct_oper_list.matrix[2][1]         0.0000000000 
_pdbx_struct_oper_list.matrix[2][2]         1.0000000000 
_pdbx_struct_oper_list.matrix[2][3]         0.0000000000 
_pdbx_struct_oper_list.vector[2]            0.0000000000 
_pdbx_struct_oper_list.matrix[3][1]         0.0000000000 
_pdbx_struct_oper_list.matrix[3][2]         0.0000000000 
_pdbx_struct_oper_list.matrix[3][3]         1.0000000000 
_pdbx_struct_oper_list.vector[3]            0.0000000000 
# 
_struct_biol.id        1 
_struct_biol.details   ? 
# 
loop_
_struct_conf.conf_type_id 
_struct_conf.id 
_struct_conf.pdbx_PDB_helix_id 
_struct_conf.beg_label_comp_id 
_struct_conf.beg_label_asym_id 
_struct_conf.beg_label_seq_id 
_struct_conf.pdbx_beg_PDB_ins_code 
_struct_conf.end_label_comp_id 
_struct_conf.end_label_asym_id 
_struct_conf.end_label_seq_id 
_struct_conf.pdbx_end_PDB_ins_code 
_struct_conf.beg_auth_comp_id 
_struct_conf.beg_auth_asym_id 
_struct_conf.beg_auth_seq_id 
_struct_conf.end_auth_comp_id 
_struct_conf.end_auth_asym_id 
_struct_conf.end_auth_seq_id 
_struct_conf.pdbx_PDB_helix_class 
_struct_conf.details 
_struct_conf.pdbx_PDB_helix_length 
HELX_P HELX_P1 1 HIS A 20 ? VAL A 26 ? HIS A -1 VAL A 5  5 ? 7  
HELX_P HELX_P2 2 ASN A 36 ? GLY A 45 ? ASN A 15 GLY A 24 1 ? 10 
HELX_P HELX_P3 3 GLY A 47 ? ALA A 57 ? GLY A 26 ALA A 36 1 ? 11 
# 
_struct_conf_type.id          HELX_P 
_struct_conf_type.criteria    ? 
_struct_conf_type.reference   ? 
# 
_struct_sheet.id               A 
_struct_sheet.type             ? 
_struct_sheet.number_strands   10 
_struct_sheet.details          ? 
# 
loop_
_struct_sheet_order.sheet_id 
_struct_sheet_order.range_id_1 
_struct_sheet_order.range_id_2 
_struct_sheet_order.offset 
_struct_sheet_order.sense 
A 1 2  ? anti-parallel 
A 2 3  ? anti-parallel 
A 3 4  ? anti-parallel 
A 4 5  ? anti-parallel 
A 5 6  ? anti-parallel 
A 6 7  ? anti-parallel 
A 7 8  ? anti-parallel 
A 8 9  ? anti-parallel 
A 9 10 ? anti-parallel 
# 
loop_
_struct_sheet_range.sheet_id 
_struct_sheet_range.id 
_struct_sheet_range.beg_label_comp_id 
_struct_sheet_range.beg_label_asym_id 
_struct_sheet_range.beg_label_seq_id 
_struct_sheet_range.pdbx_beg_PDB_ins_code 
_struct_sheet_range.end_label_comp_id 
_struct_sheet_range.end_label_asym_id 
_struct_sheet_range.end_label_seq_id 
_struct_sheet_range.pdbx_end_PDB_ins_code 
_struct_sheet_range.beg_auth_comp_id 
_struct_sheet_range.beg_auth_asym_id 
_struct_sheet_range.beg_auth_seq_id 
_struct_sheet_range.end_auth_comp_id 
_struct_sheet_range.end_auth_asym_id 
_struct_sheet_range.end_auth_seq_id 
A 1  ASN A 80  ? PHE A 85  ? ASN A 59  PHE A 64  
A 2  VAL A 69  ? GLU A 75  ? VAL A 48  GLU A 54  
A 3  ASN A 60  ? ASN A 66  ? ASN A 39  ASN A 45  
A 4  GLY A 27  ? GLU A 35  ? GLY A 6   GLU A 14  
A 5  VAL A 143 ? ARG A 151 ? VAL A 122 ARG A 130 
A 6  LYS A 133 ? MET A 140 ? LYS A 112 MET A 119 
A 7  LYS A 121 ? GLU A 130 ? LYS A 100 GLU A 109 
A 8  VAL A 111 ? TRP A 118 ? VAL A 90  TRP A 97  
A 9  LYS A 100 ? ASP A 108 ? LYS A 79  ASP A 87  
A 10 PHE A 91  ? VAL A 94  ? PHE A 70  VAL A 73  
# 
loop_
_pdbx_struct_sheet_hbond.sheet_id 
_pdbx_struct_sheet_hbond.range_id_1 
_pdbx_struct_sheet_hbond.range_id_2 
_pdbx_struct_sheet_hbond.range_1_label_atom_id 
_pdbx_struct_sheet_hbond.range_1_label_comp_id 
_pdbx_struct_sheet_hbond.range_1_label_asym_id 
_pdbx_struct_sheet_hbond.range_1_label_seq_id 
_pdbx_struct_sheet_hbond.range_1_PDB_ins_code 
_pdbx_struct_sheet_hbond.range_1_auth_atom_id 
_pdbx_struct_sheet_hbond.range_1_auth_comp_id 
_pdbx_struct_sheet_hbond.range_1_auth_asym_id 
_pdbx_struct_sheet_hbond.range_1_auth_seq_id 
_pdbx_struct_sheet_hbond.range_2_label_atom_id 
_pdbx_struct_sheet_hbond.range_2_label_comp_id 
_pdbx_struct_sheet_hbond.range_2_label_asym_id 
_pdbx_struct_sheet_hbond.range_2_label_seq_id 
_pdbx_struct_sheet_hbond.range_2_PDB_ins_code 
_pdbx_struct_sheet_hbond.range_2_auth_atom_id 
_pdbx_struct_sheet_hbond.range_2_auth_comp_id 
_pdbx_struct_sheet_hbond.range_2_auth_asym_id 
_pdbx_struct_sheet_hbond.range_2_auth_seq_id 
A 1 2  O PHE A 85  ? O PHE A 64  N ILE A 70  ? N ILE A 49  
A 2 3  O LYS A 73  ? O LYS A 52  N ILE A 62  ? N ILE A 41  
A 3 4  O MET A 61  ? O MET A 40  N TRP A 29  ? N TRP A 8   
A 4 5  N VAL A 32  ? N VAL A 11  O VAL A 148 ? O VAL A 127 
A 5 6  O ARG A 147 ? O ARG A 126 N VAL A 136 ? N VAL A 115 
A 6 7  O VAL A 135 ? O VAL A 114 N LYS A 128 ? N LYS A 107 
A 7 8  O LYS A 121 ? O LYS A 100 N TRP A 118 ? N TRP A 97  
A 8 9  O VAL A 113 ? O VAL A 92  N THR A 106 ? N THR A 85  
A 9 10 O SER A 103 ? O SER A 82  N PHE A 91  ? N PHE A 70  
# 
_struct_site.id                   AC1 
_struct_site.pdbx_evidence_code   Software 
_struct_site.pdbx_auth_asym_id    A 
_struct_site.pdbx_auth_comp_id    75D 
_struct_site.pdbx_auth_seq_id     201 
_struct_site.pdbx_auth_ins_code   ? 
_struct_site.pdbx_num_residues    12 
_struct_site.details              'BINDING SITE FOR RESIDUE 75D A 201' 
# 
loop_
_struct_site_gen.id 
_struct_site_gen.site_id 
_struct_site_gen.pdbx_num_res 
_struct_site_gen.label_comp_id 
_struct_site_gen.label_asym_id 
_struct_site_gen.label_seq_id 
_struct_site_gen.pdbx_auth_ins_code 
_struct_site_gen.auth_comp_id 
_struct_site_gen.auth_asym_id 
_struct_site_gen.auth_seq_id 
_struct_site_gen.label_atom_id 
_struct_site_gen.label_alt_id 
_struct_site_gen.symmetry 
_struct_site_gen.details 
1  AC1 12 MET A 41  ? MET A 20  . ? 1_555 ? 
2  AC1 12 PRO A 59  ? PRO A 38  . ? 1_555 ? 
3  AC1 12 SER A 74  ? SER A 53  . ? 1_555 ? 
4  AC1 12 ALA A 96  ? ALA A 75  . ? 1_555 ? 
5  AC1 12 ASP A 97  ? ASP A 76  . ? 1_555 ? 
6  AC1 12 ARG A 99  ? ARG A 78  . ? 1_555 ? 
7  AC1 12 CYS A 138 ? CYS A 117 . ? 1_555 ? 
8  AC1 12 ARG A 147 ? ARG A 126 . ? 1_555 ? 
9  AC1 12 TYR A 149 ? TYR A 128 . ? 1_555 ? 
10 AC1 12 HOH C .   ? HOH A 341 . ? 1_555 ? 
11 AC1 12 HOH C .   ? HOH A 348 . ? 1_555 ? 
12 AC1 12 HOH C .   ? HOH A 367 . ? 1_555 ? 
# 
_pdbx_validate_close_contact.id               1 
_pdbx_validate_close_contact.PDB_model_num    1 
_pdbx_validate_close_contact.auth_atom_id_1   O 
_pdbx_validate_close_contact.auth_asym_id_1   A 
_pdbx_validate_close_contact.auth_comp_id_1   HOH 
_pdbx_validate_close_contact.auth_seq_id_1    406 
_pdbx_validate_close_contact.PDB_ins_code_1   ? 
_pdbx_validate_close_contact.label_alt_id_1   ? 
_pdbx_validate_close_contact.auth_atom_id_2   O 
_pdbx_validate_close_contact.auth_asym_id_2   A 
_pdbx_validate_close_contact.auth_comp_id_2   HOH 
_pdbx_validate_close_contact.auth_seq_id_2    419 
_pdbx_validate_close_contact.PDB_ins_code_2   ? 
_pdbx_validate_close_contact.label_alt_id_2   ? 
_pdbx_validate_close_contact.dist             2.17 
# 
loop_
_pdbx_validate_torsion.id 
_pdbx_validate_torsion.PDB_model_num 
_pdbx_validate_torsion.auth_comp_id 
_pdbx_validate_torsion.auth_asym_id 
_pdbx_validate_torsion.auth_seq_id 
_pdbx_validate_torsion.PDB_ins_code 
_pdbx_validate_torsion.label_alt_id 
_pdbx_validate_torsion.phi 
_pdbx_validate_torsion.psi 
1 1 ASP A 110 ? ? 50.11 -128.44 
2 1 LYS A 120 ? ? 55.42 -114.71 
# 
_pdbx_phasing_MR.entry_id                     4NNS 
_pdbx_phasing_MR.method_rotation              ? 
_pdbx_phasing_MR.method_translation           ? 
_pdbx_phasing_MR.model_details                'Phaser MODE: MR_AUTO' 
_pdbx_phasing_MR.R_factor                     ? 
_pdbx_phasing_MR.R_rigid_body                 ? 
_pdbx_phasing_MR.correlation_coeff_Fo_to_Fc   ? 
_pdbx_phasing_MR.correlation_coeff_Io_to_Ic   ? 
_pdbx_phasing_MR.d_res_high_rotation          1.530 
_pdbx_phasing_MR.d_res_low_rotation           43.810 
_pdbx_phasing_MR.d_res_high_translation       1.530 
_pdbx_phasing_MR.d_res_low_translation        43.810 
_pdbx_phasing_MR.packing                      ? 
_pdbx_phasing_MR.reflns_percent_rotation      ? 
_pdbx_phasing_MR.reflns_percent_translation   ? 
_pdbx_phasing_MR.sigma_F_rotation             ? 
_pdbx_phasing_MR.sigma_F_translation          ? 
_pdbx_phasing_MR.sigma_I_rotation             ? 
_pdbx_phasing_MR.sigma_I_translation          ? 
# 
_phasing.method   MR 
# 
loop_
_pdbx_unobs_or_zero_occ_residues.id 
_pdbx_unobs_or_zero_occ_residues.PDB_model_num 
_pdbx_unobs_or_zero_occ_residues.polymer_flag 
_pdbx_unobs_or_zero_occ_residues.occupancy_flag 
_pdbx_unobs_or_zero_occ_residues.auth_asym_id 
_pdbx_unobs_or_zero_occ_residues.auth_comp_id 
_pdbx_unobs_or_zero_occ_residues.auth_seq_id 
_pdbx_unobs_or_zero_occ_residues.PDB_ins_code 
_pdbx_unobs_or_zero_occ_residues.label_asym_id 
_pdbx_unobs_or_zero_occ_residues.label_comp_id 
_pdbx_unobs_or_zero_occ_residues.label_seq_id 
1  1 Y 1 A MET -20 ? A MET 1  
2  1 Y 1 A GLY -19 ? A GLY 2  
3  1 Y 1 A SER -18 ? A SER 3  
4  1 Y 1 A SER -17 ? A SER 4  
5  1 Y 1 A HIS -16 ? A HIS 5  
6  1 Y 1 A HIS -15 ? A HIS 6  
7  1 Y 1 A HIS -14 ? A HIS 7  
8  1 Y 1 A HIS -13 ? A HIS 8  
9  1 Y 1 A HIS -12 ? A HIS 9  
10 1 Y 1 A HIS -11 ? A HIS 10 
11 1 Y 1 A SER -10 ? A SER 11 
12 1 Y 1 A SER -9  ? A SER 12 
13 1 Y 1 A GLY -8  ? A GLY 13 
14 1 Y 1 A LEU -7  ? A LEU 14 
15 1 Y 1 A VAL -6  ? A VAL 15 
16 1 Y 1 A PRO -5  ? A PRO 16 
17 1 Y 1 A ARG -4  ? A ARG 17 
18 1 Y 1 A GLY -3  ? A GLY 18 
# 
loop_
_chem_comp_atom.comp_id 
_chem_comp_atom.atom_id 
_chem_comp_atom.type_symbol 
_chem_comp_atom.pdbx_aromatic_flag 
_chem_comp_atom.pdbx_stereo_config 
_chem_comp_atom.pdbx_ordinal 
75D OAI  O N N 1   
75D SAS  S N N 2   
75D OAG  O N N 3   
75D OAH  O N N 4   
75D CAO  C Y N 5   
75D CAM  C Y N 6   
75D CAQ  C N N 7   
75D CAD  C N N 8   
75D CAC  C N N 9   
75D CAJ  C Y N 10  
75D CAL  C Y N 11  
75D CAP  C N N 12  
75D CAB  C N N 13  
75D CAA  C N N 14  
75D CAK  C Y N 15  
75D CAN  C Y N 16  
75D CAR  C N N 17  
75D CAF  C N N 18  
75D CAE  C N N 19  
75D H1   H N N 20  
75D H2   H N N 21  
75D H3   H N N 22  
75D H4   H N N 23  
75D H5   H N N 24  
75D H6   H N N 25  
75D H7   H N N 26  
75D H8   H N N 27  
75D H9   H N N 28  
75D H10  H N N 29  
75D H11  H N N 30  
75D H12  H N N 31  
75D H13  H N N 32  
75D H14  H N N 33  
75D H15  H N N 34  
75D H16  H N N 35  
75D H17  H N N 36  
75D H18  H N N 37  
75D H19  H N N 38  
75D H20  H N N 39  
75D H21  H N N 40  
75D H22  H N N 41  
75D H23  H N N 42  
75D H24  H N N 43  
ALA N    N N N 44  
ALA CA   C N S 45  
ALA C    C N N 46  
ALA O    O N N 47  
ALA CB   C N N 48  
ALA OXT  O N N 49  
ALA H    H N N 50  
ALA H2   H N N 51  
ALA HA   H N N 52  
ALA HB1  H N N 53  
ALA HB2  H N N 54  
ALA HB3  H N N 55  
ALA HXT  H N N 56  
ARG N    N N N 57  
ARG CA   C N S 58  
ARG C    C N N 59  
ARG O    O N N 60  
ARG CB   C N N 61  
ARG CG   C N N 62  
ARG CD   C N N 63  
ARG NE   N N N 64  
ARG CZ   C N N 65  
ARG NH1  N N N 66  
ARG NH2  N N N 67  
ARG OXT  O N N 68  
ARG H    H N N 69  
ARG H2   H N N 70  
ARG HA   H N N 71  
ARG HB2  H N N 72  
ARG HB3  H N N 73  
ARG HG2  H N N 74  
ARG HG3  H N N 75  
ARG HD2  H N N 76  
ARG HD3  H N N 77  
ARG HE   H N N 78  
ARG HH11 H N N 79  
ARG HH12 H N N 80  
ARG HH21 H N N 81  
ARG HH22 H N N 82  
ARG HXT  H N N 83  
ASN N    N N N 84  
ASN CA   C N S 85  
ASN C    C N N 86  
ASN O    O N N 87  
ASN CB   C N N 88  
ASN CG   C N N 89  
ASN OD1  O N N 90  
ASN ND2  N N N 91  
ASN OXT  O N N 92  
ASN H    H N N 93  
ASN H2   H N N 94  
ASN HA   H N N 95  
ASN HB2  H N N 96  
ASN HB3  H N N 97  
ASN HD21 H N N 98  
ASN HD22 H N N 99  
ASN HXT  H N N 100 
ASP N    N N N 101 
ASP CA   C N S 102 
ASP C    C N N 103 
ASP O    O N N 104 
ASP CB   C N N 105 
ASP CG   C N N 106 
ASP OD1  O N N 107 
ASP OD2  O N N 108 
ASP OXT  O N N 109 
ASP H    H N N 110 
ASP H2   H N N 111 
ASP HA   H N N 112 
ASP HB2  H N N 113 
ASP HB3  H N N 114 
ASP HD2  H N N 115 
ASP HXT  H N N 116 
CYS N    N N N 117 
CYS CA   C N R 118 
CYS C    C N N 119 
CYS O    O N N 120 
CYS CB   C N N 121 
CYS SG   S N N 122 
CYS OXT  O N N 123 
CYS H    H N N 124 
CYS H2   H N N 125 
CYS HA   H N N 126 
CYS HB2  H N N 127 
CYS HB3  H N N 128 
CYS HG   H N N 129 
CYS HXT  H N N 130 
GLN N    N N N 131 
GLN CA   C N S 132 
GLN C    C N N 133 
GLN O    O N N 134 
GLN CB   C N N 135 
GLN CG   C N N 136 
GLN CD   C N N 137 
GLN OE1  O N N 138 
GLN NE2  N N N 139 
GLN OXT  O N N 140 
GLN H    H N N 141 
GLN H2   H N N 142 
GLN HA   H N N 143 
GLN HB2  H N N 144 
GLN HB3  H N N 145 
GLN HG2  H N N 146 
GLN HG3  H N N 147 
GLN HE21 H N N 148 
GLN HE22 H N N 149 
GLN HXT  H N N 150 
GLU N    N N N 151 
GLU CA   C N S 152 
GLU C    C N N 153 
GLU O    O N N 154 
GLU CB   C N N 155 
GLU CG   C N N 156 
GLU CD   C N N 157 
GLU OE1  O N N 158 
GLU OE2  O N N 159 
GLU OXT  O N N 160 
GLU H    H N N 161 
GLU H2   H N N 162 
GLU HA   H N N 163 
GLU HB2  H N N 164 
GLU HB3  H N N 165 
GLU HG2  H N N 166 
GLU HG3  H N N 167 
GLU HE2  H N N 168 
GLU HXT  H N N 169 
GLY N    N N N 170 
GLY CA   C N N 171 
GLY C    C N N 172 
GLY O    O N N 173 
GLY OXT  O N N 174 
GLY H    H N N 175 
GLY H2   H N N 176 
GLY HA2  H N N 177 
GLY HA3  H N N 178 
GLY HXT  H N N 179 
HIS N    N N N 180 
HIS CA   C N S 181 
HIS C    C N N 182 
HIS O    O N N 183 
HIS CB   C N N 184 
HIS CG   C Y N 185 
HIS ND1  N Y N 186 
HIS CD2  C Y N 187 
HIS CE1  C Y N 188 
HIS NE2  N Y N 189 
HIS OXT  O N N 190 
HIS H    H N N 191 
HIS H2   H N N 192 
HIS HA   H N N 193 
HIS HB2  H N N 194 
HIS HB3  H N N 195 
HIS HD1  H N N 196 
HIS HD2  H N N 197 
HIS HE1  H N N 198 
HIS HE2  H N N 199 
HIS HXT  H N N 200 
HOH O    O N N 201 
HOH H1   H N N 202 
HOH H2   H N N 203 
ILE N    N N N 204 
ILE CA   C N S 205 
ILE C    C N N 206 
ILE O    O N N 207 
ILE CB   C N S 208 
ILE CG1  C N N 209 
ILE CG2  C N N 210 
ILE CD1  C N N 211 
ILE OXT  O N N 212 
ILE H    H N N 213 
ILE H2   H N N 214 
ILE HA   H N N 215 
ILE HB   H N N 216 
ILE HG12 H N N 217 
ILE HG13 H N N 218 
ILE HG21 H N N 219 
ILE HG22 H N N 220 
ILE HG23 H N N 221 
ILE HD11 H N N 222 
ILE HD12 H N N 223 
ILE HD13 H N N 224 
ILE HXT  H N N 225 
LEU N    N N N 226 
LEU CA   C N S 227 
LEU C    C N N 228 
LEU O    O N N 229 
LEU CB   C N N 230 
LEU CG   C N N 231 
LEU CD1  C N N 232 
LEU CD2  C N N 233 
LEU OXT  O N N 234 
LEU H    H N N 235 
LEU H2   H N N 236 
LEU HA   H N N 237 
LEU HB2  H N N 238 
LEU HB3  H N N 239 
LEU HG   H N N 240 
LEU HD11 H N N 241 
LEU HD12 H N N 242 
LEU HD13 H N N 243 
LEU HD21 H N N 244 
LEU HD22 H N N 245 
LEU HD23 H N N 246 
LEU HXT  H N N 247 
LYS N    N N N 248 
LYS CA   C N S 249 
LYS C    C N N 250 
LYS O    O N N 251 
LYS CB   C N N 252 
LYS CG   C N N 253 
LYS CD   C N N 254 
LYS CE   C N N 255 
LYS NZ   N N N 256 
LYS OXT  O N N 257 
LYS H    H N N 258 
LYS H2   H N N 259 
LYS HA   H N N 260 
LYS HB2  H N N 261 
LYS HB3  H N N 262 
LYS HG2  H N N 263 
LYS HG3  H N N 264 
LYS HD2  H N N 265 
LYS HD3  H N N 266 
LYS HE2  H N N 267 
LYS HE3  H N N 268 
LYS HZ1  H N N 269 
LYS HZ2  H N N 270 
LYS HZ3  H N N 271 
LYS HXT  H N N 272 
MET N    N N N 273 
MET CA   C N S 274 
MET C    C N N 275 
MET O    O N N 276 
MET CB   C N N 277 
MET CG   C N N 278 
MET SD   S N N 279 
MET CE   C N N 280 
MET OXT  O N N 281 
MET H    H N N 282 
MET H2   H N N 283 
MET HA   H N N 284 
MET HB2  H N N 285 
MET HB3  H N N 286 
MET HG2  H N N 287 
MET HG3  H N N 288 
MET HE1  H N N 289 
MET HE2  H N N 290 
MET HE3  H N N 291 
MET HXT  H N N 292 
PHE N    N N N 293 
PHE CA   C N S 294 
PHE C    C N N 295 
PHE O    O N N 296 
PHE CB   C N N 297 
PHE CG   C Y N 298 
PHE CD1  C Y N 299 
PHE CD2  C Y N 300 
PHE CE1  C Y N 301 
PHE CE2  C Y N 302 
PHE CZ   C Y N 303 
PHE OXT  O N N 304 
PHE H    H N N 305 
PHE H2   H N N 306 
PHE HA   H N N 307 
PHE HB2  H N N 308 
PHE HB3  H N N 309 
PHE HD1  H N N 310 
PHE HD2  H N N 311 
PHE HE1  H N N 312 
PHE HE2  H N N 313 
PHE HZ   H N N 314 
PHE HXT  H N N 315 
PRO N    N N N 316 
PRO CA   C N S 317 
PRO C    C N N 318 
PRO O    O N N 319 
PRO CB   C N N 320 
PRO CG   C N N 321 
PRO CD   C N N 322 
PRO OXT  O N N 323 
PRO H    H N N 324 
PRO HA   H N N 325 
PRO HB2  H N N 326 
PRO HB3  H N N 327 
PRO HG2  H N N 328 
PRO HG3  H N N 329 
PRO HD2  H N N 330 
PRO HD3  H N N 331 
PRO HXT  H N N 332 
SER N    N N N 333 
SER CA   C N S 334 
SER C    C N N 335 
SER O    O N N 336 
SER CB   C N N 337 
SER OG   O N N 338 
SER OXT  O N N 339 
SER H    H N N 340 
SER H2   H N N 341 
SER HA   H N N 342 
SER HB2  H N N 343 
SER HB3  H N N 344 
SER HG   H N N 345 
SER HXT  H N N 346 
THR N    N N N 347 
THR CA   C N S 348 
THR C    C N N 349 
THR O    O N N 350 
THR CB   C N R 351 
THR OG1  O N N 352 
THR CG2  C N N 353 
THR OXT  O N N 354 
THR H    H N N 355 
THR H2   H N N 356 
THR HA   H N N 357 
THR HB   H N N 358 
THR HG1  H N N 359 
THR HG21 H N N 360 
THR HG22 H N N 361 
THR HG23 H N N 362 
THR HXT  H N N 363 
TRP N    N N N 364 
TRP CA   C N S 365 
TRP C    C N N 366 
TRP O    O N N 367 
TRP CB   C N N 368 
TRP CG   C Y N 369 
TRP CD1  C Y N 370 
TRP CD2  C Y N 371 
TRP NE1  N Y N 372 
TRP CE2  C Y N 373 
TRP CE3  C Y N 374 
TRP CZ2  C Y N 375 
TRP CZ3  C Y N 376 
TRP CH2  C Y N 377 
TRP OXT  O N N 378 
TRP H    H N N 379 
TRP H2   H N N 380 
TRP HA   H N N 381 
TRP HB2  H N N 382 
TRP HB3  H N N 383 
TRP HD1  H N N 384 
TRP HE1  H N N 385 
TRP HE3  H N N 386 
TRP HZ2  H N N 387 
TRP HZ3  H N N 388 
TRP HH2  H N N 389 
TRP HXT  H N N 390 
TYR N    N N N 391 
TYR CA   C N S 392 
TYR C    C N N 393 
TYR O    O N N 394 
TYR CB   C N N 395 
TYR CG   C Y N 396 
TYR CD1  C Y N 397 
TYR CD2  C Y N 398 
TYR CE1  C Y N 399 
TYR CE2  C Y N 400 
TYR CZ   C Y N 401 
TYR OH   O N N 402 
TYR OXT  O N N 403 
TYR H    H N N 404 
TYR H2   H N N 405 
TYR HA   H N N 406 
TYR HB2  H N N 407 
TYR HB3  H N N 408 
TYR HD1  H N N 409 
TYR HD2  H N N 410 
TYR HE1  H N N 411 
TYR HE2  H N N 412 
TYR HH   H N N 413 
TYR HXT  H N N 414 
VAL N    N N N 415 
VAL CA   C N S 416 
VAL C    C N N 417 
VAL O    O N N 418 
VAL CB   C N N 419 
VAL CG1  C N N 420 
VAL CG2  C N N 421 
VAL OXT  O N N 422 
VAL H    H N N 423 
VAL H2   H N N 424 
VAL HA   H N N 425 
VAL HB   H N N 426 
VAL HG11 H N N 427 
VAL HG12 H N N 428 
VAL HG13 H N N 429 
VAL HG21 H N N 430 
VAL HG22 H N N 431 
VAL HG23 H N N 432 
VAL HXT  H N N 433 
# 
loop_
_chem_comp_bond.comp_id 
_chem_comp_bond.atom_id_1 
_chem_comp_bond.atom_id_2 
_chem_comp_bond.value_order 
_chem_comp_bond.pdbx_aromatic_flag 
_chem_comp_bond.pdbx_stereo_config 
_chem_comp_bond.pdbx_ordinal 
75D CAA CAP  sing N N 1   
75D CAB CAP  sing N N 2   
75D CAP CAL  sing N N 3   
75D CAL CAJ  doub Y N 4   
75D CAL CAK  sing Y N 5   
75D CAJ CAM  sing Y N 6   
75D CAK CAN  doub Y N 7   
75D CAD CAQ  sing N N 8   
75D CAM CAQ  sing N N 9   
75D CAM CAO  doub Y N 10  
75D CAC CAQ  sing N N 11  
75D CAN CAO  sing Y N 12  
75D CAN CAR  sing N N 13  
75D CAE CAR  sing N N 14  
75D CAO SAS  sing N N 15  
75D CAR CAF  sing N N 16  
75D SAS OAI  doub N N 17  
75D SAS OAG  doub N N 18  
75D SAS OAH  sing N N 19  
75D CAQ H1   sing N N 20  
75D CAD H2   sing N N 21  
75D CAD H3   sing N N 22  
75D CAD H4   sing N N 23  
75D CAC H5   sing N N 24  
75D CAC H6   sing N N 25  
75D CAC H7   sing N N 26  
75D CAJ H8   sing N N 27  
75D CAP H9   sing N N 28  
75D CAB H10  sing N N 29  
75D CAB H11  sing N N 30  
75D CAB H12  sing N N 31  
75D CAA H13  sing N N 32  
75D CAA H14  sing N N 33  
75D CAA H15  sing N N 34  
75D CAK H16  sing N N 35  
75D CAR H17  sing N N 36  
75D CAF H18  sing N N 37  
75D CAF H19  sing N N 38  
75D CAF H20  sing N N 39  
75D CAE H21  sing N N 40  
75D CAE H22  sing N N 41  
75D CAE H23  sing N N 42  
75D OAH H24  sing N N 43  
ALA N   CA   sing N N 44  
ALA N   H    sing N N 45  
ALA N   H2   sing N N 46  
ALA CA  C    sing N N 47  
ALA CA  CB   sing N N 48  
ALA CA  HA   sing N N 49  
ALA C   O    doub N N 50  
ALA C   OXT  sing N N 51  
ALA CB  HB1  sing N N 52  
ALA CB  HB2  sing N N 53  
ALA CB  HB3  sing N N 54  
ALA OXT HXT  sing N N 55  
ARG N   CA   sing N N 56  
ARG N   H    sing N N 57  
ARG N   H2   sing N N 58  
ARG CA  C    sing N N 59  
ARG CA  CB   sing N N 60  
ARG CA  HA   sing N N 61  
ARG C   O    doub N N 62  
ARG C   OXT  sing N N 63  
ARG CB  CG   sing N N 64  
ARG CB  HB2  sing N N 65  
ARG CB  HB3  sing N N 66  
ARG CG  CD   sing N N 67  
ARG CG  HG2  sing N N 68  
ARG CG  HG3  sing N N 69  
ARG CD  NE   sing N N 70  
ARG CD  HD2  sing N N 71  
ARG CD  HD3  sing N N 72  
ARG NE  CZ   sing N N 73  
ARG NE  HE   sing N N 74  
ARG CZ  NH1  sing N N 75  
ARG CZ  NH2  doub N N 76  
ARG NH1 HH11 sing N N 77  
ARG NH1 HH12 sing N N 78  
ARG NH2 HH21 sing N N 79  
ARG NH2 HH22 sing N N 80  
ARG OXT HXT  sing N N 81  
ASN N   CA   sing N N 82  
ASN N   H    sing N N 83  
ASN N   H2   sing N N 84  
ASN CA  C    sing N N 85  
ASN CA  CB   sing N N 86  
ASN CA  HA   sing N N 87  
ASN C   O    doub N N 88  
ASN C   OXT  sing N N 89  
ASN CB  CG   sing N N 90  
ASN CB  HB2  sing N N 91  
ASN CB  HB3  sing N N 92  
ASN CG  OD1  doub N N 93  
ASN CG  ND2  sing N N 94  
ASN ND2 HD21 sing N N 95  
ASN ND2 HD22 sing N N 96  
ASN OXT HXT  sing N N 97  
ASP N   CA   sing N N 98  
ASP N   H    sing N N 99  
ASP N   H2   sing N N 100 
ASP CA  C    sing N N 101 
ASP CA  CB   sing N N 102 
ASP CA  HA   sing N N 103 
ASP C   O    doub N N 104 
ASP C   OXT  sing N N 105 
ASP CB  CG   sing N N 106 
ASP CB  HB2  sing N N 107 
ASP CB  HB3  sing N N 108 
ASP CG  OD1  doub N N 109 
ASP CG  OD2  sing N N 110 
ASP OD2 HD2  sing N N 111 
ASP OXT HXT  sing N N 112 
CYS N   CA   sing N N 113 
CYS N   H    sing N N 114 
CYS N   H2   sing N N 115 
CYS CA  C    sing N N 116 
CYS CA  CB   sing N N 117 
CYS CA  HA   sing N N 118 
CYS C   O    doub N N 119 
CYS C   OXT  sing N N 120 
CYS CB  SG   sing N N 121 
CYS CB  HB2  sing N N 122 
CYS CB  HB3  sing N N 123 
CYS SG  HG   sing N N 124 
CYS OXT HXT  sing N N 125 
GLN N   CA   sing N N 126 
GLN N   H    sing N N 127 
GLN N   H2   sing N N 128 
GLN CA  C    sing N N 129 
GLN CA  CB   sing N N 130 
GLN CA  HA   sing N N 131 
GLN C   O    doub N N 132 
GLN C   OXT  sing N N 133 
GLN CB  CG   sing N N 134 
GLN CB  HB2  sing N N 135 
GLN CB  HB3  sing N N 136 
GLN CG  CD   sing N N 137 
GLN CG  HG2  sing N N 138 
GLN CG  HG3  sing N N 139 
GLN CD  OE1  doub N N 140 
GLN CD  NE2  sing N N 141 
GLN NE2 HE21 sing N N 142 
GLN NE2 HE22 sing N N 143 
GLN OXT HXT  sing N N 144 
GLU N   CA   sing N N 145 
GLU N   H    sing N N 146 
GLU N   H2   sing N N 147 
GLU CA  C    sing N N 148 
GLU CA  CB   sing N N 149 
GLU CA  HA   sing N N 150 
GLU C   O    doub N N 151 
GLU C   OXT  sing N N 152 
GLU CB  CG   sing N N 153 
GLU CB  HB2  sing N N 154 
GLU CB  HB3  sing N N 155 
GLU CG  CD   sing N N 156 
GLU CG  HG2  sing N N 157 
GLU CG  HG3  sing N N 158 
GLU CD  OE1  doub N N 159 
GLU CD  OE2  sing N N 160 
GLU OE2 HE2  sing N N 161 
GLU OXT HXT  sing N N 162 
GLY N   CA   sing N N 163 
GLY N   H    sing N N 164 
GLY N   H2   sing N N 165 
GLY CA  C    sing N N 166 
GLY CA  HA2  sing N N 167 
GLY CA  HA3  sing N N 168 
GLY C   O    doub N N 169 
GLY C   OXT  sing N N 170 
GLY OXT HXT  sing N N 171 
HIS N   CA   sing N N 172 
HIS N   H    sing N N 173 
HIS N   H2   sing N N 174 
HIS CA  C    sing N N 175 
HIS CA  CB   sing N N 176 
HIS CA  HA   sing N N 177 
HIS C   O    doub N N 178 
HIS C   OXT  sing N N 179 
HIS CB  CG   sing N N 180 
HIS CB  HB2  sing N N 181 
HIS CB  HB3  sing N N 182 
HIS CG  ND1  sing Y N 183 
HIS CG  CD2  doub Y N 184 
HIS ND1 CE1  doub Y N 185 
HIS ND1 HD1  sing N N 186 
HIS CD2 NE2  sing Y N 187 
HIS CD2 HD2  sing N N 188 
HIS CE1 NE2  sing Y N 189 
HIS CE1 HE1  sing N N 190 
HIS NE2 HE2  sing N N 191 
HIS OXT HXT  sing N N 192 
HOH O   H1   sing N N 193 
HOH O   H2   sing N N 194 
ILE N   CA   sing N N 195 
ILE N   H    sing N N 196 
ILE N   H2   sing N N 197 
ILE CA  C    sing N N 198 
ILE CA  CB   sing N N 199 
ILE CA  HA   sing N N 200 
ILE C   O    doub N N 201 
ILE C   OXT  sing N N 202 
ILE CB  CG1  sing N N 203 
ILE CB  CG2  sing N N 204 
ILE CB  HB   sing N N 205 
ILE CG1 CD1  sing N N 206 
ILE CG1 HG12 sing N N 207 
ILE CG1 HG13 sing N N 208 
ILE CG2 HG21 sing N N 209 
ILE CG2 HG22 sing N N 210 
ILE CG2 HG23 sing N N 211 
ILE CD1 HD11 sing N N 212 
ILE CD1 HD12 sing N N 213 
ILE CD1 HD13 sing N N 214 
ILE OXT HXT  sing N N 215 
LEU N   CA   sing N N 216 
LEU N   H    sing N N 217 
LEU N   H2   sing N N 218 
LEU CA  C    sing N N 219 
LEU CA  CB   sing N N 220 
LEU CA  HA   sing N N 221 
LEU C   O    doub N N 222 
LEU C   OXT  sing N N 223 
LEU CB  CG   sing N N 224 
LEU CB  HB2  sing N N 225 
LEU CB  HB3  sing N N 226 
LEU CG  CD1  sing N N 227 
LEU CG  CD2  sing N N 228 
LEU CG  HG   sing N N 229 
LEU CD1 HD11 sing N N 230 
LEU CD1 HD12 sing N N 231 
LEU CD1 HD13 sing N N 232 
LEU CD2 HD21 sing N N 233 
LEU CD2 HD22 sing N N 234 
LEU CD2 HD23 sing N N 235 
LEU OXT HXT  sing N N 236 
LYS N   CA   sing N N 237 
LYS N   H    sing N N 238 
LYS N   H2   sing N N 239 
LYS CA  C    sing N N 240 
LYS CA  CB   sing N N 241 
LYS CA  HA   sing N N 242 
LYS C   O    doub N N 243 
LYS C   OXT  sing N N 244 
LYS CB  CG   sing N N 245 
LYS CB  HB2  sing N N 246 
LYS CB  HB3  sing N N 247 
LYS CG  CD   sing N N 248 
LYS CG  HG2  sing N N 249 
LYS CG  HG3  sing N N 250 
LYS CD  CE   sing N N 251 
LYS CD  HD2  sing N N 252 
LYS CD  HD3  sing N N 253 
LYS CE  NZ   sing N N 254 
LYS CE  HE2  sing N N 255 
LYS CE  HE3  sing N N 256 
LYS NZ  HZ1  sing N N 257 
LYS NZ  HZ2  sing N N 258 
LYS NZ  HZ3  sing N N 259 
LYS OXT HXT  sing N N 260 
MET N   CA   sing N N 261 
MET N   H    sing N N 262 
MET N   H2   sing N N 263 
MET CA  C    sing N N 264 
MET CA  CB   sing N N 265 
MET CA  HA   sing N N 266 
MET C   O    doub N N 267 
MET C   OXT  sing N N 268 
MET CB  CG   sing N N 269 
MET CB  HB2  sing N N 270 
MET CB  HB3  sing N N 271 
MET CG  SD   sing N N 272 
MET CG  HG2  sing N N 273 
MET CG  HG3  sing N N 274 
MET SD  CE   sing N N 275 
MET CE  HE1  sing N N 276 
MET CE  HE2  sing N N 277 
MET CE  HE3  sing N N 278 
MET OXT HXT  sing N N 279 
PHE N   CA   sing N N 280 
PHE N   H    sing N N 281 
PHE N   H2   sing N N 282 
PHE CA  C    sing N N 283 
PHE CA  CB   sing N N 284 
PHE CA  HA   sing N N 285 
PHE C   O    doub N N 286 
PHE C   OXT  sing N N 287 
PHE CB  CG   sing N N 288 
PHE CB  HB2  sing N N 289 
PHE CB  HB3  sing N N 290 
PHE CG  CD1  doub Y N 291 
PHE CG  CD2  sing Y N 292 
PHE CD1 CE1  sing Y N 293 
PHE CD1 HD1  sing N N 294 
PHE CD2 CE2  doub Y N 295 
PHE CD2 HD2  sing N N 296 
PHE CE1 CZ   doub Y N 297 
PHE CE1 HE1  sing N N 298 
PHE CE2 CZ   sing Y N 299 
PHE CE2 HE2  sing N N 300 
PHE CZ  HZ   sing N N 301 
PHE OXT HXT  sing N N 302 
PRO N   CA   sing N N 303 
PRO N   CD   sing N N 304 
PRO N   H    sing N N 305 
PRO CA  C    sing N N 306 
PRO CA  CB   sing N N 307 
PRO CA  HA   sing N N 308 
PRO C   O    doub N N 309 
PRO C   OXT  sing N N 310 
PRO CB  CG   sing N N 311 
PRO CB  HB2  sing N N 312 
PRO CB  HB3  sing N N 313 
PRO CG  CD   sing N N 314 
PRO CG  HG2  sing N N 315 
PRO CG  HG3  sing N N 316 
PRO CD  HD2  sing N N 317 
PRO CD  HD3  sing N N 318 
PRO OXT HXT  sing N N 319 
SER N   CA   sing N N 320 
SER N   H    sing N N 321 
SER N   H2   sing N N 322 
SER CA  C    sing N N 323 
SER CA  CB   sing N N 324 
SER CA  HA   sing N N 325 
SER C   O    doub N N 326 
SER C   OXT  sing N N 327 
SER CB  OG   sing N N 328 
SER CB  HB2  sing N N 329 
SER CB  HB3  sing N N 330 
SER OG  HG   sing N N 331 
SER OXT HXT  sing N N 332 
THR N   CA   sing N N 333 
THR N   H    sing N N 334 
THR N   H2   sing N N 335 
THR CA  C    sing N N 336 
THR CA  CB   sing N N 337 
THR CA  HA   sing N N 338 
THR C   O    doub N N 339 
THR C   OXT  sing N N 340 
THR CB  OG1  sing N N 341 
THR CB  CG2  sing N N 342 
THR CB  HB   sing N N 343 
THR OG1 HG1  sing N N 344 
THR CG2 HG21 sing N N 345 
THR CG2 HG22 sing N N 346 
THR CG2 HG23 sing N N 347 
THR OXT HXT  sing N N 348 
TRP N   CA   sing N N 349 
TRP N   H    sing N N 350 
TRP N   H2   sing N N 351 
TRP CA  C    sing N N 352 
TRP CA  CB   sing N N 353 
TRP CA  HA   sing N N 354 
TRP C   O    doub N N 355 
TRP C   OXT  sing N N 356 
TRP CB  CG   sing N N 357 
TRP CB  HB2  sing N N 358 
TRP CB  HB3  sing N N 359 
TRP CG  CD1  doub Y N 360 
TRP CG  CD2  sing Y N 361 
TRP CD1 NE1  sing Y N 362 
TRP CD1 HD1  sing N N 363 
TRP CD2 CE2  doub Y N 364 
TRP CD2 CE3  sing Y N 365 
TRP NE1 CE2  sing Y N 366 
TRP NE1 HE1  sing N N 367 
TRP CE2 CZ2  sing Y N 368 
TRP CE3 CZ3  doub Y N 369 
TRP CE3 HE3  sing N N 370 
TRP CZ2 CH2  doub Y N 371 
TRP CZ2 HZ2  sing N N 372 
TRP CZ3 CH2  sing Y N 373 
TRP CZ3 HZ3  sing N N 374 
TRP CH2 HH2  sing N N 375 
TRP OXT HXT  sing N N 376 
TYR N   CA   sing N N 377 
TYR N   H    sing N N 378 
TYR N   H2   sing N N 379 
TYR CA  C    sing N N 380 
TYR CA  CB   sing N N 381 
TYR CA  HA   sing N N 382 
TYR C   O    doub N N 383 
TYR C   OXT  sing N N 384 
TYR CB  CG   sing N N 385 
TYR CB  HB2  sing N N 386 
TYR CB  HB3  sing N N 387 
TYR CG  CD1  doub Y N 388 
TYR CG  CD2  sing Y N 389 
TYR CD1 CE1  sing Y N 390 
TYR CD1 HD1  sing N N 391 
TYR CD2 CE2  doub Y N 392 
TYR CD2 HD2  sing N N 393 
TYR CE1 CZ   doub Y N 394 
TYR CE1 HE1  sing N N 395 
TYR CE2 CZ   sing Y N 396 
TYR CE2 HE2  sing N N 397 
TYR CZ  OH   sing N N 398 
TYR OH  HH   sing N N 399 
TYR OXT HXT  sing N N 400 
VAL N   CA   sing N N 401 
VAL N   H    sing N N 402 
VAL N   H2   sing N N 403 
VAL CA  C    sing N N 404 
VAL CA  CB   sing N N 405 
VAL CA  HA   sing N N 406 
VAL C   O    doub N N 407 
VAL C   OXT  sing N N 408 
VAL CB  CG1  sing N N 409 
VAL CB  CG2  sing N N 410 
VAL CB  HB   sing N N 411 
VAL CG1 HG11 sing N N 412 
VAL CG1 HG12 sing N N 413 
VAL CG1 HG13 sing N N 414 
VAL CG2 HG21 sing N N 415 
VAL CG2 HG22 sing N N 416 
VAL CG2 HG23 sing N N 417 
VAL OXT HXT  sing N N 418 
# 
_atom_sites.entry_id                    4NNS 
_atom_sites.fract_transf_matrix[1][1]   -0.01503867 
_atom_sites.fract_transf_matrix[1][2]   -0.00513844 
_atom_sites.fract_transf_matrix[1][3]   0.02635871 
_atom_sites.fract_transf_matrix[2][1]   -0.01604456 
_atom_sites.fract_transf_matrix[2][2]   0.00423636 
_atom_sites.fract_transf_matrix[2][3]   -0.00832820 
_atom_sites.fract_transf_matrix[3][1]   -0.00160007 
_atom_sites.fract_transf_matrix[3][2]   -0.01273533 
_atom_sites.fract_transf_matrix[3][3]   -0.00339556 
_atom_sites.fract_transf_vector[1]      -0.237919 
_atom_sites.fract_transf_vector[2]      0.181761 
_atom_sites.fract_transf_vector[3]      -0.198201 
# 
loop_
_atom_type.symbol 
C 
N 
O 
S 
# 
loop_
_atom_site.group_PDB 
_atom_site.id 
_atom_site.type_symbol 
_atom_site.label_atom_id 
_atom_site.label_alt_id 
_atom_site.label_comp_id 
_atom_site.label_asym_id 
_atom_site.label_entity_id 
_atom_site.label_seq_id 
_atom_site.pdbx_PDB_ins_code 
_atom_site.Cartn_x 
_atom_site.Cartn_y 
_atom_site.Cartn_z 
_atom_site.occupancy 
_atom_site.B_iso_or_equiv 
_atom_site.pdbx_formal_charge 
_atom_site.auth_seq_id 
_atom_site.auth_comp_id 
_atom_site.auth_asym_id 
_atom_site.auth_atom_id 
_atom_site.pdbx_PDB_model_num 
ATOM   1    N N   . SER A 1 19  ? -10.857 -18.889 -10.881 1.00 33.24 ? -2  SER A N   1 
ATOM   2    C CA  . SER A 1 19  ? -9.599  -18.280 -10.471 1.00 30.28 ? -2  SER A CA  1 
ATOM   3    C C   . SER A 1 19  ? -9.304  -17.015 -11.252 1.00 31.12 ? -2  SER A C   1 
ATOM   4    O O   . SER A 1 19  ? -9.626  -16.920 -12.437 1.00 37.88 ? -2  SER A O   1 
ATOM   5    C CB  . SER A 1 19  ? -8.431  -19.247 -10.682 1.00 30.48 ? -2  SER A CB  1 
ATOM   6    O OG  . SER A 1 19  ? -8.611  -20.446 -9.958  1.00 38.30 ? -2  SER A OG  1 
ATOM   7    N N   . HIS A 1 20  ? -8.684  -16.047 -10.584 1.00 26.50 ? -1  HIS A N   1 
ATOM   8    C CA  . HIS A 1 20  ? -8.022  -14.957 -11.292 1.00 31.03 ? -1  HIS A CA  1 
ATOM   9    C C   . HIS A 1 20  ? -6.537  -14.921 -10.936 1.00 36.38 ? -1  HIS A C   1 
ATOM   10   O O   . HIS A 1 20  ? -6.116  -15.499 -9.943  1.00 34.99 ? -1  HIS A O   1 
ATOM   11   C CB  . HIS A 1 20  ? -8.666  -13.608 -10.981 1.00 28.32 ? -1  HIS A CB  1 
ATOM   12   C CG  . HIS A 1 20  ? -8.223  -12.501 -11.893 1.00 33.80 ? -1  HIS A CG  1 
ATOM   13   N ND1 . HIS A 1 20  ? -7.055  -11.798 -11.690 1.00 43.53 ? -1  HIS A ND1 1 
ATOM   14   C CD2 . HIS A 1 20  ? -8.791  -11.970 -13.003 1.00 32.74 ? -1  HIS A CD2 1 
ATOM   15   C CE1 . HIS A 1 20  ? -6.919  -10.886 -12.635 1.00 22.96 ? -1  HIS A CE1 1 
ATOM   16   N NE2 . HIS A 1 20  ? -7.959  -10.970 -13.446 1.00 36.52 ? -1  HIS A NE2 1 
ATOM   17   N N   . MET A 1 21  ? -5.756  -14.255 -11.780 1.00 42.20 ? 0   MET A N   1 
ATOM   18   C CA  . MET A 1 21  ? -4.330  -14.014 -11.564 1.00 35.12 ? 0   MET A CA  1 
ATOM   19   C C   . MET A 1 21  ? -4.092  -13.249 -10.256 1.00 36.76 ? 0   MET A C   1 
ATOM   20   O O   . MET A 1 21  ? -3.091  -13.468 -9.574  1.00 30.71 ? 0   MET A O   1 
ATOM   21   C CB  . MET A 1 21  ? -3.759  -13.258 -12.780 1.00 32.11 ? 0   MET A CB  1 
ATOM   22   C CG  . MET A 1 21  ? -2.295  -12.892 -12.714 1.00 23.73 ? 0   MET A CG  1 
ATOM   23   S SD  . MET A 1 21  ? -2.077  -11.253 -12.010 1.00 32.38 ? 0   MET A SD  1 
ATOM   24   C CE  . MET A 1 21  ? -2.685  -10.222 -13.347 1.00 32.74 ? 0   MET A CE  1 
ATOM   25   N N   . CYS A 1 22  ? -5.038  -12.372 -9.914  1.00 31.75 ? 1   CYS A N   1 
ATOM   26   C CA  . CYS A 1 22  ? -5.004  -11.540 -8.709  1.00 27.21 ? 1   CYS A CA  1 
ATOM   27   C C   . CYS A 1 22  ? -5.051  -12.390 -7.440  1.00 19.90 ? 1   CYS A C   1 
ATOM   28   O O   . CYS A 1 22  ? -4.773  -11.909 -6.339  1.00 19.20 ? 1   CYS A O   1 
ATOM   29   C CB  . CYS A 1 22  ? -6.187  -10.567 -8.724  1.00 33.67 ? 1   CYS A CB  1 
ATOM   30   S SG  . CYS A 1 22  ? -5.810  -8.827  -8.349  1.00 37.84 ? 1   CYS A SG  1 
ATOM   31   N N   . ASP A 1 23  ? -5.401  -13.663 -7.602  1.00 17.85 ? 2   ASP A N   1 
ATOM   32   C CA  . ASP A 1 23  ? -5.445  -14.589 -6.479  1.00 18.20 ? 2   ASP A CA  1 
ATOM   33   C C   . ASP A 1 23  ? -4.059  -14.807 -5.880  1.00 20.62 ? 2   ASP A C   1 
ATOM   34   O O   . ASP A 1 23  ? -3.938  -15.229 -4.734  1.00 18.80 ? 2   ASP A O   1 
ATOM   35   C CB  . ASP A 1 23  ? -6.065  -15.929 -6.891  1.00 24.26 ? 2   ASP A CB  1 
ATOM   36   C CG  . ASP A 1 23  ? -7.539  -15.809 -7.248  1.00 27.81 ? 2   ASP A CG  1 
ATOM   37   O OD1 . ASP A 1 23  ? -8.149  -14.754 -6.965  1.00 31.90 ? 2   ASP A OD1 1 
ATOM   38   O OD2 . ASP A 1 23  ? -8.091  -16.783 -7.800  1.00 35.92 ? 2   ASP A OD2 1 
ATOM   39   N N   . ALA A 1 24  ? -3.016  -14.504 -6.648  1.00 16.53 ? 3   ALA A N   1 
ATOM   40   C CA  . ALA A 1 24  ? -1.648  -14.594 -6.144  1.00 16.73 ? 3   ALA A CA  1 
ATOM   41   C C   . ALA A 1 24  ? -1.400  -13.642 -4.972  1.00 13.41 ? 3   ALA A C   1 
ATOM   42   O O   . ALA A 1 24  ? -0.515  -13.875 -4.150  1.00 15.03 ? 3   ALA A O   1 
ATOM   43   C CB  . ALA A 1 24  ? -0.651  -14.319 -7.259  1.00 20.41 ? 3   ALA A CB  1 
ATOM   44   N N   . PHE A 1 25  ? -2.167  -12.564 -4.904  1.00 13.03 ? 4   PHE A N   1 
ATOM   45   C CA  . PHE A 1 25  ? -1.992  -11.594 -3.833  1.00 9.52  ? 4   PHE A CA  1 
ATOM   46   C C   . PHE A 1 25  ? -2.787  -11.961 -2.592  1.00 10.96 ? 4   PHE A C   1 
ATOM   47   O O   . PHE A 1 25  ? -2.535  -11.436 -1.511  1.00 10.20 ? 4   PHE A O   1 
ATOM   48   C CB  . PHE A 1 25  ? -2.433  -10.204 -4.299  1.00 11.72 ? 4   PHE A CB  1 
ATOM   49   C CG  . PHE A 1 25  ? -1.542  -9.602  -5.338  1.00 10.77 ? 4   PHE A CG  1 
ATOM   50   C CD1 . PHE A 1 25  ? -0.379  -8.947  -4.975  1.00 11.62 ? 4   PHE A CD1 1 
ATOM   51   C CD2 . PHE A 1 25  ? -1.875  -9.672  -6.675  1.00 12.94 ? 4   PHE A CD2 1 
ATOM   52   C CE1 . PHE A 1 25  ? 0.443   -8.383  -5.934  1.00 10.61 ? 4   PHE A CE1 1 
ATOM   53   C CE2 . PHE A 1 25  ? -1.059  -9.115  -7.638  1.00 16.11 ? 4   PHE A CE2 1 
ATOM   54   C CZ  . PHE A 1 25  ? 0.096   -8.468  -7.272  1.00 13.12 ? 4   PHE A CZ  1 
ATOM   55   N N   . VAL A 1 26  ? -3.753  -12.853 -2.741  1.00 11.37 ? 5   VAL A N   1 
ATOM   56   C CA  . VAL A 1 26  ? -4.691  -13.122 -1.665  1.00 9.63  ? 5   VAL A CA  1 
ATOM   57   C C   . VAL A 1 26  ? -4.023  -13.817 -0.498  1.00 11.39 ? 5   VAL A C   1 
ATOM   58   O O   . VAL A 1 26  ? -3.231  -14.739 -0.683  1.00 13.19 ? 5   VAL A O   1 
ATOM   59   C CB  . VAL A 1 26  ? -5.897  -13.928 -2.188  1.00 12.94 ? 5   VAL A CB  1 
ATOM   60   C CG1 . VAL A 1 26  ? -6.751  -14.470 -1.044  1.00 14.15 ? 5   VAL A CG1 1 
ATOM   61   C CG2 . VAL A 1 26  ? -6.718  -13.045 -3.120  1.00 10.85 ? 5   VAL A CG2 1 
ATOM   62   N N   . GLY A 1 27  ? -4.315  -13.345 0.706   1.00 12.63 ? 6   GLY A N   1 
ATOM   63   C CA  . GLY A 1 27  ? -3.804  -13.994 1.892   1.00 11.62 ? 6   GLY A CA  1 
ATOM   64   C C   . GLY A 1 27  ? -3.436  -13.005 2.968   1.00 11.60 ? 6   GLY A C   1 
ATOM   65   O O   . GLY A 1 27  ? -3.780  -11.823 2.899   1.00 11.70 ? 6   GLY A O   1 
ATOM   66   N N   . THR A 1 28  ? -2.735  -13.504 3.977   1.00 12.62 ? 7   THR A N   1 
ATOM   67   C CA  . THR A 1 28  ? -2.305  -12.687 5.090   1.00 13.61 ? 7   THR A CA  1 
ATOM   68   C C   . THR A 1 28  ? -0.791  -12.602 5.055   1.00 11.88 ? 7   THR A C   1 
ATOM   69   O O   . THR A 1 28  ? -0.100  -13.627 5.000   1.00 12.62 ? 7   THR A O   1 
ATOM   70   C CB  . THR A 1 28  ? -2.774  -13.273 6.428   1.00 16.99 ? 7   THR A CB  1 
ATOM   71   O OG1 . THR A 1 28  ? -4.199  -13.415 6.408   1.00 24.73 ? 7   THR A OG1 1 
ATOM   72   C CG2 . THR A 1 28  ? -2.390  -12.353 7.570   1.00 19.82 ? 7   THR A CG2 1 
ATOM   73   N N   . TRP A 1 29  ? -0.287  -11.372 5.070   1.00 10.18 ? 8   TRP A N   1 
ATOM   74   C CA  . TRP A 1 29  ? 1.121   -11.087 4.865   1.00 8.73  ? 8   TRP A CA  1 
ATOM   75   C C   . TRP A 1 29  ? 1.634   -10.295 6.054   1.00 12.27 ? 8   TRP A C   1 
ATOM   76   O O   . TRP A 1 29  ? 0.904   -9.484  6.625   1.00 13.41 ? 8   TRP A O   1 
ATOM   77   C CB  . TRP A 1 29  ? 1.294   -10.251 3.595   1.00 9.87  ? 8   TRP A CB  1 
ATOM   78   C CG  . TRP A 1 29  ? 0.758   -10.903 2.352   1.00 9.49  ? 8   TRP A CG  1 
ATOM   79   C CD1 . TRP A 1 29  ? -0.507  -10.780 1.823   1.00 10.39 ? 8   TRP A CD1 1 
ATOM   80   C CD2 . TRP A 1 29  ? 1.475   -11.773 1.478   1.00 8.23  ? 8   TRP A CD2 1 
ATOM   81   N NE1 . TRP A 1 29  ? -0.609  -11.535 0.672   1.00 9.25  ? 8   TRP A NE1 1 
ATOM   82   C CE2 . TRP A 1 29  ? 0.593   -12.151 0.441   1.00 9.24  ? 8   TRP A CE2 1 
ATOM   83   C CE3 . TRP A 1 29  ? 2.780   -12.279 1.475   1.00 9.56  ? 8   TRP A CE3 1 
ATOM   84   C CZ2 . TRP A 1 29  ? 0.981   -13.002 -0.595  1.00 9.17  ? 8   TRP A CZ2 1 
ATOM   85   C CZ3 . TRP A 1 29  ? 3.163   -13.127 0.447   1.00 10.98 ? 8   TRP A CZ3 1 
ATOM   86   C CH2 . TRP A 1 29  ? 2.266   -13.481 -0.568  1.00 10.29 ? 8   TRP A CH2 1 
ATOM   87   N N   . LYS A 1 30  ? 2.891   -10.521 6.418   1.00 10.76 ? 9   LYS A N   1 
ATOM   88   C CA  . LYS A 1 30  ? 3.505   -9.790  7.514   1.00 9.49  ? 9   LYS A CA  1 
ATOM   89   C C   . LYS A 1 30  ? 4.773   -9.084  7.042   1.00 10.06 ? 9   LYS A C   1 
ATOM   90   O O   . LYS A 1 30  ? 5.565   -9.642  6.280   1.00 11.06 ? 9   LYS A O   1 
ATOM   91   C CB  . LYS A 1 30  ? 3.810   -10.728 8.687   1.00 13.61 ? 9   LYS A CB  1 
ATOM   92   C CG  . LYS A 1 30  ? 4.796   -11.824 8.370   1.00 18.80 ? 9   LYS A CG  1 
ATOM   93   C CD  . LYS A 1 30  ? 5.196   -12.578 9.628   1.00 32.00 ? 9   LYS A CD  1 
ATOM   94   C CE  . LYS A 1 30  ? 6.127   -13.728 9.299   1.00 29.36 ? 9   LYS A CE  1 
ATOM   95   N NZ  . LYS A 1 30  ? 5.465   -14.716 8.407   1.00 35.72 ? 9   LYS A NZ  1 
ATOM   96   N N   . LEU A 1 31  ? 4.958   -7.848  7.493   1.00 10.17 ? 10  LEU A N   1 
ATOM   97   C CA  . LEU A 1 31  ? 6.121   -7.060  7.097   1.00 10.38 ? 10  LEU A CA  1 
ATOM   98   C C   . LEU A 1 31  ? 7.395   -7.642  7.680   1.00 11.66 ? 10  LEU A C   1 
ATOM   99   O O   . LEU A 1 31  ? 7.491   -7.829  8.895   1.00 15.26 ? 10  LEU A O   1 
ATOM   100  C CB  . LEU A 1 31  ? 5.988   -5.615  7.586   1.00 10.36 ? 10  LEU A CB  1 
ATOM   101  C CG  . LEU A 1 31  ? 7.165   -4.735  7.170   1.00 9.02  ? 10  LEU A CG  1 
ATOM   102  C CD1 . LEU A 1 31  ? 7.017   -4.375  5.705   1.00 10.65 ? 10  LEU A CD1 1 
ATOM   103  C CD2 . LEU A 1 31  ? 7.274   -3.489  8.040   1.00 16.06 ? 10  LEU A CD2 1 
ATOM   104  N N   . VAL A 1 32  ? 8.381   -7.908  6.831   1.00 10.81 ? 11  VAL A N   1 
ATOM   105  C CA  . VAL A 1 32  ? 9.654   -8.445  7.309   1.00 11.15 ? 11  VAL A CA  1 
ATOM   106  C C   . VAL A 1 32  ? 10.838  -7.505  7.079   1.00 13.89 ? 11  VAL A C   1 
ATOM   107  O O   . VAL A 1 32  ? 11.859  -7.611  7.761   1.00 16.51 ? 11  VAL A O   1 
ATOM   108  C CB  . VAL A 1 32  ? 9.954   -9.848  6.728   1.00 13.34 ? 11  VAL A CB  1 
ATOM   109  C CG1 . VAL A 1 32  ? 8.886   -10.832 7.165   1.00 15.26 ? 11  VAL A CG1 1 
ATOM   110  C CG2 . VAL A 1 32  ? 10.051  -9.809  5.217   1.00 15.22 ? 11  VAL A CG2 1 
ATOM   111  N N   . SER A 1 33  ? 10.714  -6.586  6.129   1.00 11.46 ? 12  SER A N   1 
ATOM   112  C CA  . SER A 1 33  ? 11.754  -5.578  5.943   1.00 10.71 ? 12  SER A CA  1 
ATOM   113  C C   . SER A 1 33  ? 11.210  -4.284  5.343   1.00 12.59 ? 12  SER A C   1 
ATOM   114  O O   . SER A 1 33  ? 10.224  -4.298  4.603   1.00 10.94 ? 12  SER A O   1 
ATOM   115  C CB  . SER A 1 33  ? 12.916  -6.113  5.102   1.00 14.28 ? 12  SER A CB  1 
ATOM   116  O OG  . SER A 1 33  ? 12.587  -6.184  3.733   1.00 16.34 ? 12  SER A OG  1 
ATOM   117  N N   . SER A 1 34  ? 11.848  -3.169  5.683   1.00 12.99 ? 13  SER A N   1 
ATOM   118  C CA  . SER A 1 34  ? 11.446  -1.856  5.181   1.00 12.75 ? 13  SER A CA  1 
ATOM   119  C C   . SER A 1 34  ? 12.689  -1.009  4.956   1.00 14.88 ? 13  SER A C   1 
ATOM   120  O O   . SER A 1 34  ? 13.543  -0.899  5.841   1.00 17.34 ? 13  SER A O   1 
ATOM   121  C CB  . SER A 1 34  ? 10.506  -1.162  6.170   1.00 13.47 ? 13  SER A CB  1 
ATOM   122  O OG  . SER A 1 34  ? 10.056  0.090   5.675   1.00 13.08 ? 13  SER A OG  1 
ATOM   123  N N   . GLU A 1 35  ? 12.802  -0.419  3.773   1.00 12.31 ? 14  GLU A N   1 
ATOM   124  C CA  . GLU A 1 35  ? 13.933  0.445   3.468   1.00 14.78 ? 14  GLU A CA  1 
ATOM   125  C C   . GLU A 1 35  ? 13.436  1.799   2.994   1.00 12.88 ? 14  GLU A C   1 
ATOM   126  O O   . GLU A 1 35  ? 12.530  1.876   2.160   1.00 12.75 ? 14  GLU A O   1 
ATOM   127  C CB  . GLU A 1 35  ? 14.823  -0.186  2.391   1.00 20.69 ? 14  GLU A CB  1 
ATOM   128  C CG  . GLU A 1 35  ? 15.571  -1.440  2.831   1.00 30.06 ? 14  GLU A CG  1 
ATOM   129  C CD  . GLU A 1 35  ? 16.818  -1.130  3.646   1.00 42.90 ? 14  GLU A CD  1 
ATOM   130  O OE1 . GLU A 1 35  ? 17.339  0.004   3.545   1.00 38.16 ? 14  GLU A OE1 1 
ATOM   131  O OE2 . GLU A 1 35  ? 17.279  -2.024  4.388   1.00 48.53 ? 14  GLU A OE2 1 
ATOM   132  N N   . ASN A 1 36  ? 14.027  2.862   3.538   1.00 12.50 ? 15  ASN A N   1 
ATOM   133  C CA  . ASN A 1 36  ? 13.779  4.236   3.096   1.00 12.44 ? 15  ASN A CA  1 
ATOM   134  C C   . ASN A 1 36  ? 12.348  4.742   3.293   1.00 9.39  ? 15  ASN A C   1 
ATOM   135  O O   . ASN A 1 36  ? 11.941  5.737   2.689   1.00 10.70 ? 15  ASN A O   1 
ATOM   136  C CB  . ASN A 1 36  ? 14.228  4.423   1.643   1.00 12.91 ? 15  ASN A CB  1 
ATOM   137  C CG  . ASN A 1 36  ? 15.678  4.041   1.436   1.00 20.56 ? 15  ASN A CG  1 
ATOM   138  O OD1 . ASN A 1 36  ? 15.997  3.185   0.615   1.00 30.68 ? 15  ASN A OD1 1 
ATOM   139  N ND2 . ASN A 1 36  ? 16.564  4.667   2.197   1.00 24.22 ? 15  ASN A ND2 1 
ATOM   140  N N   . PHE A 1 37  ? 11.596  4.076   4.163   1.00 9.11  ? 16  PHE A N   1 
ATOM   141  C CA  . PHE A 1 37  ? 10.213  4.475   4.426   1.00 9.27  ? 16  PHE A CA  1 
ATOM   142  C C   . PHE A 1 37  ? 10.114  5.858   5.090   1.00 9.40  ? 16  PHE A C   1 
ATOM   143  O O   . PHE A 1 37  ? 9.193   6.616   4.804   1.00 9.58  ? 16  PHE A O   1 
ATOM   144  C CB  . PHE A 1 37  ? 9.507   3.408   5.269   1.00 8.42  ? 16  PHE A CB  1 
ATOM   145  C CG  . PHE A 1 37  ? 8.004   3.545   5.307   1.00 8.80  ? 16  PHE A CG  1 
ATOM   146  C CD1 . PHE A 1 37  ? 7.274   3.603   4.135   1.00 8.12  ? 16  PHE A CD1 1 
ATOM   147  C CD2 . PHE A 1 37  ? 7.329   3.587   6.516   1.00 8.87  ? 16  PHE A CD2 1 
ATOM   148  C CE1 . PHE A 1 37  ? 5.885   3.712   4.165   1.00 12.88 ? 16  PHE A CE1 1 
ATOM   149  C CE2 . PHE A 1 37  ? 5.946   3.692   6.553   1.00 9.03  ? 16  PHE A CE2 1 
ATOM   150  C CZ  . PHE A 1 37  ? 5.227   3.765   5.373   1.00 9.83  ? 16  PHE A CZ  1 
ATOM   151  N N   . ASP A 1 38  ? 11.051  6.199   5.973   1.00 11.64 ? 17  ASP A N   1 
ATOM   152  C CA  . ASP A 1 38  ? 11.005  7.529   6.584   1.00 10.35 ? 17  ASP A CA  1 
ATOM   153  C C   . ASP A 1 38  ? 11.167  8.619   5.529   1.00 10.95 ? 17  ASP A C   1 
ATOM   154  O O   . ASP A 1 38  ? 10.448  9.620   5.542   1.00 10.65 ? 17  ASP A O   1 
ATOM   155  C CB  . ASP A 1 38  ? 12.068  7.683   7.676   1.00 14.51 ? 17  ASP A CB  1 
ATOM   156  C CG  . ASP A 1 38  ? 11.981  9.018   8.383   1.00 18.85 ? 17  ASP A CG  1 
ATOM   157  O OD1 . ASP A 1 38  ? 12.956  9.800   8.313   1.00 29.53 ? 17  ASP A OD1 1 
ATOM   158  O OD2 . ASP A 1 38  ? 10.934  9.297   9.005   1.00 19.73 ? 17  ASP A OD2 1 
ATOM   159  N N   . ASP A 1 39  ? 12.099  8.421   4.605   1.00 10.79 ? 18  ASP A N   1 
ATOM   160  C CA  . ASP A 1 39  ? 12.314  9.408   3.554   1.00 11.15 ? 18  ASP A CA  1 
ATOM   161  C C   . ASP A 1 39  ? 11.128  9.480   2.590   1.00 11.19 ? 18  ASP A C   1 
ATOM   162  O O   . ASP A 1 39  ? 10.778  10.555  2.098   1.00 13.81 ? 18  ASP A O   1 
ATOM   163  C CB  . ASP A 1 39  ? 13.608  9.123   2.794   1.00 15.83 ? 18  ASP A CB  1 
ATOM   164  C CG  . ASP A 1 39  ? 14.845  9.531   3.582   1.00 23.15 ? 18  ASP A CG  1 
ATOM   165  O OD1 . ASP A 1 39  ? 14.713  10.300  4.558   1.00 29.07 ? 18  ASP A OD1 1 
ATOM   166  O OD2 . ASP A 1 39  ? 15.949  9.090   3.217   1.00 29.12 ? 18  ASP A OD2 1 
ATOM   167  N N   . TYR A 1 40  ? 10.505  8.334   2.321   1.00 8.92  ? 19  TYR A N   1 
ATOM   168  C CA  . TYR A 1 40  ? 9.296   8.335   1.519   1.00 8.24  ? 19  TYR A CA  1 
ATOM   169  C C   . TYR A 1 40  ? 8.232   9.157   2.225   1.00 7.82  ? 19  TYR A C   1 
ATOM   170  O O   . TYR A 1 40  ? 7.606   10.025  1.619   1.00 9.27  ? 19  TYR A O   1 
ATOM   171  C CB  . TYR A 1 40  ? 8.796   6.906   1.263   1.00 9.06  ? 19  TYR A CB  1 
ATOM   172  C CG  . TYR A 1 40  ? 7.394   6.865   0.699   1.00 7.65  ? 19  TYR A CG  1 
ATOM   173  C CD1 . TYR A 1 40  ? 7.156   7.132   -0.643  1.00 8.83  ? 19  TYR A CD1 1 
ATOM   174  C CD2 . TYR A 1 40  ? 6.308   6.583   1.518   1.00 8.04  ? 19  TYR A CD2 1 
ATOM   175  C CE1 . TYR A 1 40  ? 5.870   7.106   -1.157  1.00 8.27  ? 19  TYR A CE1 1 
ATOM   176  C CE2 . TYR A 1 40  ? 5.023   6.558   1.018   1.00 9.35  ? 19  TYR A CE2 1 
ATOM   177  C CZ  . TYR A 1 40  ? 4.809   6.820   -0.313  1.00 8.00  ? 19  TYR A CZ  1 
ATOM   178  O OH  . TYR A 1 40  ? 3.527   6.790   -0.789  1.00 8.96  ? 19  TYR A OH  1 
ATOM   179  N N   . MET A 1 41  ? 8.032   8.897   3.512   1.00 8.37  ? 20  MET A N   1 
ATOM   180  C CA  . MET A 1 41  ? 7.037   9.649   4.263   1.00 9.43  ? 20  MET A CA  1 
ATOM   181  C C   . MET A 1 41  ? 7.348   11.142  4.319   1.00 8.47  ? 20  MET A C   1 
ATOM   182  O O   . MET A 1 41  ? 6.435   11.959  4.236   1.00 9.04  ? 20  MET A O   1 
ATOM   183  C CB  . MET A 1 41  ? 6.854   9.081   5.668   1.00 7.34  ? 20  MET A CB  1 
ATOM   184  C CG  . MET A 1 41  ? 6.075   7.765   5.688   1.00 9.67  ? 20  MET A CG  1 
ATOM   185  S SD  . MET A 1 41  ? 5.715   7.232   7.370   1.00 10.15 ? 20  MET A SD  1 
ATOM   186  C CE  . MET A 1 41  ? 7.358   6.824   7.953   1.00 12.45 ? 20  MET A CE  1 
ATOM   187  N N   . LYS A 1 42  ? 8.626   11.495  4.439   1.00 10.17 ? 21  LYS A N   1 
ATOM   188  C CA  . LYS A 1 42  ? 9.003   12.913  4.443   1.00 11.49 ? 21  LYS A CA  1 
ATOM   189  C C   . LYS A 1 42  ? 8.588   13.561  3.138   1.00 12.28 ? 21  LYS A C   1 
ATOM   190  O O   . LYS A 1 42  ? 8.041   14.668  3.128   1.00 13.80 ? 21  LYS A O   1 
ATOM   191  C CB  . LYS A 1 42  ? 10.511  13.099  4.633   1.00 14.99 ? 21  LYS A CB  1 
ATOM   192  C CG  . LYS A 1 42  ? 11.030  12.776  6.017   1.00 16.42 ? 21  LYS A CG  1 
ATOM   193  C CD  . LYS A 1 42  ? 12.488  13.187  6.159   1.00 18.76 ? 21  LYS A CD  1 
ATOM   194  C CE  . LYS A 1 42  ? 12.988  12.923  7.562   1.00 27.59 ? 21  LYS A CE  1 
ATOM   195  N NZ  . LYS A 1 42  ? 14.410  13.328  7.731   1.00 45.56 ? 21  LYS A NZ  1 
ATOM   196  N N   . GLU A 1 43  ? 8.828   12.856  2.036   1.00 12.21 ? 22  GLU A N   1 
ATOM   197  C CA  . GLU A 1 43  ? 8.540   13.400  0.718   1.00 11.91 ? 22  GLU A CA  1 
ATOM   198  C C   . GLU A 1 43  ? 7.033   13.560  0.531   1.00 10.10 ? 22  GLU A C   1 
ATOM   199  O O   . GLU A 1 43  ? 6.579   14.499  -0.112  1.00 14.53 ? 22  GLU A O   1 
ATOM   200  C CB  . GLU A 1 43  ? 9.151   12.509  -0.366  1.00 18.62 ? 22  GLU A CB  1 
ATOM   201  C CG  . GLU A 1 43  ? 9.436   13.210  -1.687  1.00 24.34 ? 22  GLU A CG  1 
ATOM   202  C CD  . GLU A 1 43  ? 10.626  14.155  -1.626  1.00 23.92 ? 22  GLU A CD  1 
ATOM   203  O OE1 . GLU A 1 43  ? 11.280  14.242  -0.566  1.00 24.40 ? 22  GLU A OE1 1 
ATOM   204  O OE2 . GLU A 1 43  ? 10.910  14.808  -2.650  1.00 37.13 ? 22  GLU A OE2 1 
ATOM   205  N N   . VAL A 1 44  ? 6.264   12.641  1.113   1.00 11.82 ? 23  VAL A N   1 
ATOM   206  C CA  . VAL A 1 44  ? 4.807   12.684  1.056   1.00 10.49 ? 23  VAL A CA  1 
ATOM   207  C C   . VAL A 1 44  ? 4.238   13.860  1.856   1.00 11.53 ? 23  VAL A C   1 
ATOM   208  O O   . VAL A 1 44  ? 3.183   14.402  1.522   1.00 14.04 ? 23  VAL A O   1 
ATOM   209  C CB  . VAL A 1 44  ? 4.193   11.337  1.530   1.00 12.17 ? 23  VAL A CB  1 
ATOM   210  C CG1 . VAL A 1 44  ? 2.710   11.474  1.839   1.00 12.22 ? 23  VAL A CG1 1 
ATOM   211  C CG2 . VAL A 1 44  ? 4.404   10.269  0.474   1.00 11.42 ? 23  VAL A CG2 1 
ATOM   212  N N   . GLY A 1 45  ? 4.964   14.259  2.898   1.00 11.15 ? 24  GLY A N   1 
ATOM   213  C CA  . GLY A 1 45  ? 4.555   15.361  3.755   1.00 12.10 ? 24  GLY A CA  1 
ATOM   214  C C   . GLY A 1 45  ? 4.112   14.962  5.155   1.00 11.81 ? 24  GLY A C   1 
ATOM   215  O O   . GLY A 1 45  ? 3.518   15.757  5.885   1.00 14.77 ? 24  GLY A O   1 
ATOM   216  N N   . VAL A 1 46  ? 4.403   13.728  5.543   1.00 11.44 ? 25  VAL A N   1 
ATOM   217  C CA  . VAL A 1 46  ? 3.996   13.235  6.851   1.00 8.15  ? 25  VAL A CA  1 
ATOM   218  C C   . VAL A 1 46  ? 4.765   13.935  7.970   1.00 10.75 ? 25  VAL A C   1 
ATOM   219  O O   . VAL A 1 46  ? 5.985   14.097  7.891   1.00 11.15 ? 25  VAL A O   1 
ATOM   220  C CB  . VAL A 1 46  ? 4.204   11.710  6.929   1.00 8.90  ? 25  VAL A CB  1 
ATOM   221  C CG1 . VAL A 1 46  ? 3.653   11.151  8.228   1.00 9.21  ? 25  VAL A CG1 1 
ATOM   222  C CG2 . VAL A 1 46  ? 3.538   11.037  5.727   1.00 9.42  ? 25  VAL A CG2 1 
ATOM   223  N N   . GLY A 1 47  ? 4.041   14.341  9.008   1.00 11.33 ? 26  GLY A N   1 
ATOM   224  C CA  . GLY A 1 47  ? 4.637   15.049  10.131  1.00 11.11 ? 26  GLY A CA  1 
ATOM   225  C C   . GLY A 1 47  ? 5.532   14.170  10.976  1.00 11.67 ? 26  GLY A C   1 
ATOM   226  O O   . GLY A 1 47  ? 5.425   12.950  10.931  1.00 12.79 ? 26  GLY A O   1 
ATOM   227  N N   . PHE A 1 48  ? 6.408   14.800  11.757  1.00 10.76 ? 27  PHE A N   1 
ATOM   228  C CA  . PHE A 1 48  ? 7.404   14.098  12.560  1.00 10.43 ? 27  PHE A CA  1 
ATOM   229  C C   . PHE A 1 48  ? 6.850   12.953  13.407  1.00 11.40 ? 27  PHE A C   1 
ATOM   230  O O   . PHE A 1 48  ? 7.308   11.815  13.288  1.00 11.57 ? 27  PHE A O   1 
ATOM   231  C CB  . PHE A 1 48  ? 8.146   15.101  13.465  1.00 10.91 ? 27  PHE A CB  1 
ATOM   232  C CG  . PHE A 1 48  ? 9.184   14.466  14.351  1.00 9.88  ? 27  PHE A CG  1 
ATOM   233  C CD1 . PHE A 1 48  ? 10.486  14.314  13.907  1.00 11.89 ? 27  PHE A CD1 1 
ATOM   234  C CD2 . PHE A 1 48  ? 8.857   14.003  15.621  1.00 15.19 ? 27  PHE A CD2 1 
ATOM   235  C CE1 . PHE A 1 48  ? 11.449  13.708  14.710  1.00 15.94 ? 27  PHE A CE1 1 
ATOM   236  C CE2 . PHE A 1 48  ? 9.813   13.397  16.419  1.00 14.05 ? 27  PHE A CE2 1 
ATOM   237  C CZ  . PHE A 1 48  ? 11.107  13.254  15.965  1.00 14.27 ? 27  PHE A CZ  1 
ATOM   238  N N   . ALA A 1 49  ? 5.887   13.256  14.271  1.00 12.60 ? 28  ALA A N   1 
ATOM   239  C CA  . ALA A 1 49  ? 5.411   12.263  15.232  1.00 11.27 ? 28  ALA A CA  1 
ATOM   240  C C   . ALA A 1 49  ? 4.739   11.083  14.536  1.00 11.14 ? 28  ALA A C   1 
ATOM   241  O O   . ALA A 1 49  ? 4.931   9.930   14.924  1.00 11.57 ? 28  ALA A O   1 
ATOM   242  C CB  . ALA A 1 49  ? 4.484   12.905  16.258  1.00 12.02 ? 28  ALA A CB  1 
ATOM   243  N N   . THR A 1 50  ? 3.968   11.376  13.494  1.00 10.56 ? 29  THR A N   1 
ATOM   244  C CA  . THR A 1 50  ? 3.347   10.324  12.700  1.00 10.24 ? 29  THR A CA  1 
ATOM   245  C C   . THR A 1 50  ? 4.402   9.465   11.994  1.00 11.25 ? 29  THR A C   1 
ATOM   246  O O   . THR A 1 50  ? 4.293   8.235   11.973  1.00 9.85  ? 29  THR A O   1 
ATOM   247  C CB  . THR A 1 50  ? 2.333   10.912  11.683  1.00 8.25  ? 29  THR A CB  1 
ATOM   248  O OG1 . THR A 1 50  ? 1.313   11.625  12.388  1.00 14.97 ? 29  THR A OG1 1 
ATOM   249  C CG2 . THR A 1 50  ? 1.674   9.813   10.873  1.00 12.00 ? 29  THR A CG2 1 
ATOM   250  N N   . ARG A 1 51  ? 5.438   10.091  11.435  1.00 9.90  ? 30  ARG A N   1 
ATOM   251  C CA  . ARG A 1 51  ? 6.513   9.324   10.803  1.00 8.43  ? 30  ARG A CA  1 
ATOM   252  C C   . ARG A 1 51  ? 7.176   8.375   11.774  1.00 11.16 ? 30  ARG A C   1 
ATOM   253  O O   . ARG A 1 51  ? 7.473   7.242   11.426  1.00 10.86 ? 30  ARG A O   1 
ATOM   254  C CB  . ARG A 1 51  ? 7.600   10.217  10.202  1.00 11.08 ? 30  ARG A CB  1 
ATOM   255  C CG  . ARG A 1 51  ? 7.207   10.942  8.945   1.00 13.59 ? 30  ARG A CG  1 
ATOM   256  C CD  . ARG A 1 51  ? 8.446   11.307  8.133   1.00 12.80 ? 30  ARG A CD  1 
ATOM   257  N NE  . ARG A 1 51  ? 9.531   11.842  8.951   1.00 12.25 ? 30  ARG A NE  1 
ATOM   258  C CZ  . ARG A 1 51  ? 9.617   13.109  9.348   1.00 11.97 ? 30  ARG A CZ  1 
ATOM   259  N NH1 . ARG A 1 51  ? 8.671   13.981  9.022   1.00 12.96 ? 30  ARG A NH1 1 
ATOM   260  N NH2 . ARG A 1 51  ? 10.656  13.498  10.086  1.00 14.51 ? 30  ARG A NH2 1 
ATOM   261  N N   . LYS A 1 52  ? 7.421   8.841   12.991  1.00 9.30  ? 31  LYS A N   1 
ATOM   262  C CA  . LYS A 1 52  ? 8.134   8.017   13.953  1.00 10.74 ? 31  LYS A CA  1 
ATOM   263  C C   . LYS A 1 52  ? 7.301   6.802   14.336  1.00 11.44 ? 31  LYS A C   1 
ATOM   264  O O   . LYS A 1 52  ? 7.802   5.679   14.357  1.00 12.71 ? 31  LYS A O   1 
ATOM   265  C CB  . LYS A 1 52  ? 8.522   8.831   15.190  1.00 9.50  ? 31  LYS A CB  1 
ATOM   266  C CG  . LYS A 1 52  ? 9.537   9.931   14.903  1.00 11.84 ? 31  LYS A CG  1 
ATOM   267  C CD  . LYS A 1 52  ? 10.813  9.359   14.306  1.00 17.76 ? 31  LYS A CD  1 
ATOM   268  C CE  . LYS A 1 52  ? 11.575  10.427  13.541  1.00 21.50 ? 31  LYS A CE  1 
ATOM   269  N NZ  . LYS A 1 52  ? 12.698  9.865   12.741  1.00 30.86 ? 31  LYS A NZ  1 
ATOM   270  N N   . VAL A 1 53  ? 6.025   7.025   14.616  1.00 8.35  ? 32  VAL A N   1 
ATOM   271  C CA  . VAL A 1 53  ? 5.153   5.939   15.053  1.00 7.88  ? 32  VAL A CA  1 
ATOM   272  C C   . VAL A 1 53  ? 4.812   5.005   13.883  1.00 9.45  ? 32  VAL A C   1 
ATOM   273  O O   . VAL A 1 53  ? 4.826   3.780   14.038  1.00 10.75 ? 32  VAL A O   1 
ATOM   274  C CB  . VAL A 1 53  ? 3.887   6.480   15.752  1.00 12.06 ? 32  VAL A CB  1 
ATOM   275  C CG1 . VAL A 1 53  ? 2.934   5.357   16.087  1.00 14.97 ? 32  VAL A CG1 1 
ATOM   276  C CG2 . VAL A 1 53  ? 4.277   7.220   17.021  1.00 13.54 ? 32  VAL A CG2 1 
ATOM   277  N N   . ALA A 1 54  ? 4.534   5.570   12.712  1.00 9.45  ? 33  ALA A N   1 
ATOM   278  C CA  . ALA A 1 54  ? 4.242   4.752   11.531  1.00 8.02  ? 33  ALA A CA  1 
ATOM   279  C C   . ALA A 1 54  ? 5.457   3.964   11.054  1.00 9.74  ? 33  ALA A C   1 
ATOM   280  O O   . ALA A 1 54  ? 5.325   2.828   10.577  1.00 9.50  ? 33  ALA A O   1 
ATOM   281  C CB  . ALA A 1 54  ? 3.677   5.618   10.387  1.00 8.78  ? 33  ALA A CB  1 
ATOM   282  N N   . GLY A 1 55  ? 6.642   4.554   11.174  1.00 10.74 ? 34  GLY A N   1 
ATOM   283  C CA  . GLY A 1 55  ? 7.858   3.880   10.769  1.00 10.74 ? 34  GLY A CA  1 
ATOM   284  C C   . GLY A 1 55  ? 8.163   2.688   11.659  1.00 9.84  ? 34  GLY A C   1 
ATOM   285  O O   . GLY A 1 55  ? 8.758   1.710   11.211  1.00 13.63 ? 34  GLY A O   1 
ATOM   286  N N   . MET A 1 56  ? 7.741   2.765   12.919  1.00 8.70  ? 35  MET A N   1 
ATOM   287  C CA  . MET A 1 56  ? 7.911   1.666   13.865  1.00 9.14  ? 35  MET A CA  1 
ATOM   288  C C   . MET A 1 56  ? 6.943   0.506   13.631  1.00 10.62 ? 35  MET A C   1 
ATOM   289  O O   . MET A 1 56  ? 7.170   -0.607  14.106  1.00 11.88 ? 35  MET A O   1 
ATOM   290  C CB  . MET A 1 56  ? 7.744   2.184   15.300  1.00 12.47 ? 35  MET A CB  1 
ATOM   291  C CG  . MET A 1 56  ? 8.942   2.938   15.845  1.00 9.92  ? 35  MET A CG  1 
ATOM   292  S SD  . MET A 1 56  ? 10.346  1.863   16.179  1.00 12.56 ? 35  MET A SD  1 
ATOM   293  C CE  . MET A 1 56  ? 9.668   0.728   17.381  1.00 16.24 ? 35  MET A CE  1 
ATOM   294  N N   . ALA A 1 57  ? 5.857   0.778   12.910  1.00 9.20  ? 36  ALA A N   1 
ATOM   295  C CA  . ALA A 1 57  ? 4.815   -0.217  12.707  1.00 9.00  ? 36  ALA A CA  1 
ATOM   296  C C   . ALA A 1 57  ? 5.328   -1.410  11.917  1.00 11.84 ? 36  ALA A C   1 
ATOM   297  O O   . ALA A 1 57  ? 6.155   -1.273  11.014  1.00 10.99 ? 36  ALA A O   1 
ATOM   298  C CB  . ALA A 1 57  ? 3.612   0.409   12.011  1.00 11.51 ? 36  ALA A CB  1 
ATOM   299  N N   . LYS A 1 58  ? 4.831   -2.583  12.280  1.00 10.86 ? 37  LYS A N   1 
ATOM   300  C CA  . LYS A 1 58  ? 5.133   -3.816  11.555  1.00 10.31 ? 37  LYS A CA  1 
ATOM   301  C C   . LYS A 1 58  ? 3.808   -4.443  11.138  1.00 10.55 ? 37  LYS A C   1 
ATOM   302  O O   . LYS A 1 58  ? 3.342   -5.397  11.755  1.00 11.35 ? 37  LYS A O   1 
ATOM   303  C CB  . LYS A 1 58  ? 5.924   -4.776  12.444  1.00 15.08 ? 37  LYS A CB  1 
ATOM   304  C CG  . LYS A 1 58  ? 7.198   -4.162  12.997  1.00 17.83 ? 37  LYS A CG  1 
ATOM   305  C CD  . LYS A 1 58  ? 8.143   -3.787  11.872  1.00 31.68 ? 37  LYS A CD  1 
ATOM   306  C CE  . LYS A 1 58  ? 8.604   -5.018  11.107  1.00 36.08 ? 37  LYS A CE  1 
ATOM   307  N NZ  . LYS A 1 58  ? 9.871   -4.789  10.343  1.00 41.34 ? 37  LYS A NZ  1 
ATOM   308  N N   . PRO A 1 59  ? 3.172   -3.881  10.094  1.00 9.22  ? 38  PRO A N   1 
ATOM   309  C CA  . PRO A 1 59  ? 1.793   -4.275  9.804   1.00 11.11 ? 38  PRO A CA  1 
ATOM   310  C C   . PRO A 1 59  ? 1.646   -5.661  9.198   1.00 9.65  ? 38  PRO A C   1 
ATOM   311  O O   . PRO A 1 59  ? 2.565   -6.224  8.605   1.00 11.83 ? 38  PRO A O   1 
ATOM   312  C CB  . PRO A 1 59  ? 1.338   -3.233  8.773   1.00 12.66 ? 38  PRO A CB  1 
ATOM   313  C CG  . PRO A 1 59  ? 2.364   -2.148  8.810   1.00 13.81 ? 38  PRO A CG  1 
ATOM   314  C CD  . PRO A 1 59  ? 3.634   -2.813  9.195   1.00 11.49 ? 38  PRO A CD  1 
ATOM   315  N N   . ASN A 1 60  ? 0.452   -6.205  9.378   1.00 8.93  ? 39  ASN A N   1 
ATOM   316  C CA  . ASN A 1 60  ? -0.010  -7.308  8.560   1.00 10.99 ? 39  ASN A CA  1 
ATOM   317  C C   . ASN A 1 60  ? -0.859  -6.729  7.442   1.00 11.48 ? 39  ASN A C   1 
ATOM   318  O O   . ASN A 1 60  ? -1.633  -5.801  7.655   1.00 13.39 ? 39  ASN A O   1 
ATOM   319  C CB  . ASN A 1 60  ? -0.817  -8.301  9.388   1.00 10.62 ? 39  ASN A CB  1 
ATOM   320  C CG  . ASN A 1 60  ? 0.064   -9.312  10.108  1.00 18.86 ? 39  ASN A CG  1 
ATOM   321  O OD1 . ASN A 1 60  ? 1.270   -9.118  10.240  1.00 22.03 ? 39  ASN A OD1 1 
ATOM   322  N ND2 . ASN A 1 60  ? -0.538  -10.405 10.559  1.00 33.70 ? 39  ASN A ND2 1 
ATOM   323  N N   . MET A 1 61  ? -0.678  -7.248  6.237   1.00 10.92 ? 40  MET A N   1 
ATOM   324  C CA  . MET A 1 61  ? -1.486  -6.820  5.109   1.00 11.15 ? 40  MET A CA  1 
ATOM   325  C C   . MET A 1 61  ? -2.368  -7.990  4.744   1.00 11.58 ? 40  MET A C   1 
ATOM   326  O O   . MET A 1 61  ? -1.879  -9.102  4.557   1.00 13.02 ? 40  MET A O   1 
ATOM   327  C CB  . MET A 1 61  ? -0.605  -6.409  3.926   1.00 14.73 ? 40  MET A CB  1 
ATOM   328  C CG  . MET A 1 61  ? -1.385  -5.851  2.736   1.00 16.78 ? 40  MET A CG  1 
ATOM   329  S SD  . MET A 1 61  ? -0.323  -5.335  1.368   1.00 20.83 ? 40  MET A SD  1 
ATOM   330  C CE  . MET A 1 61  ? 0.981   -6.551  1.509   1.00 26.08 ? 40  MET A CE  1 
ATOM   331  N N   . ILE A 1 62  ? -3.672  -7.752  4.696   1.00 10.73 ? 41  ILE A N   1 
ATOM   332  C CA  . ILE A 1 62  ? -4.622  -8.815  4.407   1.00 11.25 ? 41  ILE A CA  1 
ATOM   333  C C   . ILE A 1 62  ? -5.338  -8.480  3.116   1.00 10.02 ? 41  ILE A C   1 
ATOM   334  O O   . ILE A 1 62  ? -6.018  -7.456  3.023   1.00 10.23 ? 41  ILE A O   1 
ATOM   335  C CB  . ILE A 1 62  ? -5.634  -8.998  5.542   1.00 13.07 ? 41  ILE A CB  1 
ATOM   336  C CG1 . ILE A 1 62  ? -4.903  -9.220  6.873   1.00 16.99 ? 41  ILE A CG1 1 
ATOM   337  C CG2 . ILE A 1 62  ? -6.560  -10.164 5.236   1.00 16.87 ? 41  ILE A CG2 1 
ATOM   338  C CD1 . ILE A 1 62  ? -5.000  -8.051  7.829   1.00 24.59 ? 41  ILE A CD1 1 
ATOM   339  N N   . ILE A 1 63  ? -5.155  -9.331  2.114   1.00 9.42  ? 42  ILE A N   1 
ATOM   340  C CA  . ILE A 1 63  ? -5.710  -9.078  0.793   1.00 8.05  ? 42  ILE A CA  1 
ATOM   341  C C   . ILE A 1 63  ? -6.721  -10.164 0.456   1.00 7.88  ? 42  ILE A C   1 
ATOM   342  O O   . ILE A 1 63  ? -6.442  -11.354 0.583   1.00 8.74  ? 42  ILE A O   1 
ATOM   343  C CB  . ILE A 1 63  ? -4.615  -9.015  -0.289  1.00 8.40  ? 42  ILE A CB  1 
ATOM   344  C CG1 . ILE A 1 63  ? -3.590  -7.923  0.060   1.00 8.58  ? 42  ILE A CG1 1 
ATOM   345  C CG2 . ILE A 1 63  ? -5.241  -8.767  -1.659  1.00 8.64  ? 42  ILE A CG2 1 
ATOM   346  C CD1 . ILE A 1 63  ? -2.454  -7.823  -0.936  1.00 11.66 ? 42  ILE A CD1 1 
ATOM   347  N N   . SER A 1 64  ? -7.904  -9.749  0.033   1.00 7.72  ? 43  SER A N   1 
ATOM   348  C CA  . SER A 1 64  ? -8.936  -10.696 -0.334  1.00 8.80  ? 43  SER A CA  1 
ATOM   349  C C   . SER A 1 64  ? -9.653  -10.225 -1.587  1.00 7.93  ? 43  SER A C   1 
ATOM   350  O O   . SER A 1 64  ? -9.635  -9.034  -1.926  1.00 7.85  ? 43  SER A O   1 
ATOM   351  C CB  . SER A 1 64  ? -9.920  -10.887 0.815   1.00 12.17 ? 43  SER A CB  1 
ATOM   352  O OG  . SER A 1 64  ? -10.576 -9.673  1.125   1.00 15.67 ? 43  SER A OG  1 
ATOM   353  N N   . VAL A 1 65  ? -10.270 -11.169 -2.284  1.00 11.30 ? 44  VAL A N   1 
ATOM   354  C CA  . VAL A 1 65  ? -10.995 -10.869 -3.504  1.00 9.68  ? 44  VAL A CA  1 
ATOM   355  C C   . VAL A 1 65  ? -12.365 -11.524 -3.429  1.00 9.53  ? 44  VAL A C   1 
ATOM   356  O O   . VAL A 1 65  ? -12.487 -12.693 -3.040  1.00 13.95 ? 44  VAL A O   1 
ATOM   357  C CB  . VAL A 1 65  ? -10.247 -11.366 -4.758  1.00 9.49  ? 44  VAL A CB  1 
ATOM   358  C CG1 . VAL A 1 65  ? -11.039 -11.042 -6.012  1.00 14.10 ? 44  VAL A CG1 1 
ATOM   359  C CG2 . VAL A 1 65  ? -8.881  -10.721 -4.854  1.00 10.96 ? 44  VAL A CG2 1 
ATOM   360  N N   . ASN A 1 66  ? -13.395 -10.763 -3.769  1.00 9.49  ? 45  ASN A N   1 
ATOM   361  C CA  . ASN A 1 66  ? -14.754 -11.296 -3.830  1.00 8.95  ? 45  ASN A CA  1 
ATOM   362  C C   . ASN A 1 66  ? -15.409 -10.720 -5.073  1.00 10.48 ? 45  ASN A C   1 
ATOM   363  O O   . ASN A 1 66  ? -15.763 -9.542  -5.115  1.00 11.20 ? 45  ASN A O   1 
ATOM   364  C CB  . ASN A 1 66  ? -15.510 -10.944 -2.547  1.00 10.52 ? 45  ASN A CB  1 
ATOM   365  C CG  . ASN A 1 66  ? -16.893 -11.558 -2.476  1.00 12.73 ? 45  ASN A CG  1 
ATOM   366  O OD1 . ASN A 1 66  ? -17.567 -11.728 -3.489  1.00 14.87 ? 45  ASN A OD1 1 
ATOM   367  N ND2 . ASN A 1 66  ? -17.336 -11.869 -1.264  1.00 12.44 ? 45  ASN A ND2 1 
ATOM   368  N N   . GLY A 1 67  ? -15.568 -11.560 -6.093  1.00 12.76 ? 46  GLY A N   1 
ATOM   369  C CA  . GLY A 1 67  ? -15.975 -11.085 -7.402  1.00 12.44 ? 46  GLY A CA  1 
ATOM   370  C C   . GLY A 1 67  ? -15.001 -10.051 -7.945  1.00 15.15 ? 46  GLY A C   1 
ATOM   371  O O   . GLY A 1 67  ? -13.808 -10.317 -8.077  1.00 18.23 ? 46  GLY A O   1 
ATOM   372  N N   . ASP A 1 68  ? -15.518 -8.869  -8.257  1.00 12.93 ? 47  ASP A N   1 
ATOM   373  C CA  . ASP A 1 68  ? -14.717 -7.793  -8.819  1.00 12.89 ? 47  ASP A CA  1 
ATOM   374  C C   . ASP A 1 68  ? -14.112 -6.918  -7.735  1.00 11.09 ? 47  ASP A C   1 
ATOM   375  O O   . ASP A 1 68  ? -13.328 -6.023  -8.039  1.00 13.41 ? 47  ASP A O   1 
ATOM   376  C CB  . ASP A 1 68  ? -15.570 -6.919  -9.742  1.00 16.40 ? 47  ASP A CB  1 
ATOM   377  C CG  . ASP A 1 68  ? -15.926 -7.613  -11.039 1.00 26.88 ? 47  ASP A CG  1 
ATOM   378  O OD1 . ASP A 1 68  ? -15.070 -8.348  -11.573 1.00 29.72 ? 47  ASP A OD1 1 
ATOM   379  O OD2 . ASP A 1 68  ? -17.061 -7.421  -11.522 1.00 36.83 ? 47  ASP A OD2 1 
ATOM   380  N N   . VAL A 1 69  ? -14.494 -7.151  -6.481  1.00 9.69  ? 48  VAL A N   1 
ATOM   381  C CA  . VAL A 1 69  ? -14.062 -6.270  -5.393  1.00 8.66  ? 48  VAL A CA  1 
ATOM   382  C C   . VAL A 1 69  ? -12.831 -6.809  -4.673  1.00 8.56  ? 48  VAL A C   1 
ATOM   383  O O   . VAL A 1 69  ? -12.840 -7.915  -4.128  1.00 8.92  ? 48  VAL A O   1 
ATOM   384  C CB  . VAL A 1 69  ? -15.175 -6.038  -4.355  1.00 8.86  ? 48  VAL A CB  1 
ATOM   385  C CG1 . VAL A 1 69  ? -14.704 -5.064  -3.279  1.00 9.46  ? 48  VAL A CG1 1 
ATOM   386  C CG2 . VAL A 1 69  ? -16.431 -5.520  -5.028  1.00 12.40 ? 48  VAL A CG2 1 
ATOM   387  N N   . ILE A 1 70  ? -11.773 -6.011  -4.670  1.00 7.69  ? 49  ILE A N   1 
ATOM   388  C CA  . ILE A 1 70  ? -10.547 -6.353  -3.954  1.00 6.86  ? 49  ILE A CA  1 
ATOM   389  C C   . ILE A 1 70  ? -10.517 -5.547  -2.658  1.00 6.95  ? 49  ILE A C   1 
ATOM   390  O O   . ILE A 1 70  ? -10.840 -4.350  -2.650  1.00 7.45  ? 49  ILE A O   1 
ATOM   391  C CB  . ILE A 1 70  ? -9.317  -6.016  -4.798  1.00 7.91  ? 49  ILE A CB  1 
ATOM   392  C CG1 . ILE A 1 70  ? -9.375  -6.747  -6.141  1.00 9.57  ? 49  ILE A CG1 1 
ATOM   393  C CG2 . ILE A 1 70  ? -8.036  -6.352  -4.050  1.00 8.52  ? 49  ILE A CG2 1 
ATOM   394  C CD1 . ILE A 1 70  ? -8.319  -6.273  -7.131  1.00 15.87 ? 49  ILE A CD1 1 
ATOM   395  N N   . THR A 1 71  ? -10.152 -6.205  -1.565  1.00 7.25  ? 50  THR A N   1 
ATOM   396  C CA  . THR A 1 71  ? -10.052 -5.530  -0.278  1.00 6.30  ? 50  THR A CA  1 
ATOM   397  C C   . THR A 1 71  ? -8.636  -5.677  0.247   1.00 6.23  ? 50  THR A C   1 
ATOM   398  O O   . THR A 1 71  ? -8.090  -6.784  0.278   1.00 7.11  ? 50  THR A O   1 
ATOM   399  C CB  . THR A 1 71  ? -11.062 -6.096  0.744   1.00 7.12  ? 50  THR A CB  1 
ATOM   400  O OG1 . THR A 1 71  ? -12.398 -5.873  0.272   1.00 9.74  ? 50  THR A OG1 1 
ATOM   401  C CG2 . THR A 1 71  ? -10.900 -5.421  2.096   1.00 10.68 ? 50  THR A CG2 1 
ATOM   402  N N   . ILE A 1 72  ? -8.030  -4.556  0.628   1.00 6.10  ? 51  ILE A N   1 
ATOM   403  C CA  . ILE A 1 72  ? -6.703  -4.574  1.240   1.00 7.12  ? 51  ILE A CA  1 
ATOM   404  C C   . ILE A 1 72  ? -6.796  -3.954  2.626   1.00 8.01  ? 51  ILE A C   1 
ATOM   405  O O   . ILE A 1 72  ? -7.168  -2.793  2.757   1.00 7.70  ? 51  ILE A O   1 
ATOM   406  C CB  . ILE A 1 72  ? -5.665  -3.796  0.400   1.00 6.58  ? 51  ILE A CB  1 
ATOM   407  C CG1 . ILE A 1 72  ? -5.530  -4.423  -0.993  1.00 7.67  ? 51  ILE A CG1 1 
ATOM   408  C CG2 . ILE A 1 72  ? -4.288  -3.749  1.112   1.00 8.53  ? 51  ILE A CG2 1 
ATOM   409  C CD1 . ILE A 1 72  ? -4.586  -3.657  -1.915  1.00 10.76 ? 51  ILE A CD1 1 
ATOM   410  N N   . LYS A 1 73  ? -6.471  -4.745  3.648   1.00 8.72  ? 52  LYS A N   1 
ATOM   411  C CA  . LYS A 1 73  ? -6.445  -4.265  5.022   1.00 9.32  ? 52  LYS A CA  1 
ATOM   412  C C   . LYS A 1 73  ? -5.012  -4.169  5.489   1.00 10.88 ? 52  LYS A C   1 
ATOM   413  O O   . LYS A 1 73  ? -4.177  -5.000  5.131   1.00 10.77 ? 52  LYS A O   1 
ATOM   414  C CB  . LYS A 1 73  ? -7.179  -5.229  5.952   1.00 12.54 ? 52  LYS A CB  1 
ATOM   415  C CG  . LYS A 1 73  ? -8.634  -5.481  5.631   1.00 14.07 ? 52  LYS A CG  1 
ATOM   416  C CD  . LYS A 1 73  ? -9.224  -6.460  6.639   1.00 18.99 ? 52  LYS A CD  1 
ATOM   417  C CE  . LYS A 1 73  ? -10.653 -6.822  6.289   1.00 32.13 ? 52  LYS A CE  1 
ATOM   418  N NZ  . LYS A 1 73  ? -11.209 -7.822  7.241   1.00 34.22 ? 52  LYS A NZ  1 
ATOM   419  N N   . SER A 1 74  ? -4.728  -3.161  6.300   1.00 8.53  ? 53  SER A N   1 
ATOM   420  C CA  . SER A 1 74  ? -3.445  -3.061  6.967   1.00 7.45  ? 53  SER A CA  1 
ATOM   421  C C   . SER A 1 74  ? -3.711  -2.995  8.457   1.00 11.32 ? 53  SER A C   1 
ATOM   422  O O   . SER A 1 74  ? -4.439  -2.122  8.915   1.00 12.86 ? 53  SER A O   1 
ATOM   423  C CB  . SER A 1 74  ? -2.706  -1.808  6.510   1.00 13.71 ? 53  SER A CB  1 
ATOM   424  O OG  . SER A 1 74  ? -1.425  -1.724  7.123   1.00 15.21 ? 53  SER A OG  1 
ATOM   425  N N   . GLU A 1 75  ? -3.140  -3.925  9.210   1.00 9.08  ? 54  GLU A N   1 
ATOM   426  C CA  . GLU A 1 75  ? -3.356  -3.962  10.648  1.00 11.62 ? 54  GLU A CA  1 
ATOM   427  C C   . GLU A 1 75  ? -2.044  -3.864  11.408  1.00 9.20  ? 54  GLU A C   1 
ATOM   428  O O   . GLU A 1 75  ? -1.118  -4.623  11.164  1.00 9.74  ? 54  GLU A O   1 
ATOM   429  C CB  . GLU A 1 75  ? -4.112  -5.225  11.051  1.00 16.73 ? 54  GLU A CB  1 
ATOM   430  C CG  . GLU A 1 75  ? -5.521  -5.277  10.505  1.00 21.94 ? 54  GLU A CG  1 
ATOM   431  C CD  . GLU A 1 75  ? -6.235  -6.561  10.861  1.00 33.66 ? 54  GLU A CD  1 
ATOM   432  O OE1 . GLU A 1 75  ? -5.574  -7.497  11.365  1.00 28.62 ? 54  GLU A OE1 1 
ATOM   433  O OE2 . GLU A 1 75  ? -7.462  -6.628  10.633  1.00 35.24 ? 54  GLU A OE2 1 
ATOM   434  N N   . SER A 1 76  ? -1.982  -2.916  12.334  1.00 10.35 ? 55  SER A N   1 
ATOM   435  C CA  . SER A 1 76  ? -0.777  -2.723  13.137  1.00 12.55 ? 55  SER A CA  1 
ATOM   436  C C   . SER A 1 76  ? -1.128  -2.018  14.428  1.00 11.51 ? 55  SER A C   1 
ATOM   437  O O   . SER A 1 76  ? -2.283  -1.671  14.656  1.00 13.28 ? 55  SER A O   1 
ATOM   438  C CB  . SER A 1 76  ? 0.278   -1.923  12.363  1.00 13.94 ? 55  SER A CB  1 
ATOM   439  O OG  . SER A 1 76  ? -0.113  -0.575  12.184  1.00 10.49 ? 55  SER A OG  1 
ATOM   440  N N   . THR A 1 77  ? -0.130  -1.800  15.277  1.00 12.54 ? 56  THR A N   1 
ATOM   441  C CA  . THR A 1 77  ? -0.351  -1.033  16.495  1.00 14.04 ? 56  THR A CA  1 
ATOM   442  C C   . THR A 1 77  ? -0.612  0.437   16.195  1.00 16.04 ? 56  THR A C   1 
ATOM   443  O O   . THR A 1 77  ? -1.168  1.150   17.028  1.00 16.51 ? 56  THR A O   1 
ATOM   444  C CB  . THR A 1 77  ? 0.849   -1.132  17.459  1.00 14.93 ? 56  THR A CB  1 
ATOM   445  O OG1 . THR A 1 77  ? 2.041   -0.686  16.798  1.00 14.04 ? 56  THR A OG1 1 
ATOM   446  C CG2 . THR A 1 77  ? 1.042   -2.564  17.917  1.00 13.50 ? 56  THR A CG2 1 
ATOM   447  N N   . PHE A 1 78  ? -0.199  0.886   15.012  1.00 12.83 ? 57  PHE A N   1 
ATOM   448  C CA  . PHE A 1 78  ? -0.348  2.283   14.622  1.00 11.56 ? 57  PHE A CA  1 
ATOM   449  C C   . PHE A 1 78  ? -1.766  2.594   14.167  1.00 15.91 ? 57  PHE A C   1 
ATOM   450  O O   . PHE A 1 78  ? -2.421  3.483   14.716  1.00 17.83 ? 57  PHE A O   1 
ATOM   451  C CB  . PHE A 1 78  ? 0.669   2.646   13.535  1.00 11.10 ? 57  PHE A CB  1 
ATOM   452  C CG  . PHE A 1 78  ? 0.420   3.970   12.881  1.00 13.76 ? 57  PHE A CG  1 
ATOM   453  C CD1 . PHE A 1 78  ? 0.334   5.130   13.636  1.00 16.41 ? 57  PHE A CD1 1 
ATOM   454  C CD2 . PHE A 1 78  ? 0.299   4.061   11.506  1.00 17.37 ? 57  PHE A CD2 1 
ATOM   455  C CE1 . PHE A 1 78  ? 0.112   6.353   13.029  1.00 19.68 ? 57  PHE A CE1 1 
ATOM   456  C CE2 . PHE A 1 78  ? 0.072   5.281   10.893  1.00 17.49 ? 57  PHE A CE2 1 
ATOM   457  C CZ  . PHE A 1 78  ? -0.022  6.426   11.653  1.00 16.86 ? 57  PHE A CZ  1 
ATOM   458  N N   . LYS A 1 79  ? -2.242  1.843   13.180  1.00 14.79 ? 58  LYS A N   1 
ATOM   459  C CA  . LYS A 1 79  ? -3.555  2.090   12.604  1.00 16.44 ? 58  LYS A CA  1 
ATOM   460  C C   . LYS A 1 79  ? -4.082  0.806   11.989  1.00 15.41 ? 58  LYS A C   1 
ATOM   461  O O   . LYS A 1 79  ? -3.308  -0.068  11.588  1.00 16.28 ? 58  LYS A O   1 
ATOM   462  C CB  . LYS A 1 79  ? -3.442  3.175   11.529  1.00 18.81 ? 58  LYS A CB  1 
ATOM   463  C CG  . LYS A 1 79  ? -4.760  3.760   11.053  1.00 30.37 ? 58  LYS A CG  1 
ATOM   464  C CD  . LYS A 1 79  ? -5.276  4.829   12.000  1.00 32.90 ? 58  LYS A CD  1 
ATOM   465  C CE  . LYS A 1 79  ? -6.573  5.439   11.484  1.00 45.08 ? 58  LYS A CE  1 
ATOM   466  N NZ  . LYS A 1 79  ? -7.675  4.436   11.373  1.00 41.42 ? 58  LYS A NZ  1 
ATOM   467  N N   . ASN A 1 80  ? -5.401  0.675   11.947  1.00 15.52 ? 59  ASN A N   1 
ATOM   468  C CA  . ASN A 1 80  ? -6.033  -0.370  11.153  1.00 13.32 ? 59  ASN A CA  1 
ATOM   469  C C   . ASN A 1 80  ? -6.759  0.304   10.000  1.00 17.80 ? 59  ASN A C   1 
ATOM   470  O O   . ASN A 1 80  ? -7.685  1.084   10.216  1.00 25.52 ? 59  ASN A O   1 
ATOM   471  C CB  . ASN A 1 80  ? -7.007  -1.201  11.989  1.00 17.64 ? 59  ASN A CB  1 
ATOM   472  C CG  . ASN A 1 80  ? -6.306  -2.051  13.033  1.00 22.52 ? 59  ASN A CG  1 
ATOM   473  O OD1 . ASN A 1 80  ? -5.132  -2.390  12.897  1.00 19.11 ? 59  ASN A OD1 1 
ATOM   474  N ND2 . ASN A 1 80  ? -7.032  -2.402  14.087  1.00 35.84 ? 59  ASN A ND2 1 
ATOM   475  N N   . THR A 1 81  ? -6.315  0.038   8.777   1.00 12.50 ? 60  THR A N   1 
ATOM   476  C CA  . THR A 1 81  ? -6.945  0.627   7.604   1.00 12.04 ? 60  THR A CA  1 
ATOM   477  C C   . THR A 1 81  ? -7.530  -0.462  6.721   1.00 11.43 ? 60  THR A C   1 
ATOM   478  O O   . THR A 1 81  ? -7.112  -1.613  6.777   1.00 10.81 ? 60  THR A O   1 
ATOM   479  C CB  . THR A 1 81  ? -5.954  1.446   6.761   1.00 9.91  ? 60  THR A CB  1 
ATOM   480  O OG1 . THR A 1 81  ? -4.980  0.574   6.175   1.00 13.62 ? 60  THR A OG1 1 
ATOM   481  C CG2 . THR A 1 81  ? -5.259  2.499   7.608   1.00 17.38 ? 60  THR A CG2 1 
ATOM   482  N N   . GLU A 1 82  ? -8.502  -0.084  5.902   1.00 11.55 ? 61  GLU A N   1 
ATOM   483  C CA  . GLU A 1 82  ? -9.110  -1.009  4.963   1.00 10.19 ? 61  GLU A CA  1 
ATOM   484  C C   . GLU A 1 82  ? -9.585  -0.225  3.752   1.00 9.62  ? 61  GLU A C   1 
ATOM   485  O O   . GLU A 1 82  ? -10.218 0.827   3.891   1.00 12.06 ? 61  GLU A O   1 
ATOM   486  C CB  . GLU A 1 82  ? -10.278 -1.742  5.624   1.00 13.42 ? 61  GLU A CB  1 
ATOM   487  C CG  . GLU A 1 82  ? -11.061 -2.642  4.690   1.00 16.80 ? 61  GLU A CG  1 
ATOM   488  C CD  . GLU A 1 82  ? -12.258 -3.281  5.370   1.00 30.73 ? 61  GLU A CD  1 
ATOM   489  O OE1 . GLU A 1 82  ? -13.306 -3.441  4.707   1.00 32.34 ? 61  GLU A OE1 1 
ATOM   490  O OE2 . GLU A 1 82  ? -12.153 -3.619  6.567   1.00 31.67 ? 61  GLU A OE2 1 
ATOM   491  N N   . ILE A 1 83  ? -9.240  -0.711  2.564   1.00 8.06  ? 62  ILE A N   1 
ATOM   492  C CA  . ILE A 1 83  ? -9.801  -0.156  1.340   1.00 6.70  ? 62  ILE A CA  1 
ATOM   493  C C   . ILE A 1 83  ? -10.409 -1.274  0.513   1.00 6.38  ? 62  ILE A C   1 
ATOM   494  O O   . ILE A 1 83  ? -9.860  -2.377  0.461   1.00 7.76  ? 62  ILE A O   1 
ATOM   495  C CB  . ILE A 1 83  ? -8.756  0.612   0.481   1.00 7.06  ? 62  ILE A CB  1 
ATOM   496  C CG1 . ILE A 1 83  ? -7.563  -0.269  0.122   1.00 8.62  ? 62  ILE A CG1 1 
ATOM   497  C CG2 . ILE A 1 83  ? -8.300  1.881   1.191   1.00 9.72  ? 62  ILE A CG2 1 
ATOM   498  C CD1 . ILE A 1 83  ? -6.574  0.412   -0.813  1.00 11.03 ? 62  ILE A CD1 1 
ATOM   499  N N   . SER A 1 84  ? -11.556 -0.999  -0.091  1.00 7.33  ? 63  SER A N   1 
ATOM   500  C CA  . SER A 1 84  ? -12.166 -1.905  -1.052  1.00 6.88  ? 63  SER A CA  1 
ATOM   501  C C   . SER A 1 84  ? -12.364 -1.147  -2.356  1.00 8.54  ? 63  SER A C   1 
ATOM   502  O O   . SER A 1 84  ? -12.661 0.049   -2.348  1.00 9.46  ? 63  SER A O   1 
ATOM   503  C CB  . SER A 1 84  ? -13.495 -2.448  -0.526  1.00 9.18  ? 63  SER A CB  1 
ATOM   504  O OG  . SER A 1 84  ? -13.290 -3.308  0.590   1.00 10.30 ? 63  SER A OG  1 
ATOM   505  N N   . PHE A 1 85  ? -12.169 -1.834  -3.478  1.00 7.52  ? 64  PHE A N   1 
ATOM   506  C CA  . PHE A 1 85  ? -12.153 -1.158  -4.766  1.00 6.33  ? 64  PHE A CA  1 
ATOM   507  C C   . PHE A 1 85  ? -12.315 -2.127  -5.916  1.00 6.53  ? 64  PHE A C   1 
ATOM   508  O O   . PHE A 1 85  ? -12.146 -3.346  -5.763  1.00 8.15  ? 64  PHE A O   1 
ATOM   509  C CB  . PHE A 1 85  ? -10.833 -0.390  -4.939  1.00 7.94  ? 64  PHE A CB  1 
ATOM   510  C CG  . PHE A 1 85  ? -9.612  -1.263  -4.832  1.00 8.48  ? 64  PHE A CG  1 
ATOM   511  C CD1 . PHE A 1 85  ? -9.023  -1.517  -3.604  1.00 8.87  ? 64  PHE A CD1 1 
ATOM   512  C CD2 . PHE A 1 85  ? -9.065  -1.849  -5.964  1.00 7.93  ? 64  PHE A CD2 1 
ATOM   513  C CE1 . PHE A 1 85  ? -7.917  -2.338  -3.503  1.00 7.96  ? 64  PHE A CE1 1 
ATOM   514  C CE2 . PHE A 1 85  ? -7.953  -2.668  -5.869  1.00 7.14  ? 64  PHE A CE2 1 
ATOM   515  C CZ  . PHE A 1 85  ? -7.378  -2.911  -4.635  1.00 8.81  ? 64  PHE A CZ  1 
ATOM   516  N N   . ILE A 1 86  ? -12.635 -1.558  -7.071  1.00 9.12  ? 65  ILE A N   1 
ATOM   517  C CA  . ILE A 1 86  ? -12.723 -2.301  -8.316  1.00 8.24  ? 65  ILE A CA  1 
ATOM   518  C C   . ILE A 1 86  ? -11.612 -1.750  -9.199  1.00 6.98  ? 65  ILE A C   1 
ATOM   519  O O   . ILE A 1 86  ? -11.344 -0.545  -9.185  1.00 8.17  ? 65  ILE A O   1 
ATOM   520  C CB  . ILE A 1 86  ? -14.117 -2.127  -8.950  1.00 10.15 ? 65  ILE A CB  1 
ATOM   521  C CG1 . ILE A 1 86  ? -15.161 -2.797  -8.050  1.00 10.28 ? 65  ILE A CG1 1 
ATOM   522  C CG2 . ILE A 1 86  ? -14.146 -2.725  -10.342 1.00 10.65 ? 65  ILE A CG2 1 
ATOM   523  C CD1 . ILE A 1 86  ? -16.601 -2.578  -8.456  1.00 10.48 ? 65  ILE A CD1 1 
ATOM   524  N N   . LEU A 1 87  ? -10.919 -2.627  -9.923  1.00 7.28  ? 66  LEU A N   1 
ATOM   525  C CA  . LEU A 1 87  ? -9.781  -2.187  -10.723 1.00 7.25  ? 66  LEU A CA  1 
ATOM   526  C C   . LEU A 1 87  ? -10.211 -1.146  -11.750 1.00 9.17  ? 66  LEU A C   1 
ATOM   527  O O   . LEU A 1 87  ? -11.253 -1.290  -12.404 1.00 9.93  ? 66  LEU A O   1 
ATOM   528  C CB  . LEU A 1 87  ? -9.110  -3.371  -11.412 1.00 8.96  ? 66  LEU A CB  1 
ATOM   529  C CG  . LEU A 1 87  ? -8.450  -4.384  -10.477 1.00 8.71  ? 66  LEU A CG  1 
ATOM   530  C CD1 . LEU A 1 87  ? -8.046  -5.627  -11.254 1.00 10.74 ? 66  LEU A CD1 1 
ATOM   531  C CD2 . LEU A 1 87  ? -7.235  -3.762  -9.810  1.00 10.49 ? 66  LEU A CD2 1 
ATOM   532  N N   . GLY A 1 88  ? -9.419  -0.085  -11.856 1.00 7.98  ? 67  GLY A N   1 
ATOM   533  C CA  . GLY A 1 88  ? -9.656  0.969   -12.826 1.00 8.43  ? 67  GLY A CA  1 
ATOM   534  C C   . GLY A 1 88  ? -10.675 2.012   -12.427 1.00 10.75 ? 67  GLY A C   1 
ATOM   535  O O   . GLY A 1 88  ? -10.896 2.968   -13.165 1.00 11.86 ? 67  GLY A O   1 
ATOM   536  N N   . GLN A 1 89  ? -11.281 1.845   -11.256 1.00 9.25  ? 68  GLN A N   1 
ATOM   537  C CA  . GLN A 1 89  ? -12.369 2.716   -10.826 1.00 8.27  ? 68  GLN A CA  1 
ATOM   538  C C   . GLN A 1 89  ? -11.983 3.541   -9.603  1.00 9.34  ? 68  GLN A C   1 
ATOM   539  O O   . GLN A 1 89  ? -11.762 3.009   -8.511  1.00 8.87  ? 68  GLN A O   1 
ATOM   540  C CB  . GLN A 1 89  ? -13.639 1.893   -10.581 1.00 10.41 ? 68  GLN A CB  1 
ATOM   541  C CG  . GLN A 1 89  ? -13.953 0.972   -11.765 1.00 10.34 ? 68  GLN A CG  1 
ATOM   542  C CD  . GLN A 1 89  ? -15.349 0.399   -11.747 1.00 16.51 ? 68  GLN A CD  1 
ATOM   543  O OE1 . GLN A 1 89  ? -16.099 0.577   -10.792 1.00 18.05 ? 68  GLN A OE1 1 
ATOM   544  N NE2 . GLN A 1 89  ? -15.709 -0.290  -12.824 1.00 17.73 ? 68  GLN A NE2 1 
ATOM   545  N N   . GLU A 1 90  ? -11.920 4.851   -9.809  1.00 7.79  ? 69  GLU A N   1 
ATOM   546  C CA  . GLU A 1 90  ? -11.454 5.790   -8.804  1.00 8.56  ? 69  GLU A CA  1 
ATOM   547  C C   . GLU A 1 90  ? -12.303 5.739   -7.535  1.00 9.47  ? 69  GLU A C   1 
ATOM   548  O O   . GLU A 1 90  ? -13.525 5.525   -7.582  1.00 11.26 ? 69  GLU A O   1 
ATOM   549  C CB  . GLU A 1 90  ? -11.476 7.209   -9.387  1.00 12.39 ? 69  GLU A CB  1 
ATOM   550  C CG  . GLU A 1 90  ? -10.802 8.261   -8.525  1.00 20.42 ? 69  GLU A CG  1 
ATOM   551  C CD  . GLU A 1 90  ? -10.941 9.651   -9.112  1.00 27.61 ? 69  GLU A CD  1 
ATOM   552  O OE1 . GLU A 1 90  ? -12.065 10.010  -9.528  1.00 36.89 ? 69  GLU A OE1 1 
ATOM   553  O OE2 . GLU A 1 90  ? -9.924  10.373  -9.172  1.00 42.13 ? 69  GLU A OE2 1 
ATOM   554  N N   . PHE A 1 91  ? -11.636 5.918   -6.400  1.00 8.87  ? 70  PHE A N   1 
ATOM   555  C CA  . PHE A 1 91  ? -12.315 5.989   -5.116  1.00 8.52  ? 70  PHE A CA  1 
ATOM   556  C C   . PHE A 1 91  ? -11.649 7.003   -4.207  1.00 9.65  ? 70  PHE A C   1 
ATOM   557  O O   . PHE A 1 91  ? -10.514 7.401   -4.432  1.00 10.83 ? 70  PHE A O   1 
ATOM   558  C CB  . PHE A 1 91  ? -12.399 4.610   -4.443  1.00 8.49  ? 70  PHE A CB  1 
ATOM   559  C CG  . PHE A 1 91  ? -11.062 3.954   -4.180  1.00 8.68  ? 70  PHE A CG  1 
ATOM   560  C CD1 . PHE A 1 91  ? -10.409 3.232   -5.171  1.00 8.34  ? 70  PHE A CD1 1 
ATOM   561  C CD2 . PHE A 1 91  ? -10.471 4.029   -2.925  1.00 9.47  ? 70  PHE A CD2 1 
ATOM   562  C CE1 . PHE A 1 91  ? -9.189  2.607   -4.918  1.00 8.06  ? 70  PHE A CE1 1 
ATOM   563  C CE2 . PHE A 1 91  ? -9.247  3.406   -2.671  1.00 10.93 ? 70  PHE A CE2 1 
ATOM   564  C CZ  . PHE A 1 91  ? -8.614  2.691   -3.667  1.00 9.35  ? 70  PHE A CZ  1 
ATOM   565  N N   . ASP A 1 92  ? -12.384 7.433   -3.192  1.00 10.82 ? 71  ASP A N   1 
ATOM   566  C CA  . ASP A 1 92  ? -11.857 8.351   -2.197  1.00 10.95 ? 71  ASP A CA  1 
ATOM   567  C C   . ASP A 1 92  ? -11.284 7.530   -1.042  1.00 12.49 ? 71  ASP A C   1 
ATOM   568  O O   . ASP A 1 92  ? -11.929 6.614   -0.541  1.00 16.77 ? 71  ASP A O   1 
ATOM   569  C CB  . ASP A 1 92  ? -12.970 9.293   -1.713  1.00 12.74 ? 71  ASP A CB  1 
ATOM   570  C CG  . ASP A 1 92  ? -13.206 10.458  -2.656  1.00 13.43 ? 71  ASP A CG  1 
ATOM   571  O OD1 . ASP A 1 92  ? -12.221 11.075  -3.114  1.00 24.96 ? 71  ASP A OD1 1 
ATOM   572  O OD2 . ASP A 1 92  ? -14.383 10.777  -2.934  1.00 22.07 ? 71  ASP A OD2 1 
ATOM   573  N N   . GLU A 1 93  ? -10.056 7.853   -0.639  1.00 8.01  ? 72  GLU A N   1 
ATOM   574  C CA  . GLU A 1 93  ? -9.367  7.128   0.409   1.00 9.82  ? 72  GLU A CA  1 
ATOM   575  C C   . GLU A 1 93  ? -8.875  8.128   1.452   1.00 9.18  ? 72  GLU A C   1 
ATOM   576  O O   . GLU A 1 93  ? -8.414  9.213   1.105   1.00 10.91 ? 72  GLU A O   1 
ATOM   577  C CB  . GLU A 1 93  ? -8.174  6.356   -0.190  1.00 9.65  ? 72  GLU A CB  1 
ATOM   578  C CG  . GLU A 1 93  ? -7.292  5.630   0.833   1.00 10.56 ? 72  GLU A CG  1 
ATOM   579  C CD  . GLU A 1 93  ? -6.075  4.950   0.218   1.00 11.48 ? 72  GLU A CD  1 
ATOM   580  O OE1 . GLU A 1 93  ? -5.809  5.143   -0.986  1.00 11.08 ? 72  GLU A OE1 1 
ATOM   581  O OE2 . GLU A 1 93  ? -5.374  4.230   0.952   1.00 14.29 ? 72  GLU A OE2 1 
ATOM   582  N N   . VAL A 1 94  ? -9.027  7.772   2.723   1.00 11.30 ? 73  VAL A N   1 
ATOM   583  C CA  . VAL A 1 94  ? -8.350  8.494   3.792   1.00 11.91 ? 73  VAL A CA  1 
ATOM   584  C C   . VAL A 1 94  ? -7.184  7.627   4.246   1.00 12.73 ? 73  VAL A C   1 
ATOM   585  O O   . VAL A 1 94  ? -7.372  6.514   4.736   1.00 12.79 ? 73  VAL A O   1 
ATOM   586  C CB  . VAL A 1 94  ? -9.280  8.797   4.983   1.00 13.88 ? 73  VAL A CB  1 
ATOM   587  C CG1 . VAL A 1 94  ? -8.481  9.434   6.118   1.00 15.31 ? 73  VAL A CG1 1 
ATOM   588  C CG2 . VAL A 1 94  ? -10.422 9.698   4.550   1.00 14.99 ? 73  VAL A CG2 1 
ATOM   589  N N   . THR A 1 95  ? -5.970  8.135   4.065   1.00 11.17 ? 74  THR A N   1 
ATOM   590  C CA  . THR A 1 95  ? -4.775  7.348   4.348   1.00 11.55 ? 74  THR A CA  1 
ATOM   591  C C   . THR A 1 95  ? -4.476  7.285   5.840   1.00 11.55 ? 74  THR A C   1 
ATOM   592  O O   . THR A 1 95  ? -5.070  8.019   6.629   1.00 12.73 ? 74  THR A O   1 
ATOM   593  C CB  . THR A 1 95  ? -3.552  7.915   3.628   1.00 9.15  ? 74  THR A CB  1 
ATOM   594  O OG1 . THR A 1 95  ? -3.224  9.206   4.172   1.00 10.91 ? 74  THR A OG1 1 
ATOM   595  C CG2 . THR A 1 95  ? -3.802  8.033   2.137   1.00 13.49 ? 74  THR A CG2 1 
ATOM   596  N N   . ALA A 1 96  ? -3.539  6.422   6.222   1.00 12.16 ? 75  ALA A N   1 
ATOM   597  C CA  . ALA A 1 96  ? -3.198  6.258   7.633   1.00 12.94 ? 75  ALA A CA  1 
ATOM   598  C C   . ALA A 1 96  ? -2.666  7.542   8.258   1.00 14.88 ? 75  ALA A C   1 
ATOM   599  O O   . ALA A 1 96  ? -2.816  7.749   9.464   1.00 16.89 ? 75  ALA A O   1 
ATOM   600  C CB  . ALA A 1 96  ? -2.200  5.145   7.808   1.00 13.65 ? 75  ALA A CB  1 
ATOM   601  N N   . ASP A 1 97  ? -2.039  8.390   7.446   1.00 13.82 ? 76  ASP A N   1 
ATOM   602  C CA  . ASP A 1 97  ? -1.532  9.681   7.920   1.00 13.32 ? 76  ASP A CA  1 
ATOM   603  C C   . ASP A 1 97  ? -2.565  10.790  7.740   1.00 15.78 ? 76  ASP A C   1 
ATOM   604  O O   . ASP A 1 97  ? -2.253  11.976  7.850   1.00 17.73 ? 76  ASP A O   1 
ATOM   605  C CB  . ASP A 1 97  ? -0.204  10.050  7.242   1.00 12.75 ? 76  ASP A CB  1 
ATOM   606  C CG  . ASP A 1 97  ? -0.297  10.072  5.726   1.00 11.92 ? 76  ASP A CG  1 
ATOM   607  O OD1 . ASP A 1 97  ? -0.759  9.065   5.143   1.00 14.92 ? 76  ASP A OD1 1 
ATOM   608  O OD2 . ASP A 1 97  ? 0.090   11.092  5.117   1.00 12.43 ? 76  ASP A OD2 1 
ATOM   609  N N   . ASP A 1 98  ? -3.797  10.380  7.455   1.00 15.50 ? 77  ASP A N   1 
ATOM   610  C CA  . ASP A 1 98  ? -4.948  11.280  7.340   1.00 17.07 ? 77  ASP A CA  1 
ATOM   611  C C   . ASP A 1 98  ? -4.956  12.262  6.164   1.00 16.15 ? 77  ASP A C   1 
ATOM   612  O O   . ASP A 1 98  ? -5.528  13.346  6.262   1.00 20.68 ? 77  ASP A O   1 
ATOM   613  C CB  . ASP A 1 98  ? -5.237  11.999  8.666   1.00 17.83 ? 77  ASP A CB  1 
ATOM   614  C CG  . ASP A 1 98  ? -6.425  11.398  9.395   1.00 42.41 ? 77  ASP A CG  1 
ATOM   615  O OD1 . ASP A 1 98  ? -6.226  10.431  10.161  1.00 42.60 ? 77  ASP A OD1 1 
ATOM   616  O OD2 . ASP A 1 98  ? -7.561  11.878  9.184   1.00 47.04 ? 77  ASP A OD2 1 
ATOM   617  N N   . ARG A 1 99  ? -4.355  11.862  5.045   1.00 10.76 ? 78  ARG A N   1 
ATOM   618  C CA  . ARG A 1 99  ? -4.553  12.561  3.788   1.00 11.75 ? 78  ARG A CA  1 
ATOM   619  C C   . ARG A 1 99  ? -5.858  12.077  3.179   1.00 10.90 ? 78  ARG A C   1 
ATOM   620  O O   . ARG A 1 99  ? -6.178  10.888  3.250   1.00 13.70 ? 78  ARG A O   1 
ATOM   621  C CB  . ARG A 1 99  ? -3.430  12.251  2.802   1.00 11.09 ? 78  ARG A CB  1 
ATOM   622  C CG  . ARG A 1 99  ? -2.123  12.989  3.045   1.00 11.79 ? 78  ARG A CG  1 
ATOM   623  C CD  . ARG A 1 99  ? -1.044  12.477  2.104   1.00 12.20 ? 78  ARG A CD  1 
ATOM   624  N NE  . ARG A 1 99  ? -0.638  11.131  2.505   1.00 10.83 ? 78  ARG A NE  1 
ATOM   625  C CZ  . ARG A 1 99  ? -0.487  10.096  1.684   1.00 13.28 ? 78  ARG A CZ  1 
ATOM   626  N NH1 . ARG A 1 99  ? -0.678  10.220  0.376   1.00 12.05 ? 78  ARG A NH1 1 
ATOM   627  N NH2 . ARG A 1 99  ? -0.126  8.925   2.187   1.00 11.29 ? 78  ARG A NH2 1 
ATOM   628  N N   . LYS A 1 100 ? -6.605  12.999  2.583   1.00 11.10 ? 79  LYS A N   1 
ATOM   629  C CA  . LYS A 1 100 ? -7.782  12.642  1.797   1.00 8.32  ? 79  LYS A CA  1 
ATOM   630  C C   . LYS A 1 100 ? -7.341  12.629  0.346   1.00 9.41  ? 79  LYS A C   1 
ATOM   631  O O   . LYS A 1 100 ? -7.038  13.675  -0.229  1.00 12.70 ? 79  LYS A O   1 
ATOM   632  C CB  . LYS A 1 100 ? -8.891  13.685  1.981   1.00 14.23 ? 79  LYS A CB  1 
ATOM   633  C CG  . LYS A 1 100 ? -8.940  14.326  3.355   1.00 27.75 ? 79  LYS A CG  1 
ATOM   634  C CD  . LYS A 1 100 ? -9.216  13.324  4.465   1.00 28.89 ? 79  LYS A CD  1 
ATOM   635  C CE  . LYS A 1 100 ? -9.027  13.982  5.828   1.00 33.05 ? 79  LYS A CE  1 
ATOM   636  N NZ  . LYS A 1 100 ? -9.136  13.019  6.955   1.00 30.33 ? 79  LYS A NZ  1 
ATOM   637  N N   . VAL A 1 101 ? -7.293  11.436  -0.249  1.00 8.84  ? 80  VAL A N   1 
ATOM   638  C CA  . VAL A 1 101 ? -6.750  11.290  -1.594  1.00 9.25  ? 80  VAL A CA  1 
ATOM   639  C C   . VAL A 1 101 ? -7.753  10.656  -2.552  1.00 8.11  ? 80  VAL A C   1 
ATOM   640  O O   . VAL A 1 101 ? -8.693  10.002  -2.123  1.00 11.07 ? 80  VAL A O   1 
ATOM   641  C CB  . VAL A 1 101 ? -5.455  10.436  -1.591  1.00 7.54  ? 80  VAL A CB  1 
ATOM   642  C CG1 . VAL A 1 101 ? -4.424  11.022  -0.617  1.00 10.21 ? 80  VAL A CG1 1 
ATOM   643  C CG2 . VAL A 1 101 ? -5.761  8.988   -1.219  1.00 9.70  ? 80  VAL A CG2 1 
ATOM   644  N N   . LYS A 1 102 ? -7.541  10.880  -3.845  1.00 8.39  ? 81  LYS A N   1 
ATOM   645  C CA  . LYS A 1 102 ? -8.278  10.174  -4.886  1.00 8.41  ? 81  LYS A CA  1 
ATOM   646  C C   . LYS A 1 102 ? -7.386  9.046   -5.355  1.00 11.49 ? 81  LYS A C   1 
ATOM   647  O O   . LYS A 1 102 ? -6.268  9.299   -5.808  1.00 9.82  ? 81  LYS A O   1 
ATOM   648  C CB  . LYS A 1 102 ? -8.561  11.097  -6.063  1.00 11.78 ? 81  LYS A CB  1 
ATOM   649  C CG  . LYS A 1 102 ? -9.543  12.218  -5.770  1.00 19.53 ? 81  LYS A CG  1 
ATOM   650  C CD  . LYS A 1 102 ? -10.975 11.734  -5.815  1.00 27.32 ? 81  LYS A CD  1 
ATOM   651  C CE  . LYS A 1 102 ? -11.942 12.889  -5.605  1.00 28.61 ? 81  LYS A CE  1 
ATOM   652  N NZ  . LYS A 1 102 ? -13.250 12.399  -5.105  1.00 28.49 ? 81  LYS A NZ  1 
ATOM   653  N N   . SER A 1 103 ? -7.881  7.813   -5.254  1.00 8.71  ? 82  SER A N   1 
ATOM   654  C CA  . SER A 1 103 ? -7.087  6.625   -5.547  1.00 6.50  ? 82  SER A CA  1 
ATOM   655  C C   . SER A 1 103 ? -7.642  5.849   -6.730  1.00 7.62  ? 82  SER A C   1 
ATOM   656  O O   . SER A 1 103 ? -8.851  5.706   -6.880  1.00 8.49  ? 82  SER A O   1 
ATOM   657  C CB  . SER A 1 103 ? -7.052  5.707   -4.333  1.00 7.97  ? 82  SER A CB  1 
ATOM   658  O OG  . SER A 1 103 ? -6.204  6.231   -3.330  1.00 9.43  ? 82  SER A OG  1 
ATOM   659  N N   . THR A 1 104 ? -6.751  5.341   -7.570  1.00 8.32  ? 83  THR A N   1 
ATOM   660  C CA  . THR A 1 104 ? -7.138  4.411   -8.624  1.00 8.36  ? 83  THR A CA  1 
ATOM   661  C C   . THR A 1 104 ? -6.126  3.285   -8.619  1.00 8.65  ? 83  THR A C   1 
ATOM   662  O O   . THR A 1 104 ? -4.918  3.538   -8.584  1.00 8.98  ? 83  THR A O   1 
ATOM   663  C CB  . THR A 1 104 ? -7.128  5.072   -10.011 1.00 9.44  ? 83  THR A CB  1 
ATOM   664  O OG1 . THR A 1 104 ? -7.862  6.311   -9.974  1.00 13.09 ? 83  THR A OG1 1 
ATOM   665  C CG2 . THR A 1 104 ? -7.745  4.148   -11.043 1.00 10.57 ? 83  THR A CG2 1 
ATOM   666  N N   . ILE A 1 105 ? -6.608  2.044   -8.628  1.00 6.79  ? 84  ILE A N   1 
ATOM   667  C CA  . ILE A 1 105 ? -5.737  0.877   -8.609  1.00 6.59  ? 84  ILE A CA  1 
ATOM   668  C C   . ILE A 1 105 ? -6.038  0.041   -9.833  1.00 8.08  ? 84  ILE A C   1 
ATOM   669  O O   . ILE A 1 105 ? -7.198  -0.237  -10.138 1.00 9.09  ? 84  ILE A O   1 
ATOM   670  C CB  . ILE A 1 105 ? -5.925  0.049   -7.334  1.00 6.93  ? 84  ILE A CB  1 
ATOM   671  C CG1 . ILE A 1 105 ? -5.646  0.926   -6.112  1.00 6.34  ? 84  ILE A CG1 1 
ATOM   672  C CG2 . ILE A 1 105 ? -5.010  -1.148  -7.344  1.00 6.77  ? 84  ILE A CG2 1 
ATOM   673  C CD1 . ILE A 1 105 ? -5.811  0.218   -4.770  1.00 8.65  ? 84  ILE A CD1 1 
ATOM   674  N N   . THR A 1 106 ? -4.979  -0.295  -10.559 1.00 8.40  ? 85  THR A N   1 
ATOM   675  C CA  . THR A 1 106 ? -5.083  -1.076  -11.778 1.00 9.21  ? 85  THR A CA  1 
ATOM   676  C C   . THR A 1 106 ? -4.095  -2.232  -11.725 1.00 7.68  ? 85  THR A C   1 
ATOM   677  O O   . THR A 1 106 ? -3.193  -2.254  -10.894 1.00 8.59  ? 85  THR A O   1 
ATOM   678  C CB  . THR A 1 106 ? -4.785  -0.222  -13.026 1.00 12.22 ? 85  THR A CB  1 
ATOM   679  O OG1 . THR A 1 106 ? -3.488  0.381   -12.904 1.00 14.84 ? 85  THR A OG1 1 
ATOM   680  C CG2 . THR A 1 106 ? -5.837  0.872   -13.200 1.00 10.45 ? 85  THR A CG2 1 
ATOM   681  N N   . LEU A 1 107 ? -4.277  -3.197  -12.618 1.00 9.96  ? 86  LEU A N   1 
ATOM   682  C CA  . LEU A 1 107 ? -3.322  -4.275  -12.783 1.00 12.86 ? 86  LEU A CA  1 
ATOM   683  C C   . LEU A 1 107 ? -2.517  -4.024  -14.042 1.00 18.58 ? 86  LEU A C   1 
ATOM   684  O O   . LEU A 1 107 ? -3.085  -3.880  -15.126 1.00 26.21 ? 86  LEU A O   1 
ATOM   685  C CB  . LEU A 1 107 ? -4.040  -5.612  -12.908 1.00 17.19 ? 86  LEU A CB  1 
ATOM   686  C CG  . LEU A 1 107 ? -4.233  -6.453  -11.651 1.00 16.39 ? 86  LEU A CG  1 
ATOM   687  C CD1 . LEU A 1 107 ? -5.004  -7.718  -11.989 1.00 15.72 ? 86  LEU A CD1 1 
ATOM   688  C CD2 . LEU A 1 107 ? -2.886  -6.815  -11.029 1.00 14.35 ? 86  LEU A CD2 1 
ATOM   689  N N   . ASP A 1 108 ? -1.201  -3.960  -13.901 1.00 17.14 ? 87  ASP A N   1 
ATOM   690  C CA  . ASP A 1 108 ? -0.326  -3.763  -15.045 1.00 17.75 ? 87  ASP A CA  1 
ATOM   691  C C   . ASP A 1 108 ? 0.685   -4.894  -15.089 1.00 14.12 ? 87  ASP A C   1 
ATOM   692  O O   . ASP A 1 108 ? 1.610   -4.935  -14.280 1.00 16.75 ? 87  ASP A O   1 
ATOM   693  C CB  . ASP A 1 108 ? 0.399   -2.419  -14.949 1.00 22.86 ? 87  ASP A CB  1 
ATOM   694  C CG  . ASP A 1 108 ? 1.483   -2.261  -16.004 1.00 42.04 ? 87  ASP A CG  1 
ATOM   695  O OD1 . ASP A 1 108 ? 1.320   -2.806  -17.118 1.00 46.00 ? 87  ASP A OD1 1 
ATOM   696  O OD2 . ASP A 1 108 ? 2.499   -1.590  -15.721 1.00 46.24 ? 87  ASP A OD2 1 
ATOM   697  N N   . GLY A 1 109 ? 0.506   -5.809  -16.034 1.00 15.44 ? 88  GLY A N   1 
ATOM   698  C CA  . GLY A 1 109 ? 1.412   -6.936  -16.162 1.00 14.82 ? 88  GLY A CA  1 
ATOM   699  C C   . GLY A 1 109 ? 1.660   -7.666  -14.854 1.00 16.33 ? 88  GLY A C   1 
ATOM   700  O O   . GLY A 1 109 ? 2.806   -7.916  -14.494 1.00 20.40 ? 88  GLY A O   1 
ATOM   701  N N   . GLY A 1 110 ? 0.587   -7.979  -14.133 1.00 17.51 ? 89  GLY A N   1 
ATOM   702  C CA  . GLY A 1 110 ? 0.699   -8.739  -12.898 1.00 12.47 ? 89  GLY A CA  1 
ATOM   703  C C   . GLY A 1 110 ? 0.996   -7.917  -11.648 1.00 15.06 ? 89  GLY A C   1 
ATOM   704  O O   . GLY A 1 110 ? 1.058   -8.455  -10.539 1.00 19.25 ? 89  GLY A O   1 
ATOM   705  N N   . VAL A 1 111 ? 1.187   -6.616  -11.822 1.00 12.31 ? 90  VAL A N   1 
ATOM   706  C CA  . VAL A 1 111 ? 1.524   -5.726  -10.710 1.00 8.26  ? 90  VAL A CA  1 
ATOM   707  C C   . VAL A 1 111 ? 0.324   -4.861  -10.350 1.00 9.62  ? 90  VAL A C   1 
ATOM   708  O O   . VAL A 1 111 ? -0.277  -4.255  -11.227 1.00 11.12 ? 90  VAL A O   1 
ATOM   709  C CB  . VAL A 1 111 ? 2.700   -4.808  -11.090 1.00 8.24  ? 90  VAL A CB  1 
ATOM   710  C CG1 . VAL A 1 111 ? 3.018   -3.828  -9.961  1.00 10.27 ? 90  VAL A CG1 1 
ATOM   711  C CG2 . VAL A 1 111 ? 3.927   -5.659  -11.448 1.00 11.84 ? 90  VAL A CG2 1 
ATOM   712  N N   . LEU A 1 112 ? -0.046  -4.813  -9.071  1.00 7.70  ? 91  LEU A N   1 
ATOM   713  C CA  . LEU A 1 112 ? -1.091  -3.884  -8.644  1.00 7.65  ? 91  LEU A CA  1 
ATOM   714  C C   . LEU A 1 112 ? -0.499  -2.492  -8.509  1.00 8.32  ? 91  LEU A C   1 
ATOM   715  O O   . LEU A 1 112 ? 0.409   -2.281  -7.710  1.00 9.49  ? 91  LEU A O   1 
ATOM   716  C CB  . LEU A 1 112 ? -1.709  -4.309  -7.312  1.00 11.72 ? 91  LEU A CB  1 
ATOM   717  C CG  . LEU A 1 112 ? -2.747  -5.421  -7.345  1.00 11.41 ? 91  LEU A CG  1 
ATOM   718  C CD1 . LEU A 1 112 ? -3.057  -5.878  -5.927  1.00 13.22 ? 91  LEU A CD1 1 
ATOM   719  C CD2 . LEU A 1 112 ? -4.007  -4.920  -8.045  1.00 10.28 ? 91  LEU A CD2 1 
ATOM   720  N N   . VAL A 1 113 ? -1.001  -1.552  -9.301  1.00 6.92  ? 92  VAL A N   1 
ATOM   721  C CA  . VAL A 1 113 ? -0.481  -0.189  -9.299  1.00 8.78  ? 92  VAL A CA  1 
ATOM   722  C C   . VAL A 1 113 ? -1.525  0.762   -8.719  1.00 6.63  ? 92  VAL A C   1 
ATOM   723  O O   . VAL A 1 113 ? -2.613  0.914   -9.267  1.00 8.84  ? 92  VAL A O   1 
ATOM   724  C CB  . VAL A 1 113 ? -0.091  0.261   -10.727 1.00 7.30  ? 92  VAL A CB  1 
ATOM   725  C CG1 . VAL A 1 113 ? 0.490   1.654   -10.723 1.00 10.11 ? 92  VAL A CG1 1 
ATOM   726  C CG2 . VAL A 1 113 ? 0.894   -0.732  -11.340 1.00 11.93 ? 92  VAL A CG2 1 
ATOM   727  N N   . HIS A 1 114 ? -1.170  1.392   -7.604  1.00 6.25  ? 93  HIS A N   1 
ATOM   728  C CA  . HIS A 1 114 ? -2.080  2.226   -6.819  1.00 6.59  ? 93  HIS A CA  1 
ATOM   729  C C   . HIS A 1 114 ? -1.572  3.660   -6.876  1.00 7.91  ? 93  HIS A C   1 
ATOM   730  O O   . HIS A 1 114 ? -0.503  3.961   -6.358  1.00 7.91  ? 93  HIS A O   1 
ATOM   731  C CB  . HIS A 1 114 ? -2.075  1.687   -5.378  1.00 6.88  ? 93  HIS A CB  1 
ATOM   732  C CG  . HIS A 1 114 ? -2.946  2.437   -4.412  1.00 7.80  ? 93  HIS A CG  1 
ATOM   733  N ND1 . HIS A 1 114 ? -3.051  2.065   -3.090  1.00 11.11 ? 93  HIS A ND1 1 
ATOM   734  C CD2 . HIS A 1 114 ? -3.749  3.517   -4.570  1.00 9.78  ? 93  HIS A CD2 1 
ATOM   735  C CE1 . HIS A 1 114 ? -3.884  2.887   -2.472  1.00 8.70  ? 93  HIS A CE1 1 
ATOM   736  N NE2 . HIS A 1 114 ? -4.312  3.781   -3.341  1.00 10.72 ? 93  HIS A NE2 1 
ATOM   737  N N   . VAL A 1 115 ? -2.326  4.534   -7.529  1.00 7.06  ? 94  VAL A N   1 
ATOM   738  C CA  . VAL A 1 115 ? -1.973  5.937   -7.591  1.00 5.98  ? 94  VAL A CA  1 
ATOM   739  C C   . VAL A 1 115 ? -2.872  6.747   -6.660  1.00 8.98  ? 94  VAL A C   1 
ATOM   740  O O   . VAL A 1 115 ? -4.097  6.604   -6.697  1.00 10.02 ? 94  VAL A O   1 
ATOM   741  C CB  . VAL A 1 115 ? -2.081  6.475   -9.033  1.00 8.88  ? 94  VAL A CB  1 
ATOM   742  C CG1 . VAL A 1 115 ? -1.671  7.943   -9.083  1.00 15.47 ? 94  VAL A CG1 1 
ATOM   743  C CG2 . VAL A 1 115 ? -1.222  5.634   -9.982  1.00 11.27 ? 94  VAL A CG2 1 
ATOM   744  N N   . GLN A 1 116 ? -2.259  7.568   -5.813  1.00 7.24  ? 95  GLN A N   1 
ATOM   745  C CA  . GLN A 1 116 ? -2.994  8.467   -4.917  1.00 8.13  ? 95  GLN A CA  1 
ATOM   746  C C   . GLN A 1 116 ? -2.726  9.910   -5.322  1.00 8.81  ? 95  GLN A C   1 
ATOM   747  O O   . GLN A 1 116 ? -1.574  10.295  -5.496  1.00 10.98 ? 95  GLN A O   1 
ATOM   748  C CB  . GLN A 1 116 ? -2.565  8.275   -3.463  1.00 7.48  ? 95  GLN A CB  1 
ATOM   749  C CG  . GLN A 1 116 ? -2.852  6.909   -2.853  1.00 8.42  ? 95  GLN A CG  1 
ATOM   750  C CD  . GLN A 1 116 ? -2.275  6.781   -1.446  1.00 7.40  ? 95  GLN A CD  1 
ATOM   751  O OE1 . GLN A 1 116 ? -1.311  7.476   -1.094  1.00 9.30  ? 95  GLN A OE1 1 
ATOM   752  N NE2 . GLN A 1 116 ? -2.856  5.900   -0.636  1.00 10.05 ? 95  GLN A NE2 1 
ATOM   753  N N   . LYS A 1 117 ? -3.787  10.701  -5.454  1.00 11.18 ? 96  LYS A N   1 
ATOM   754  C CA  . LYS A 1 117 ? -3.671  12.099  -5.849  1.00 13.53 ? 96  LYS A CA  1 
ATOM   755  C C   . LYS A 1 117 ? -4.304  12.977  -4.781  1.00 11.96 ? 96  LYS A C   1 
ATOM   756  O O   . LYS A 1 117 ? -5.419  12.715  -4.342  1.00 10.79 ? 96  LYS A O   1 
ATOM   757  C CB  . LYS A 1 117 ? -4.405  12.352  -7.167  1.00 16.32 ? 96  LYS A CB  1 
ATOM   758  C CG  . LYS A 1 117 ? -4.026  11.447  -8.319  1.00 21.12 ? 96  LYS A CG  1 
ATOM   759  C CD  . LYS A 1 117 ? -2.802  11.961  -9.045  1.00 29.06 ? 96  LYS A CD  1 
ATOM   760  C CE  . LYS A 1 117 ? -2.558  11.172  -10.321 1.00 36.27 ? 96  LYS A CE  1 
ATOM   761  N NZ  . LYS A 1 117 ? -1.262  11.531  -10.963 1.00 39.91 ? 96  LYS A NZ  1 
ATOM   762  N N   . TRP A 1 118 ? -3.596  14.019  -4.364  1.00 11.71 ? 97  TRP A N   1 
ATOM   763  C CA  . TRP A 1 118 ? -4.164  14.980  -3.435  1.00 13.09 ? 97  TRP A CA  1 
ATOM   764  C C   . TRP A 1 118 ? -3.368  16.264  -3.536  1.00 14.35 ? 97  TRP A C   1 
ATOM   765  O O   . TRP A 1 118 ? -2.161  16.225  -3.736  1.00 15.33 ? 97  TRP A O   1 
ATOM   766  C CB  . TRP A 1 118 ? -4.125  14.444  -2.002  1.00 15.41 ? 97  TRP A CB  1 
ATOM   767  C CG  . TRP A 1 118 ? -2.768  14.522  -1.369  1.00 11.27 ? 97  TRP A CG  1 
ATOM   768  C CD1 . TRP A 1 118 ? -2.365  15.396  -0.401  1.00 12.04 ? 97  TRP A CD1 1 
ATOM   769  C CD2 . TRP A 1 118 ? -1.631  13.699  -1.665  1.00 11.95 ? 97  TRP A CD2 1 
ATOM   770  N NE1 . TRP A 1 118 ? -1.057  15.163  -0.072  1.00 13.75 ? 97  TRP A NE1 1 
ATOM   771  C CE2 . TRP A 1 118 ? -0.579  14.134  -0.840  1.00 13.45 ? 97  TRP A CE2 1 
ATOM   772  C CE3 . TRP A 1 118 ? -1.400  12.645  -2.555  1.00 11.81 ? 97  TRP A CE3 1 
ATOM   773  C CZ2 . TRP A 1 118 ? 0.683   13.547  -0.870  1.00 12.72 ? 97  TRP A CZ2 1 
ATOM   774  C CZ3 . TRP A 1 118 ? -0.148  12.060  -2.580  1.00 12.09 ? 97  TRP A CZ3 1 
ATOM   775  C CH2 . TRP A 1 118 ? 0.878   12.512  -1.746  1.00 11.57 ? 97  TRP A CH2 1 
ATOM   776  N N   . ASP A 1 119 ? -4.058  17.396  -3.442  1.00 16.83 ? 98  ASP A N   1 
ATOM   777  C CA  . ASP A 1 119 ? -3.400  18.698  -3.352  1.00 20.67 ? 98  ASP A CA  1 
ATOM   778  C C   . ASP A 1 119 ? -2.339  18.926  -4.432  1.00 16.63 ? 98  ASP A C   1 
ATOM   779  O O   . ASP A 1 119 ? -1.269  19.470  -4.154  1.00 22.19 ? 98  ASP A O   1 
ATOM   780  C CB  . ASP A 1 119 ? -2.780  18.862  -1.965  1.00 22.11 ? 98  ASP A CB  1 
ATOM   781  C CG  . ASP A 1 119 ? -2.623  20.314  -1.564  1.00 42.65 ? 98  ASP A CG  1 
ATOM   782  O OD1 . ASP A 1 119 ? -3.275  21.179  -2.185  1.00 47.36 ? 98  ASP A OD1 1 
ATOM   783  O OD2 . ASP A 1 119 ? -1.852  20.587  -0.620  1.00 48.64 ? 98  ASP A OD2 1 
ATOM   784  N N   . GLY A 1 120 ? -2.629  18.496  -5.654  1.00 16.47 ? 99  GLY A N   1 
ATOM   785  C CA  . GLY A 1 120 ? -1.703  18.664  -6.756  1.00 17.89 ? 99  GLY A CA  1 
ATOM   786  C C   . GLY A 1 120 ? -0.486  17.759  -6.687  1.00 21.45 ? 99  GLY A C   1 
ATOM   787  O O   . GLY A 1 120 ? 0.458   17.929  -7.458  1.00 26.40 ? 99  GLY A O   1 
ATOM   788  N N   . LYS A 1 121 ? -0.511  16.793  -5.770  1.00 18.35 ? 100 LYS A N   1 
ATOM   789  C CA  . LYS A 1 121 ? 0.588   15.845  -5.608  1.00 16.10 ? 100 LYS A CA  1 
ATOM   790  C C   . LYS A 1 121 ? 0.123   14.450  -5.986  1.00 11.95 ? 100 LYS A C   1 
ATOM   791  O O   . LYS A 1 121 ? -1.077  14.193  -6.080  1.00 14.26 ? 100 LYS A O   1 
ATOM   792  C CB  . LYS A 1 121 ? 1.071   15.823  -4.159  1.00 13.20 ? 100 LYS A CB  1 
ATOM   793  C CG  . LYS A 1 121 ? 1.521   17.171  -3.625  1.00 19.44 ? 100 LYS A CG  1 
ATOM   794  C CD  . LYS A 1 121 ? 1.632   17.126  -2.114  1.00 21.90 ? 100 LYS A CD  1 
ATOM   795  C CE  . LYS A 1 121 ? 1.872   18.507  -1.531  1.00 28.45 ? 100 LYS A CE  1 
ATOM   796  N NZ  . LYS A 1 121 ? 1.986   18.459  -0.046  1.00 39.60 ? 100 LYS A NZ  1 
ATOM   797  N N   . SER A 1 122 ? 1.082   13.550  -6.174  1.00 12.57 ? 101 SER A N   1 
ATOM   798  C CA  . SER A 1 122 ? 0.772   12.180  -6.553  1.00 13.70 ? 101 SER A CA  1 
ATOM   799  C C   . SER A 1 122 ? 1.834   11.238  -6.011  1.00 10.99 ? 101 SER A C   1 
ATOM   800  O O   . SER A 1 122 ? 3.023   11.561  -6.009  1.00 13.44 ? 101 SER A O   1 
ATOM   801  C CB  . SER A 1 122 ? 0.722   12.055  -8.073  1.00 13.65 ? 101 SER A CB  1 
ATOM   802  O OG  . SER A 1 122 ? 0.419   10.736  -8.473  1.00 20.74 ? 101 SER A OG  1 
ATOM   803  N N   . THR A 1 123 ? 1.401   10.071  -5.540  1.00 7.87  ? 102 THR A N   1 
ATOM   804  C CA  . THR A 1 123 ? 2.326   9.014   -5.154  1.00 9.03  ? 102 THR A CA  1 
ATOM   805  C C   . THR A 1 123 ? 1.829   7.690   -5.725  1.00 8.15  ? 102 THR A C   1 
ATOM   806  O O   . THR A 1 123 ? 0.628   7.502   -5.932  1.00 7.91  ? 102 THR A O   1 
ATOM   807  C CB  . THR A 1 123 ? 2.519   8.937   -3.619  1.00 11.14 ? 102 THR A CB  1 
ATOM   808  O OG1 . THR A 1 123 ? 3.551   7.994   -3.299  1.00 10.82 ? 102 THR A OG1 1 
ATOM   809  C CG2 . THR A 1 123 ? 1.238   8.529   -2.921  1.00 9.72  ? 102 THR A CG2 1 
ATOM   810  N N   . THR A 1 124 ? 2.757   6.787   -6.013  1.00 8.22  ? 103 THR A N   1 
ATOM   811  C CA  . THR A 1 124 ? 2.412   5.495   -6.590  1.00 7.61  ? 103 THR A CA  1 
ATOM   812  C C   . THR A 1 124 ? 2.935   4.390   -5.692  1.00 9.05  ? 103 THR A C   1 
ATOM   813  O O   . THR A 1 124 ? 4.084   4.411   -5.267  1.00 9.44  ? 103 THR A O   1 
ATOM   814  C CB  . THR A 1 124 ? 2.954   5.334   -8.027  1.00 10.91 ? 103 THR A CB  1 
ATOM   815  O OG1 . THR A 1 124 ? 2.395   6.357   -8.860  1.00 14.23 ? 103 THR A OG1 1 
ATOM   816  C CG2 . THR A 1 124 ? 2.560   3.987   -8.603  1.00 12.99 ? 103 THR A CG2 1 
ATOM   817  N N   . ILE A 1 125 ? 2.056   3.443   -5.384  1.00 6.60  ? 104 ILE A N   1 
ATOM   818  C CA  . ILE A 1 125 ? 2.385   2.284   -4.579  1.00 6.26  ? 104 ILE A CA  1 
ATOM   819  C C   . ILE A 1 125 ? 2.185   1.053   -5.455  1.00 7.13  ? 104 ILE A C   1 
ATOM   820  O O   . ILE A 1 125 ? 1.090   0.805   -5.959  1.00 8.09  ? 104 ILE A O   1 
ATOM   821  C CB  . ILE A 1 125 ? 1.454   2.207   -3.340  1.00 7.94  ? 104 ILE A CB  1 
ATOM   822  C CG1 . ILE A 1 125 ? 1.540   3.496   -2.525  1.00 8.22  ? 104 ILE A CG1 1 
ATOM   823  C CG2 . ILE A 1 125 ? 1.791   1.007   -2.478  1.00 8.40  ? 104 ILE A CG2 1 
ATOM   824  C CD1 . ILE A 1 125 ? 0.209   3.925   -1.948  1.00 16.38 ? 104 ILE A CD1 1 
ATOM   825  N N   . LYS A 1 126 ? 3.256   0.301   -5.673  1.00 7.50  ? 105 LYS A N   1 
ATOM   826  C CA  . LYS A 1 126 ? 3.166   -0.919  -6.461  1.00 8.61  ? 105 LYS A CA  1 
ATOM   827  C C   . LYS A 1 126 ? 3.292   -2.122  -5.556  1.00 8.00  ? 105 LYS A C   1 
ATOM   828  O O   . LYS A 1 126 ? 4.116   -2.140  -4.646  1.00 8.99  ? 105 LYS A O   1 
ATOM   829  C CB  . LYS A 1 126 ? 4.247   -0.949  -7.540  1.00 8.39  ? 105 LYS A CB  1 
ATOM   830  C CG  . LYS A 1 126 ? 4.071   0.144   -8.575  1.00 13.13 ? 105 LYS A CG  1 
ATOM   831  C CD  . LYS A 1 126 ? 5.057   0.013   -9.727  1.00 20.47 ? 105 LYS A CD  1 
ATOM   832  C CE  . LYS A 1 126 ? 4.919   1.190   -10.687 1.00 27.12 ? 105 LYS A CE  1 
ATOM   833  N NZ  . LYS A 1 126 ? 5.932   1.153   -11.777 1.00 39.71 ? 105 LYS A NZ  1 
ATOM   834  N N   . ARG A 1 127 ? 2.437   -3.111  -5.786  1.00 7.36  ? 106 ARG A N   1 
ATOM   835  C CA  . ARG A 1 127 ? 2.470   -4.357  -5.030  1.00 6.56  ? 106 ARG A CA  1 
ATOM   836  C C   . ARG A 1 127 ? 2.709   -5.486  -6.020  1.00 8.91  ? 106 ARG A C   1 
ATOM   837  O O   . ARG A 1 127 ? 1.993   -5.609  -7.008  1.00 9.09  ? 106 ARG A O   1 
ATOM   838  C CB  . ARG A 1 127 ? 1.152   -4.552  -4.264  1.00 9.42  ? 106 ARG A CB  1 
ATOM   839  C CG  . ARG A 1 127 ? 0.940   -3.540  -3.124  1.00 9.84  ? 106 ARG A CG  1 
ATOM   840  C CD  . ARG A 1 127 ? -0.474  -3.603  -2.517  1.00 13.55 ? 106 ARG A CD  1 
ATOM   841  N NE  . ARG A 1 127 ? -0.684  -2.616  -1.447  1.00 15.43 ? 106 ARG A NE  1 
ATOM   842  C CZ  . ARG A 1 127 ? -1.204  -1.406  -1.623  1.00 12.97 ? 106 ARG A CZ  1 
ATOM   843  N NH1 . ARG A 1 127 ? -1.575  -0.999  -2.825  1.00 14.84 ? 106 ARG A NH1 1 
ATOM   844  N NH2 . ARG A 1 127 ? -1.358  -0.589  -0.588  1.00 19.52 ? 106 ARG A NH2 1 
ATOM   845  N N   . LYS A 1 128 ? 3.746   -6.279  -5.782  1.00 10.65 ? 107 LYS A N   1 
ATOM   846  C CA  . LYS A 1 128 ? 4.071   -7.353  -6.706  1.00 12.60 ? 107 LYS A CA  1 
ATOM   847  C C   . LYS A 1 128 ? 4.468   -8.624  -5.980  1.00 9.76  ? 107 LYS A C   1 
ATOM   848  O O   . LYS A 1 128 ? 5.004   -8.588  -4.873  1.00 12.57 ? 107 LYS A O   1 
ATOM   849  C CB  . LYS A 1 128 ? 5.192   -6.925  -7.648  1.00 23.61 ? 107 LYS A CB  1 
ATOM   850  C CG  . LYS A 1 128 ? 6.441   -6.461  -6.941  1.00 29.02 ? 107 LYS A CG  1 
ATOM   851  C CD  . LYS A 1 128 ? 7.507   -6.019  -7.936  1.00 41.91 ? 107 LYS A CD  1 
ATOM   852  C CE  . LYS A 1 128 ? 6.935   -5.102  -9.010  1.00 39.18 ? 107 LYS A CE  1 
ATOM   853  N NZ  . LYS A 1 128 ? 7.088   -3.660  -8.683  1.00 39.66 ? 107 LYS A NZ  1 
ATOM   854  N N   . ARG A 1 129 ? 4.201   -9.754  -6.618  1.00 10.64 ? 108 ARG A N   1 
ATOM   855  C CA  . ARG A 1 129 ? 4.654   -11.031 -6.103  1.00 11.49 ? 108 ARG A CA  1 
ATOM   856  C C   . ARG A 1 129 ? 6.035   -11.366 -6.658  1.00 12.43 ? 108 ARG A C   1 
ATOM   857  O O   . ARG A 1 129 ? 6.258   -11.357 -7.871  1.00 17.80 ? 108 ARG A O   1 
ATOM   858  C CB  . ARG A 1 129 ? 3.648   -12.130 -6.449  1.00 14.34 ? 108 ARG A CB  1 
ATOM   859  C CG  . ARG A 1 129 ? 2.381   -12.112 -5.604  1.00 13.96 ? 108 ARG A CG  1 
ATOM   860  C CD  . ARG A 1 129 ? 2.657   -12.551 -4.162  1.00 16.10 ? 108 ARG A CD  1 
ATOM   861  N NE  . ARG A 1 129 ? 3.581   -13.690 -4.084  1.00 22.57 ? 108 ARG A NE  1 
ATOM   862  C CZ  . ARG A 1 129 ? 3.221   -14.967 -4.184  1.00 22.67 ? 108 ARG A CZ  1 
ATOM   863  N NH1 . ARG A 1 129 ? 1.952   -15.293 -4.373  1.00 24.97 ? 108 ARG A NH1 1 
ATOM   864  N NH2 . ARG A 1 129 ? 4.130   -15.926 -4.102  1.00 27.06 ? 108 ARG A NH2 1 
ATOM   865  N N   . GLU A 1 130 ? 6.963   -11.648 -5.755  1.00 12.00 ? 109 GLU A N   1 
ATOM   866  C CA  . GLU A 1 130 ? 8.318   -12.020 -6.133  1.00 14.38 ? 109 GLU A CA  1 
ATOM   867  C C   . GLU A 1 130 ? 8.694   -13.214 -5.292  1.00 9.97  ? 109 GLU A C   1 
ATOM   868  O O   . GLU A 1 130 ? 8.752   -13.099 -4.074  1.00 12.85 ? 109 GLU A O   1 
ATOM   869  C CB  . GLU A 1 130 ? 9.291   -10.890 -5.820  1.00 17.62 ? 109 GLU A CB  1 
ATOM   870  C CG  . GLU A 1 130 ? 8.991   -9.578  -6.522  1.00 30.64 ? 109 GLU A CG  1 
ATOM   871  C CD  . GLU A 1 130 ? 9.886   -9.344  -7.721  1.00 42.71 ? 109 GLU A CD  1 
ATOM   872  O OE1 . GLU A 1 130 ? 9.842   -8.229  -8.284  1.00 50.79 ? 109 GLU A OE1 1 
ATOM   873  O OE2 . GLU A 1 130 ? 10.633  -10.273 -8.097  1.00 52.66 ? 109 GLU A OE2 1 
ATOM   874  N N   . ASP A 1 131 ? 8.975   -14.349 -5.932  1.00 11.93 ? 110 ASP A N   1 
ATOM   875  C CA  . ASP A 1 131 ? 9.168   -15.604 -5.213  1.00 12.93 ? 110 ASP A CA  1 
ATOM   876  C C   . ASP A 1 131 ? 7.992   -15.806 -4.255  1.00 10.63 ? 110 ASP A C   1 
ATOM   877  O O   . ASP A 1 131 ? 6.842   -15.688 -4.665  1.00 12.12 ? 110 ASP A O   1 
ATOM   878  C CB  . ASP A 1 131 ? 10.525  -15.634 -4.493  1.00 11.98 ? 110 ASP A CB  1 
ATOM   879  C CG  . ASP A 1 131 ? 11.695  -15.539 -5.453  1.00 19.71 ? 110 ASP A CG  1 
ATOM   880  O OD1 . ASP A 1 131 ? 11.581  -16.066 -6.581  1.00 20.90 ? 110 ASP A OD1 1 
ATOM   881  O OD2 . ASP A 1 131 ? 12.725  -14.934 -5.086  1.00 26.50 ? 110 ASP A OD2 1 
ATOM   882  N N   . ASP A 1 132 ? 8.271   -16.070 -2.983  1.00 11.11 ? 111 ASP A N   1 
ATOM   883  C CA  . ASP A 1 132 ? 7.205   -16.288 -2.012  1.00 12.97 ? 111 ASP A CA  1 
ATOM   884  C C   . ASP A 1 132 ? 6.817   -15.017 -1.277  1.00 12.37 ? 111 ASP A C   1 
ATOM   885  O O   . ASP A 1 132 ? 6.027   -15.055 -0.336  1.00 15.66 ? 111 ASP A O   1 
ATOM   886  C CB  . ASP A 1 132 ? 7.616   -17.359 -0.999  1.00 12.55 ? 111 ASP A CB  1 
ATOM   887  C CG  . ASP A 1 132 ? 7.598   -18.749 -1.589  1.00 12.10 ? 111 ASP A CG  1 
ATOM   888  O OD1 . ASP A 1 132 ? 6.681   -19.054 -2.380  1.00 12.73 ? 111 ASP A OD1 1 
ATOM   889  O OD2 . ASP A 1 132 ? 8.510   -19.527 -1.248  1.00 14.01 ? 111 ASP A OD2 1 
ATOM   890  N N   . LYS A 1 133 ? 7.359   -13.891 -1.719  1.00 9.72  ? 112 LYS A N   1 
ATOM   891  C CA  . LYS A 1 133 ? 7.139   -12.616 -1.038  1.00 9.27  ? 112 LYS A CA  1 
ATOM   892  C C   . LYS A 1 133 ? 6.175   -11.699 -1.766  1.00 11.27 ? 112 LYS A C   1 
ATOM   893  O O   . LYS A 1 133 ? 5.891   -11.866 -2.953  1.00 9.42  ? 112 LYS A O   1 
ATOM   894  C CB  . LYS A 1 133 ? 8.471   -11.901 -0.843  1.00 10.95 ? 112 LYS A CB  1 
ATOM   895  C CG  . LYS A 1 133 ? 9.476   -12.714 -0.027  1.00 16.76 ? 112 LYS A CG  1 
ATOM   896  C CD  . LYS A 1 133 ? 10.895  -12.186 -0.171  1.00 21.43 ? 112 LYS A CD  1 
ATOM   897  C CE  . LYS A 1 133 ? 11.871  -13.036 0.639   1.00 35.39 ? 112 LYS A CE  1 
ATOM   898  N NZ  . LYS A 1 133 ? 13.262  -12.498 0.605   1.00 42.81 ? 112 LYS A NZ  1 
ATOM   899  N N   . LEU A 1 134 ? 5.646   -10.742 -1.018  1.00 10.33 ? 113 LEU A N   1 
ATOM   900  C CA  . LEU A 1 134 ? 4.888   -9.661  -1.611  1.00 8.18  ? 113 LEU A CA  1 
ATOM   901  C C   . LEU A 1 134 ? 5.749   -8.426  -1.411  1.00 7.79  ? 113 LEU A C   1 
ATOM   902  O O   . LEU A 1 134 ? 6.145   -8.112  -0.285  1.00 11.25 ? 113 LEU A O   1 
ATOM   903  C CB  . LEU A 1 134 ? 3.517   -9.512  -0.940  1.00 11.76 ? 113 LEU A CB  1 
ATOM   904  C CG  . LEU A 1 134 ? 2.488   -8.651  -1.695  1.00 17.22 ? 113 LEU A CG  1 
ATOM   905  C CD1 . LEU A 1 134 ? 1.069   -9.002  -1.271  1.00 17.09 ? 113 LEU A CD1 1 
ATOM   906  C CD2 . LEU A 1 134 ? 2.754   -7.172  -1.501  1.00 22.84 ? 113 LEU A CD2 1 
ATOM   907  N N   . VAL A 1 135 ? 6.080   -7.752  -2.506  1.00 9.29  ? 114 VAL A N   1 
ATOM   908  C CA  . VAL A 1 135 ? 6.980   -6.608  -2.439  1.00 9.16  ? 114 VAL A CA  1 
ATOM   909  C C   . VAL A 1 135 ? 6.192   -5.338  -2.724  1.00 9.21  ? 114 VAL A C   1 
ATOM   910  O O   . VAL A 1 135 ? 5.425   -5.284  -3.687  1.00 11.42 ? 114 VAL A O   1 
ATOM   911  C CB  . VAL A 1 135 ? 8.130   -6.744  -3.442  1.00 12.65 ? 114 VAL A CB  1 
ATOM   912  C CG1 . VAL A 1 135 ? 9.053   -5.544  -3.355  1.00 15.38 ? 114 VAL A CG1 1 
ATOM   913  C CG2 . VAL A 1 135 ? 8.898   -8.041  -3.186  1.00 12.36 ? 114 VAL A CG2 1 
ATOM   914  N N   . VAL A 1 136 ? 6.362   -4.332  -1.870  1.00 9.35  ? 115 VAL A N   1 
ATOM   915  C CA  . VAL A 1 136 ? 5.639   -3.072  -2.006  1.00 7.57  ? 115 VAL A CA  1 
ATOM   916  C C   . VAL A 1 136 ? 6.652   -1.972  -2.270  1.00 8.23  ? 115 VAL A C   1 
ATOM   917  O O   . VAL A 1 136 ? 7.552   -1.758  -1.467  1.00 10.22 ? 115 VAL A O   1 
ATOM   918  C CB  . VAL A 1 136 ? 4.846   -2.751  -0.729  1.00 8.33  ? 115 VAL A CB  1 
ATOM   919  C CG1 . VAL A 1 136 ? 4.064   -1.462  -0.889  1.00 9.86  ? 115 VAL A CG1 1 
ATOM   920  C CG2 . VAL A 1 136 ? 3.896   -3.896  -0.390  1.00 12.05 ? 115 VAL A CG2 1 
ATOM   921  N N   . GLU A 1 137 ? 6.512   -1.300  -3.407  1.00 8.80  ? 116 GLU A N   1 
ATOM   922  C CA  . GLU A 1 137 ? 7.384   -0.193  -3.779  1.00 8.50  ? 116 GLU A CA  1 
ATOM   923  C C   . GLU A 1 137 ? 6.586   1.097   -3.720  1.00 8.37  ? 116 GLU A C   1 
ATOM   924  O O   . GLU A 1 137 ? 5.597   1.242   -4.428  1.00 9.13  ? 116 GLU A O   1 
ATOM   925  C CB  . GLU A 1 137 ? 7.896   -0.409  -5.202  1.00 13.95 ? 116 GLU A CB  1 
ATOM   926  C CG  . GLU A 1 137 ? 8.853   0.660   -5.690  1.00 22.22 ? 116 GLU A CG  1 
ATOM   927  C CD  . GLU A 1 137 ? 9.083   0.610   -7.190  1.00 45.22 ? 116 GLU A CD  1 
ATOM   928  O OE1 . GLU A 1 137 ? 8.109   0.802   -7.954  1.00 34.18 ? 116 GLU A OE1 1 
ATOM   929  O OE2 . GLU A 1 137 ? 10.239  0.380   -7.605  1.00 46.10 ? 116 GLU A OE2 1 
ATOM   930  N N   . CYS A 1 138 ? 7.008   2.020   -2.858  1.00 8.59  ? 117 CYS A N   1 
ATOM   931  C CA  . CYS A 1 138 ? 6.295   3.270   -2.630  1.00 9.80  ? 117 CYS A CA  1 
ATOM   932  C C   . CYS A 1 138 ? 7.158   4.376   -3.222  1.00 10.66 ? 117 CYS A C   1 
ATOM   933  O O   . CYS A 1 138 ? 8.312   4.533   -2.836  1.00 12.29 ? 117 CYS A O   1 
ATOM   934  C CB  . CYS A 1 138 ? 6.112   3.516   -1.126  1.00 10.05 ? 117 CYS A CB  1 
ATOM   935  S SG  . CYS A 1 138 ? 5.439   2.096   -0.212  1.00 16.72 ? 117 CYS A SG  1 
ATOM   936  N N   . VAL A 1 139 ? 6.598   5.130   -4.163  1.00 9.80  ? 118 VAL A N   1 
ATOM   937  C CA  . VAL A 1 139 ? 7.351   6.150   -4.877  1.00 10.62 ? 118 VAL A CA  1 
ATOM   938  C C   . VAL A 1 139 ? 6.696   7.527   -4.764  1.00 11.17 ? 118 VAL A C   1 
ATOM   939  O O   . VAL A 1 139 ? 5.507   7.699   -5.034  1.00 10.43 ? 118 VAL A O   1 
ATOM   940  C CB  . VAL A 1 139 ? 7.536   5.783   -6.367  1.00 13.30 ? 118 VAL A CB  1 
ATOM   941  C CG1 . VAL A 1 139 ? 8.201   6.920   -7.116  1.00 18.64 ? 118 VAL A CG1 1 
ATOM   942  C CG2 . VAL A 1 139 ? 8.338   4.501   -6.519  1.00 20.44 ? 118 VAL A CG2 1 
ATOM   943  N N   . MET A 1 140 ? 7.479   8.506   -4.333  1.00 12.61 ? 119 MET A N   1 
ATOM   944  C CA  . MET A 1 140 ? 7.044   9.893   -4.292  1.00 14.51 ? 119 MET A CA  1 
ATOM   945  C C   . MET A 1 140 ? 8.174   10.666  -4.950  1.00 18.64 ? 119 MET A C   1 
ATOM   946  O O   . MET A 1 140 ? 9.269   10.783  -4.386  1.00 16.45 ? 119 MET A O   1 
ATOM   947  C CB  . MET A 1 140 ? 6.826   10.350  -2.851  1.00 14.30 ? 119 MET A CB  1 
ATOM   948  C CG  . MET A 1 140 ? 6.429   11.809  -2.697  1.00 17.37 ? 119 MET A CG  1 
ATOM   949  S SD  . MET A 1 140 ? 4.770   12.086  -3.297  1.00 18.47 ? 119 MET A SD  1 
ATOM   950  C CE  . MET A 1 140 ? 4.621   13.862  -3.155  1.00 15.90 ? 119 MET A CE  1 
ATOM   951  N N   . LYS A 1 141 ? 7.908   11.131  -6.169  1.00 22.27 ? 120 LYS A N   1 
ATOM   952  C CA  . LYS A 1 141 ? 8.897   11.808  -6.995  1.00 23.20 ? 120 LYS A CA  1 
ATOM   953  C C   . LYS A 1 141 ? 10.136  10.933  -7.177  1.00 18.89 ? 120 LYS A C   1 
ATOM   954  O O   . LYS A 1 141 ? 10.058  9.851   -7.772  1.00 24.74 ? 120 LYS A O   1 
ATOM   955  C CB  . LYS A 1 141 ? 9.226   13.181  -6.401  1.00 20.73 ? 120 LYS A CB  1 
ATOM   956  C CG  . LYS A 1 141 ? 7.987   14.060  -6.227  1.00 24.88 ? 120 LYS A CG  1 
ATOM   957  C CD  . LYS A 1 141 ? 8.205   15.166  -5.211  1.00 32.51 ? 120 LYS A CD  1 
ATOM   958  C CE  . LYS A 1 141 ? 9.184   16.202  -5.721  1.00 40.62 ? 120 LYS A CE  1 
ATOM   959  N NZ  . LYS A 1 141 ? 9.406   17.281  -4.718  1.00 46.20 ? 120 LYS A NZ  1 
ATOM   960  N N   . GLY A 1 142 ? 11.269  11.373  -6.648  1.00 23.09 ? 121 GLY A N   1 
ATOM   961  C CA  . GLY A 1 142 ? 12.500  10.631  -6.818  1.00 19.70 ? 121 GLY A CA  1 
ATOM   962  C C   . GLY A 1 142 ? 12.820  9.681   -5.680  1.00 14.11 ? 121 GLY A C   1 
ATOM   963  O O   . GLY A 1 142 ? 13.853  9.027   -5.703  1.00 15.81 ? 121 GLY A O   1 
ATOM   964  N N   . VAL A 1 143 ? 11.933  9.602   -4.689  1.00 13.43 ? 122 VAL A N   1 
ATOM   965  C CA  . VAL A 1 143 ? 12.187  8.788   -3.501  1.00 12.69 ? 122 VAL A CA  1 
ATOM   966  C C   . VAL A 1 143 ? 11.375  7.504   -3.509  1.00 14.50 ? 122 VAL A C   1 
ATOM   967  O O   . VAL A 1 143 ? 10.152  7.544   -3.629  1.00 15.77 ? 122 VAL A O   1 
ATOM   968  C CB  . VAL A 1 143 ? 11.863  9.570   -2.217  1.00 14.11 ? 122 VAL A CB  1 
ATOM   969  C CG1 . VAL A 1 143 ? 12.039  8.691   -0.989  1.00 14.35 ? 122 VAL A CG1 1 
ATOM   970  C CG2 . VAL A 1 143 ? 12.726  10.823  -2.131  1.00 14.06 ? 122 VAL A CG2 1 
ATOM   971  N N   . THR A 1 144 ? 12.064  6.374   -3.367  1.00 12.12 ? 123 THR A N   1 
ATOM   972  C CA  . THR A 1 144 ? 11.431  5.060   -3.389  1.00 10.72 ? 123 THR A CA  1 
ATOM   973  C C   . THR A 1 144 ? 11.686  4.321   -2.087  1.00 13.68 ? 123 THR A C   1 
ATOM   974  O O   . THR A 1 144 ? 12.821  4.252   -1.608  1.00 18.49 ? 123 THR A O   1 
ATOM   975  C CB  . THR A 1 144 ? 11.958  4.205   -4.551  1.00 14.89 ? 123 THR A CB  1 
ATOM   976  O OG1 . THR A 1 144 ? 11.646  4.844   -5.794  1.00 21.37 ? 123 THR A OG1 1 
ATOM   977  C CG2 . THR A 1 144 ? 11.325  2.819   -4.525  1.00 17.89 ? 123 THR A CG2 1 
ATOM   978  N N   . SER A 1 145 ? 10.630  3.765   -1.509  1.00 10.37 ? 124 SER A N   1 
ATOM   979  C CA  . SER A 1 145 ? 10.764  2.898   -0.352  1.00 9.55  ? 124 SER A CA  1 
ATOM   980  C C   . SER A 1 145 ? 10.339  1.499   -0.748  1.00 10.24 ? 124 SER A C   1 
ATOM   981  O O   . SER A 1 145 ? 9.358   1.332   -1.467  1.00 10.36 ? 124 SER A O   1 
ATOM   982  C CB  . SER A 1 145 ? 9.889   3.412   0.788   1.00 10.13 ? 124 SER A CB  1 
ATOM   983  O OG  . SER A 1 145 ? 9.826   2.485   1.853   1.00 10.89 ? 124 SER A OG  1 
ATOM   984  N N   . THR A 1 146 ? 11.082  0.497   -0.289  1.00 9.06  ? 125 THR A N   1 
ATOM   985  C CA  . THR A 1 146 ? 10.762  -0.885  -0.595  1.00 9.79  ? 125 THR A CA  1 
ATOM   986  C C   . THR A 1 146 ? 10.419  -1.610  0.691   1.00 9.16  ? 125 THR A C   1 
ATOM   987  O O   . THR A 1 146 ? 11.203  -1.613  1.638   1.00 10.61 ? 125 THR A O   1 
ATOM   988  C CB  . THR A 1 146 ? 11.953  -1.580  -1.286  1.00 11.10 ? 125 THR A CB  1 
ATOM   989  O OG1 . THR A 1 146 ? 12.235  -0.906  -2.520  1.00 17.55 ? 125 THR A OG1 1 
ATOM   990  C CG2 . THR A 1 146 ? 11.645  -3.040  -1.560  1.00 13.08 ? 125 THR A CG2 1 
ATOM   991  N N   . ARG A 1 147 ? 9.244   -2.225  0.719   1.00 9.05  ? 126 ARG A N   1 
ATOM   992  C CA  . ARG A 1 147 ? 8.792   -2.964  1.883   1.00 7.81  ? 126 ARG A CA  1 
ATOM   993  C C   . ARG A 1 147 ? 8.487   -4.389  1.455   1.00 7.55  ? 126 ARG A C   1 
ATOM   994  O O   . ARG A 1 147 ? 7.826   -4.600  0.432   1.00 11.03 ? 126 ARG A O   1 
ATOM   995  C CB  . ARG A 1 147 ? 7.578   -2.273  2.504   1.00 8.80  ? 126 ARG A CB  1 
ATOM   996  C CG  . ARG A 1 147 ? 8.020   -1.024  3.275   1.00 10.21 ? 126 ARG A CG  1 
ATOM   997  C CD  . ARG A 1 147 ? 6.940   0.026   3.423   1.00 10.75 ? 126 ARG A CD  1 
ATOM   998  N NE  . ARG A 1 147 ? 5.887   -0.318  4.377   1.00 11.04 ? 126 ARG A NE  1 
ATOM   999  C CZ  . ARG A 1 147 ? 5.989   -0.196  5.700   1.00 11.43 ? 126 ARG A CZ  1 
ATOM   1000 N NH1 . ARG A 1 147 ? 7.130   0.185   6.256   1.00 10.71 ? 126 ARG A NH1 1 
ATOM   1001 N NH2 . ARG A 1 147 ? 4.946   -0.497  6.467   1.00 14.17 ? 126 ARG A NH2 1 
ATOM   1002 N N   . VAL A 1 148 ? 8.993   -5.365  2.208   1.00 8.34  ? 127 VAL A N   1 
ATOM   1003 C CA  . VAL A 1 148 ? 8.863   -6.768  1.833   1.00 8.92  ? 127 VAL A CA  1 
ATOM   1004 C C   . VAL A 1 148 ? 8.032   -7.496  2.869   1.00 7.41  ? 127 VAL A C   1 
ATOM   1005 O O   . VAL A 1 148 ? 8.252   -7.327  4.076   1.00 9.21  ? 127 VAL A O   1 
ATOM   1006 C CB  . VAL A 1 148 ? 10.245  -7.435  1.705   1.00 9.23  ? 127 VAL A CB  1 
ATOM   1007 C CG1 . VAL A 1 148 ? 10.104  -8.905  1.339   1.00 11.02 ? 127 VAL A CG1 1 
ATOM   1008 C CG2 . VAL A 1 148 ? 11.080  -6.713  0.669   1.00 13.44 ? 127 VAL A CG2 1 
ATOM   1009 N N   . TYR A 1 149 ? 7.055   -8.270  2.396   1.00 7.90  ? 128 TYR A N   1 
ATOM   1010 C CA  . TYR A 1 149 ? 6.184   -9.049  3.264   1.00 8.37  ? 128 TYR A CA  1 
ATOM   1011 C C   . TYR A 1 149 ? 6.296   -10.527 2.947   1.00 12.07 ? 128 TYR A C   1 
ATOM   1012 O O   . TYR A 1 149 ? 6.496   -10.907 1.796   1.00 9.93  ? 128 TYR A O   1 
ATOM   1013 C CB  . TYR A 1 149 ? 4.724   -8.658  3.043   1.00 8.54  ? 128 TYR A CB  1 
ATOM   1014 C CG  . TYR A 1 149 ? 4.339   -7.272  3.497   1.00 8.98  ? 128 TYR A CG  1 
ATOM   1015 C CD1 . TYR A 1 149 ? 4.740   -6.147  2.786   1.00 8.94  ? 128 TYR A CD1 1 
ATOM   1016 C CD2 . TYR A 1 149 ? 3.543   -7.091  4.622   1.00 10.21 ? 128 TYR A CD2 1 
ATOM   1017 C CE1 . TYR A 1 149 ? 4.370   -4.874  3.195   1.00 9.66  ? 128 TYR A CE1 1 
ATOM   1018 C CE2 . TYR A 1 149 ? 3.157   -5.836  5.027   1.00 11.53 ? 128 TYR A CE2 1 
ATOM   1019 C CZ  . TYR A 1 149 ? 3.584   -4.732  4.322   1.00 12.03 ? 128 TYR A CZ  1 
ATOM   1020 O OH  . TYR A 1 149 ? 3.196   -3.485  4.741   1.00 17.42 ? 128 TYR A OH  1 
ATOM   1021 N N   . GLU A 1 150 ? 6.141   -11.353 3.972   1.00 11.39 ? 129 GLU A N   1 
ATOM   1022 C CA  . GLU A 1 150 ? 6.077   -12.794 3.787   1.00 13.61 ? 129 GLU A CA  1 
ATOM   1023 C C   . GLU A 1 150 ? 4.736   -13.306 4.283   1.00 11.82 ? 129 GLU A C   1 
ATOM   1024 O O   . GLU A 1 150 ? 4.039   -12.618 5.009   1.00 11.53 ? 129 GLU A O   1 
ATOM   1025 C CB  . GLU A 1 150 ? 7.216   -13.480 4.539   1.00 18.32 ? 129 GLU A CB  1 
ATOM   1026 C CG  . GLU A 1 150 ? 8.557   -13.332 3.853   1.00 23.97 ? 129 GLU A CG  1 
ATOM   1027 C CD  . GLU A 1 150 ? 9.695   -13.882 4.682   1.00 32.83 ? 129 GLU A CD  1 
ATOM   1028 O OE1 . GLU A 1 150 ? 9.418   -14.475 5.748   1.00 30.86 ? 129 GLU A OE1 1 
ATOM   1029 O OE2 . GLU A 1 150 ? 10.863  -13.714 4.268   1.00 40.24 ? 129 GLU A OE2 1 
ATOM   1030 N N   . ARG A 1 151 ? 4.379   -14.523 3.893   1.00 11.96 ? 130 ARG A N   1 
ATOM   1031 C CA  . ARG A 1 151 ? 3.140   -15.128 4.363   1.00 12.03 ? 130 ARG A CA  1 
ATOM   1032 C C   . ARG A 1 151 ? 3.133   -15.257 5.878   1.00 15.03 ? 130 ARG A C   1 
ATOM   1033 O O   . ARG A 1 151 ? 4.128   -15.673 6.480   1.00 18.87 ? 130 ARG A O   1 
ATOM   1034 C CB  . ARG A 1 151 ? 2.978   -16.508 3.748   1.00 14.69 ? 130 ARG A CB  1 
ATOM   1035 C CG  . ARG A 1 151 ? 2.883   -16.500 2.257   1.00 16.18 ? 130 ARG A CG  1 
ATOM   1036 C CD  . ARG A 1 151 ? 1.444   -16.376 1.840   1.00 23.90 ? 130 ARG A CD  1 
ATOM   1037 N NE  . ARG A 1 151 ? 1.283   -16.483 0.397   1.00 21.49 ? 130 ARG A NE  1 
ATOM   1038 C CZ  . ARG A 1 151 ? 0.132   -16.279 -0.229  1.00 18.05 ? 130 ARG A CZ  1 
ATOM   1039 N NH1 . ARG A 1 151 ? -0.946  -15.964 0.470   1.00 17.44 ? 130 ARG A NH1 1 
ATOM   1040 N NH2 . ARG A 1 151 ? 0.063   -16.385 -1.549  1.00 19.46 ? 130 ARG A NH2 1 
ATOM   1041 N N   . ALA A 1 152 ? 2.013   -14.909 6.496   1.00 16.21 ? 131 ALA A N   1 
ATOM   1042 C CA  . ALA A 1 152 ? 1.916   -14.945 7.951   1.00 21.50 ? 131 ALA A CA  1 
ATOM   1043 C C   . ALA A 1 152 ? 1.712   -16.367 8.457   1.00 27.92 ? 131 ALA A C   1 
ATOM   1044 O O   . ALA A 1 152 ? 1.313   -17.250 7.697   1.00 33.22 ? 131 ALA A O   1 
ATOM   1045 C CB  . ALA A 1 152 ? 0.794   -14.046 8.427   1.00 23.81 ? 131 ALA A CB  1 
HETATM 1046 O OAI A 75D B 2 .   ? 2.070   -0.478  5.790   0.50 18.00 ? 201 75D A OAI 1 
HETATM 1047 O OAI B 75D B 2 .   ? 2.133   -0.509  5.667   0.50 17.96 ? 201 75D A OAI 1 
HETATM 1048 S SAS A 75D B 2 .   ? 1.152   0.232   4.846   0.50 15.35 ? 201 75D A SAS 1 
HETATM 1049 S SAS B 75D B 2 .   ? 1.035   0.199   4.939   0.50 15.10 ? 201 75D A SAS 1 
HETATM 1050 O OAG A 75D B 2 .   ? -0.225  -0.054  5.265   0.50 16.73 ? 201 75D A OAG 1 
HETATM 1051 O OAG B 75D B 2 .   ? -0.222  -0.089  5.638   0.50 17.07 ? 201 75D A OAG 1 
HETATM 1052 O OAH A 75D B 2 .   ? 1.374   -0.324  3.486   0.50 16.08 ? 201 75D A OAH 1 
HETATM 1053 O OAH B 75D B 2 .   ? 0.920   -0.376  3.574   0.50 17.17 ? 201 75D A OAH 1 
HETATM 1054 C CAO A 75D B 2 .   ? 1.333   2.034   4.906   0.50 14.21 ? 201 75D A CAO 1 
HETATM 1055 C CAO B 75D B 2 .   ? 1.260   2.000   4.957   0.50 14.22 ? 201 75D A CAO 1 
HETATM 1056 C CAM A 75D B 2 .   ? 1.292   2.672   6.190   0.50 13.40 ? 201 75D A CAM 1 
HETATM 1057 C CAM B 75D B 2 .   ? 1.259   2.654   6.234   0.50 13.41 ? 201 75D A CAM 1 
HETATM 1058 C CAQ A 75D B 2 .   ? 1.144   1.900   7.513   0.50 14.60 ? 201 75D A CAQ 1 
HETATM 1059 C CAQ B 75D B 2 .   ? 1.110   1.902   7.569   0.50 14.60 ? 201 75D A CAQ 1 
HETATM 1060 C CAD A 75D B 2 .   ? 2.364   2.013   8.402   0.50 13.07 ? 201 75D A CAD 1 
HETATM 1061 C CAD B 75D B 2 .   ? 2.344   2.006   8.442   0.50 13.08 ? 201 75D A CAD 1 
HETATM 1062 C CAC A 75D B 2 .   ? -0.177  2.168   8.225   0.50 17.06 ? 201 75D A CAC 1 
HETATM 1063 C CAC B 75D B 2 .   ? -0.196  2.199   8.294   0.50 17.07 ? 201 75D A CAC 1 
HETATM 1064 C CAJ A 75D B 2 .   ? 1.402   4.032   6.303   0.50 12.68 ? 201 75D A CAJ 1 
HETATM 1065 C CAJ B 75D B 2 .   ? 1.408   4.012   6.332   0.50 12.68 ? 201 75D A CAJ 1 
HETATM 1066 C CAL A 75D B 2 .   ? 1.541   4.833   5.168   0.50 12.44 ? 201 75D A CAL 1 
HETATM 1067 C CAL B 75D B 2 .   ? 1.555   4.796   5.188   0.50 12.44 ? 201 75D A CAL 1 
HETATM 1068 C CAP A 75D B 2 .   ? 1.656   6.368   5.302   0.50 13.73 ? 201 75D A CAP 1 
HETATM 1069 C CAP B 75D B 2 .   ? 1.714   6.329   5.300   0.50 13.75 ? 201 75D A CAP 1 
HETATM 1070 C CAB A 75D B 2 .   ? 2.377   7.046   4.112   0.50 14.45 ? 201 75D A CAB 1 
HETATM 1071 C CAB B 75D B 2 .   ? 2.508   6.960   4.130   0.50 14.49 ? 201 75D A CAB 1 
HETATM 1072 C CAA A 75D B 2 .   ? 2.133   6.827   6.658   0.50 15.64 ? 201 75D A CAA 1 
HETATM 1073 C CAA B 75D B 2 .   ? 2.149   6.797   6.668   0.50 15.65 ? 201 75D A CAA 1 
HETATM 1074 C CAK A 75D B 2 .   ? 1.572   4.226   3.883   0.50 14.18 ? 201 75D A CAK 1 
HETATM 1075 C CAK B 75D B 2 .   ? 1.554   4.174   3.910   0.50 14.19 ? 201 75D A CAK 1 
HETATM 1076 C CAN A 75D B 2 .   ? 1.467   2.868   3.742   0.50 13.74 ? 201 75D A CAN 1 
HETATM 1077 C CAN B 75D B 2 .   ? 1.407   2.820   3.783   0.50 13.78 ? 201 75D A CAN 1 
HETATM 1078 C CAR A 75D B 2 .   ? 1.515   2.375   2.291   0.50 16.92 ? 201 75D A CAR 1 
HETATM 1079 C CAR B 75D B 2 .   ? 1.430   2.327   2.333   0.50 16.96 ? 201 75D A CAR 1 
HETATM 1080 C CAF A 75D B 2 .   ? 0.134   2.326   1.644   0.50 16.22 ? 201 75D A CAF 1 
HETATM 1081 C CAF B 75D B 2 .   ? 0.092   1.981   1.682   0.50 16.69 ? 201 75D A CAF 1 
HETATM 1082 C CAE A 75D B 2 .   ? 2.535   3.156   1.429   0.50 9.13  ? 201 75D A CAE 1 
HETATM 1083 C CAE B 75D B 2 .   ? 2.672   1.530   1.887   0.50 14.51 ? 201 75D A CAE 1 
HETATM 1084 O O   . HOH C 3 .   ? -0.563  -1.420  -5.187  1.00 8.96  ? 301 HOH A O   1 
HETATM 1085 O O   . HOH C 3 .   ? -9.450  1.454   -8.310  1.00 7.93  ? 302 HOH A O   1 
HETATM 1086 O O   . HOH C 3 .   ? 0.856   6.705   0.606   1.00 10.67 ? 303 HOH A O   1 
HETATM 1087 O O   . HOH C 3 .   ? -13.426 1.289   -6.850  1.00 8.24  ? 304 HOH A O   1 
HETATM 1088 O O   . HOH C 3 .   ? 4.571   2.313   16.376  1.00 9.37  ? 305 HOH A O   1 
HETATM 1089 O O   . HOH C 3 .   ? -14.145 1.640   -4.142  1.00 11.50 ? 306 HOH A O   1 
HETATM 1090 O O   . HOH C 3 .   ? 6.064   0.611   9.015   1.00 12.18 ? 307 HOH A O   1 
HETATM 1091 O O   . HOH C 3 .   ? 4.861   -0.436  16.020  1.00 11.38 ? 308 HOH A O   1 
HETATM 1092 O O   . HOH C 3 .   ? -5.544  -0.587  3.666   1.00 14.77 ? 309 HOH A O   1 
HETATM 1093 O O   . HOH C 3 .   ? -13.383 -7.817  -1.399  1.00 13.52 ? 310 HOH A O   1 
HETATM 1094 O O   . HOH C 3 .   ? -11.328 5.569   -12.653 1.00 12.85 ? 311 HOH A O   1 
HETATM 1095 O O   . HOH C 3 .   ? -8.933  -8.228  3.165   1.00 14.58 ? 312 HOH A O   1 
HETATM 1096 O O   . HOH C 3 .   ? -10.090 -13.842 -1.440  1.00 14.21 ? 313 HOH A O   1 
HETATM 1097 O O   . HOH C 3 .   ? -11.687 -5.457  -10.039 1.00 14.59 ? 314 HOH A O   1 
HETATM 1098 O O   . HOH C 3 .   ? 12.360  1.970   6.254   1.00 15.62 ? 315 HOH A O   1 
HETATM 1099 O O   . HOH C 3 .   ? 0.372   -3.450  5.364   1.00 16.71 ? 316 HOH A O   1 
HETATM 1100 O O   . HOH C 3 .   ? -15.948 1.473   -8.106  1.00 15.77 ? 317 HOH A O   1 
HETATM 1101 O O   . HOH C 3 .   ? -3.209  2.842   0.871   1.00 18.11 ? 318 HOH A O   1 
HETATM 1102 O O   . HOH C 3 .   ? 12.940  -3.861  2.143   1.00 18.55 ? 319 HOH A O   1 
HETATM 1103 O O   . HOH C 3 .   ? -14.077 -1.958  2.641   1.00 21.77 ? 320 HOH A O   1 
HETATM 1104 O O   . HOH C 3 .   ? 12.723  -18.737 -6.029  1.00 19.92 ? 321 HOH A O   1 
HETATM 1105 O O   . HOH C 3 .   ? -2.834  4.367   4.268   1.00 18.15 ? 322 HOH A O   1 
HETATM 1106 O O   . HOH C 3 .   ? -6.534  8.490   -8.722  1.00 19.72 ? 323 HOH A O   1 
HETATM 1107 O O   . HOH C 3 .   ? 3.970   14.663  -6.581  1.00 21.77 ? 324 HOH A O   1 
HETATM 1108 O O   . HOH C 3 .   ? 1.010   16.071  1.840   1.00 22.60 ? 325 HOH A O   1 
HETATM 1109 O O   . HOH C 3 .   ? -5.780  3.912   3.559   1.00 21.36 ? 326 HOH A O   1 
HETATM 1110 O O   . HOH C 3 .   ? 16.222  2.650   5.372   1.00 20.46 ? 327 HOH A O   1 
HETATM 1111 O O   . HOH C 3 .   ? 10.392  5.241   13.279  1.00 20.34 ? 328 HOH A O   1 
HETATM 1112 O O   . HOH C 3 .   ? -1.446  -16.100 3.351   1.00 19.42 ? 329 HOH A O   1 
HETATM 1113 O O   . HOH C 3 .   ? -3.358  2.689   -11.411 1.00 17.85 ? 330 HOH A O   1 
HETATM 1114 O O   . HOH C 3 .   ? 13.248  4.761   7.231   1.00 20.41 ? 331 HOH A O   1 
HETATM 1115 O O   . HOH C 3 .   ? 14.295  6.855   5.224   1.00 22.08 ? 332 HOH A O   1 
HETATM 1116 O O   . HOH C 3 .   ? 6.325   -15.841 2.280   1.00 21.92 ? 333 HOH A O   1 
HETATM 1117 O O   . HOH C 3 .   ? 12.703  12.620  1.676   1.00 22.73 ? 334 HOH A O   1 
HETATM 1118 O O   . HOH C 3 .   ? 10.751  -16.051 -1.246  1.00 18.84 ? 335 HOH A O   1 
HETATM 1119 O O   . HOH C 3 .   ? -13.257 -9.681  0.476   1.00 21.00 ? 336 HOH A O   1 
HETATM 1120 O O   . HOH C 3 .   ? -2.458  -16.339 -2.747  1.00 20.36 ? 337 HOH A O   1 
HETATM 1121 O O   . HOH C 3 .   ? -1.564  5.163   1.808   1.00 14.02 ? 338 HOH A O   1 
HETATM 1122 O O   . HOH C 3 .   ? -8.014  -5.265  -15.028 1.00 25.79 ? 339 HOH A O   1 
HETATM 1123 O O   . HOH C 3 .   ? 12.808  11.593  10.509  1.00 21.74 ? 340 HOH A O   1 
HETATM 1124 O O   . HOH C 3 .   ? -2.419  1.688   5.105   1.00 17.24 ? 341 HOH A O   1 
HETATM 1125 O O   . HOH C 3 .   ? -6.579  -3.027  -14.372 1.00 16.73 ? 342 HOH A O   1 
HETATM 1126 O O   . HOH C 3 .   ? 3.120   -9.781  -9.307  1.00 23.14 ? 343 HOH A O   1 
HETATM 1127 O O   . HOH C 3 .   ? -10.662 5.357   3.185   1.00 19.34 ? 344 HOH A O   1 
HETATM 1128 O O   . HOH C 3 .   ? 2.653   14.125  12.892  1.00 21.06 ? 345 HOH A O   1 
HETATM 1129 O O   . HOH C 3 .   ? 3.635   -16.861 -0.951  1.00 21.50 ? 346 HOH A O   1 
HETATM 1130 O O   . HOH C 3 .   ? -6.845  17.330  -2.867  1.00 26.55 ? 347 HOH A O   1 
HETATM 1131 O O   . HOH C 3 .   ? 3.575   -1.455  3.104   1.00 17.22 ? 348 HOH A O   1 
HETATM 1132 O O   . HOH C 3 .   ? 12.248  13.519  -5.266  1.00 29.46 ? 349 HOH A O   1 
HETATM 1133 O O   . HOH C 3 .   ? -18.279 -8.222  -7.718  1.00 20.12 ? 350 HOH A O   1 
HETATM 1134 O O   . HOH C 3 .   ? 1.061   14.222  8.752   1.00 23.28 ? 351 HOH A O   1 
HETATM 1135 O O   . HOH C 3 .   ? -7.060  2.486   13.525  1.00 23.42 ? 352 HOH A O   1 
HETATM 1136 O O   . HOH C 3 .   ? -15.816 4.817   -6.195  1.00 15.61 ? 353 HOH A O   1 
HETATM 1137 O O   . HOH C 3 .   ? -2.201  9.453   11.480  1.00 28.77 ? 354 HOH A O   1 
HETATM 1138 O O   . HOH C 3 .   ? -15.339 5.338   -9.791  1.00 22.76 ? 355 HOH A O   1 
HETATM 1139 O O   . HOH C 3 .   ? 17.457  11.458  2.242   1.00 26.99 ? 356 HOH A O   1 
HETATM 1140 O O   . HOH C 3 .   ? 4.259   -18.277 -3.143  1.00 21.40 ? 357 HOH A O   1 
HETATM 1141 O O   . HOH C 3 .   ? 10.281  -3.288  13.963  1.00 40.77 ? 358 HOH A O   1 
HETATM 1142 O O   . HOH C 3 .   ? -10.891 12.079  -1.335  1.00 25.08 ? 359 HOH A O   1 
HETATM 1143 O O   . HOH C 3 .   ? -9.353  2.789   6.557   1.00 20.54 ? 360 HOH A O   1 
HETATM 1144 O O   . HOH C 3 .   ? 10.604  -17.199 -8.968  1.00 19.50 ? 361 HOH A O   1 
HETATM 1145 O O   . HOH C 3 .   ? 0.247   3.825   18.147  1.00 23.73 ? 362 HOH A O   1 
HETATM 1146 O O   . HOH C 3 .   ? 9.275   0.906   8.509   1.00 25.68 ? 363 HOH A O   1 
HETATM 1147 O O   . HOH C 3 .   ? -3.295  0.567   2.704   1.00 19.97 ? 364 HOH A O   1 
HETATM 1148 O O   . HOH C 3 .   ? -15.130 9.621   -9.704  1.00 30.76 ? 365 HOH A O   1 
HETATM 1149 O O   . HOH C 3 .   ? 10.257  6.716   10.384  1.00 25.90 ? 366 HOH A O   1 
HETATM 1150 O O   . HOH C 3 .   ? -1.282  -1.336  2.303   1.00 19.94 ? 367 HOH A O   1 
HETATM 1151 O O   . HOH C 3 .   ? 10.637  -2.516  9.855   1.00 33.48 ? 368 HOH A O   1 
HETATM 1152 O O   . HOH C 3 .   ? 0.224   13.613  6.198   1.00 17.81 ? 369 HOH A O   1 
HETATM 1153 O O   . HOH C 3 .   ? -1.685  4.735   17.022  1.00 31.09 ? 370 HOH A O   1 
HETATM 1154 O O   . HOH C 3 .   ? -4.132  -4.152  15.012  1.00 28.73 ? 371 HOH A O   1 
HETATM 1155 O O   . HOH C 3 .   ? -2.564  1.144   18.930  1.00 20.53 ? 372 HOH A O   1 
HETATM 1156 O O   . HOH C 3 .   ? -7.002  14.900  -5.846  1.00 30.48 ? 373 HOH A O   1 
HETATM 1157 O O   . HOH C 3 .   ? 13.994  1.398   -1.151  1.00 27.32 ? 374 HOH A O   1 
HETATM 1158 O O   . HOH C 3 .   ? 7.117   15.963  6.083   1.00 23.11 ? 375 HOH A O   1 
HETATM 1159 O O   . HOH C 3 .   ? 0.304   -6.589  12.906  1.00 29.19 ? 376 HOH A O   1 
HETATM 1160 O O   . HOH C 3 .   ? 19.038  3.902   2.385   1.00 28.11 ? 377 HOH A O   1 
HETATM 1161 O O   . HOH C 3 .   ? 4.009   -10.246 -13.999 1.00 25.04 ? 378 HOH A O   1 
HETATM 1162 O O   . HOH C 3 .   ? -0.420  12.737  10.102  1.00 30.19 ? 379 HOH A O   1 
HETATM 1163 O O   . HOH C 3 .   ? -15.615 -11.698 1.213   1.00 23.50 ? 380 HOH A O   1 
HETATM 1164 O O   . HOH C 3 .   ? 5.804   2.656   -7.461  1.00 22.36 ? 381 HOH A O   1 
HETATM 1165 O O   . HOH C 3 .   ? 2.601   9.177   -8.585  1.00 24.17 ? 382 HOH A O   1 
HETATM 1166 O O   . HOH C 3 .   ? 18.285  1.602   1.469   1.00 28.65 ? 383 HOH A O   1 
HETATM 1167 O O   . HOH C 3 .   ? 6.037   17.691  11.692  1.00 21.83 ? 384 HOH A O   1 
HETATM 1168 O O   . HOH C 3 .   ? -5.494  15.806  2.656   1.00 24.59 ? 385 HOH A O   1 
HETATM 1169 O O   . HOH C 3 .   ? 6.024   -8.927  11.051  1.00 29.90 ? 386 HOH A O   1 
HETATM 1170 O O   . HOH C 3 .   ? 13.740  -3.691  7.839   1.00 25.11 ? 387 HOH A O   1 
HETATM 1171 O O   . HOH C 3 .   ? -17.228 -10.822 -10.999 1.00 31.54 ? 388 HOH A O   1 
HETATM 1172 O O   . HOH C 3 .   ? -8.924  3.567   4.287   1.00 26.28 ? 389 HOH A O   1 
HETATM 1173 O O   . HOH C 3 .   ? -19.112 -6.000  -9.043  1.00 31.84 ? 390 HOH A O   1 
HETATM 1174 O O   . HOH C 3 .   ? 1.671   9.795   16.123  1.00 30.77 ? 391 HOH A O   1 
HETATM 1175 O O   . HOH C 3 .   ? 2.264   6.299   -11.696 1.00 31.01 ? 392 HOH A O   1 
HETATM 1176 O O   . HOH C 3 .   ? 11.789  1.829   12.849  1.00 27.27 ? 393 HOH A O   1 
HETATM 1177 O O   . HOH C 3 .   ? 5.189   -6.779  -14.751 1.00 33.22 ? 394 HOH A O   1 
HETATM 1178 O O   . HOH C 3 .   ? 6.414   -3.473  -6.203  1.00 25.01 ? 395 HOH A O   1 
HETATM 1179 O O   . HOH C 3 .   ? -9.192  7.254   -12.101 1.00 25.06 ? 396 HOH A O   1 
HETATM 1180 O O   . HOH C 3 .   ? -13.250 -13.200 -8.066  1.00 27.32 ? 397 HOH A O   1 
HETATM 1181 O O   . HOH C 3 .   ? 13.977  -8.870  2.736   1.00 32.58 ? 398 HOH A O   1 
HETATM 1182 O O   . HOH C 3 .   ? -0.340  -17.276 5.437   1.00 27.36 ? 399 HOH A O   1 
HETATM 1183 O O   . HOH C 3 .   ? -15.222 -14.463 -5.150  1.00 26.08 ? 400 HOH A O   1 
HETATM 1184 O O   . HOH C 3 .   ? 1.293   11.632  17.556  1.00 34.55 ? 401 HOH A O   1 
HETATM 1185 O O   . HOH C 3 .   ? 10.486  -16.690 1.328   1.00 33.25 ? 402 HOH A O   1 
HETATM 1186 O O   . HOH C 3 .   ? 0.150   15.657  4.594   1.00 30.82 ? 403 HOH A O   1 
HETATM 1187 O O   . HOH C 3 .   ? 12.898  -14.960 -2.021  1.00 30.19 ? 404 HOH A O   1 
HETATM 1188 O O   . HOH C 3 .   ? -8.033  14.529  -2.928  1.00 27.50 ? 405 HOH A O   1 
HETATM 1189 O O   . HOH C 3 .   ? -4.158  -2.832  -16.836 1.00 30.00 ? 406 HOH A O   1 
HETATM 1190 O O   . HOH C 3 .   ? -10.208 -9.799  5.026   1.00 36.41 ? 407 HOH A O   1 
HETATM 1191 O O   . HOH C 3 .   ? -12.393 -3.898  -13.309 1.00 25.98 ? 408 HOH A O   1 
HETATM 1192 O O   . HOH C 3 .   ? -1.329  -0.692  9.760   1.00 16.17 ? 409 HOH A O   1 
HETATM 1193 O O   . HOH C 3 .   ? -8.198  -3.255  9.224   1.00 29.11 ? 410 HOH A O   1 
HETATM 1194 O O   . HOH C 3 .   ? 6.280   7.369   -10.072 1.00 33.15 ? 411 HOH A O   1 
HETATM 1195 O O   . HOH C 3 .   ? 2.895   -2.421  14.542  1.00 14.35 ? 412 HOH A O   1 
HETATM 1196 O O   . HOH C 3 .   ? 5.463   10.982  -7.287  1.00 26.44 ? 413 HOH A O   1 
HETATM 1197 O O   . HOH C 3 .   ? 8.889   -1.184  10.205  1.00 28.13 ? 414 HOH A O   1 
HETATM 1198 O O   . HOH C 3 .   ? 9.870   -7.842  10.995  1.00 47.54 ? 415 HOH A O   1 
HETATM 1199 O O   . HOH C 3 .   ? -13.529 -12.812 0.997   1.00 31.11 ? 416 HOH A O   1 
HETATM 1200 O O   . HOH C 3 .   ? -14.159 -7.172  2.333   1.00 28.84 ? 417 HOH A O   1 
HETATM 1201 O O   . HOH C 3 .   ? -1.811  -5.876  -18.000 1.00 31.50 ? 418 HOH A O   1 
HETATM 1202 O O   . HOH C 3 .   ? -5.554  -1.182  -16.634 1.00 29.60 ? 419 HOH A O   1 
# 
